data_9E26
#
_entry.id   9E26
#
loop_
_entity.id
_entity.type
_entity.pdbx_description
1 polymer CpaF
2 non-polymer 'MAGNESIUM ION'
3 non-polymer "ADENOSINE-5'-TRIPHOSPHATE"
4 non-polymer "ADENOSINE-5'-DIPHOSPHATE"
#
_entity_poly.entity_id   1
_entity_poly.type   'polypeptide(L)'
_entity_poly.pdbx_seq_one_letter_code
;MFGKRDSSASGDPKAPPPAPAGGATIATRPQRVEPVAAPEPKAPAPKVSGPAPKPTVGLEQLRAAQGQPQTANIVREQSD
YYHATKTTIFNALLNTIDLSQLAQLDLKQAGEEIRDIVAELVAIKNVSMSVAEQEHLVQDIINDVLGYGPLEPLLARDDI
ADIMVNGAHRVFIEVGGKVQLTNVRFRDNLQLMNICQRIVSQVGRRVDESSPICDARLPDGSRVNVIAPPLALDGPTLTI
RKFKKDKLTMKNLVEFASISPEGARVLGVIGACRCNLVISGGTGSGKTTLLNTMTAFIDPTERVVTCEDAAELQLQQPHV
VRLETRPPNLEGSGAVTMRDLVKNCLRMRPERIIVGEVRGPEAFDLLQAMNTGHDGSMGTLHANSPREAISRIESMITMG
GYGLPSKTIKEMIVGSVDVIIQAARLRDGSRRITHITEVVGLEGDVIVTQDLFVYEITGEDEHGKVVGKHRSTGIARPRF
WDRARYYGLERELAEALDAAE
;
_entity_poly.pdbx_strand_id   A,B,C,D,E,F
#
loop_
_chem_comp.id
_chem_comp.type
_chem_comp.name
_chem_comp.formula
ADP non-polymer ADENOSINE-5'-DIPHOSPHATE 'C10 H15 N5 O10 P2'
ATP non-polymer ADENOSINE-5'-TRIPHOSPHATE 'C10 H16 N5 O13 P3'
MG non-polymer 'MAGNESIUM ION' 'Mg 2'
#
# COMPACT_ATOMS: atom_id res chain seq x y z
N ASP A 80 -9.75 -39.03 -38.19
CA ASP A 80 -9.66 -37.88 -39.08
C ASP A 80 -11.05 -37.42 -39.50
N TYR A 81 -11.82 -38.34 -40.09
CA TYR A 81 -13.16 -37.99 -40.54
C TYR A 81 -14.03 -37.54 -39.37
N TYR A 82 -13.96 -38.26 -38.24
CA TYR A 82 -14.72 -37.85 -37.06
C TYR A 82 -14.27 -36.48 -36.58
N HIS A 83 -12.96 -36.23 -36.55
CA HIS A 83 -12.45 -34.94 -36.11
C HIS A 83 -12.89 -33.83 -37.05
N ALA A 84 -12.82 -34.06 -38.36
CA ALA A 84 -13.25 -33.05 -39.31
C ALA A 84 -14.74 -32.76 -39.17
N THR A 85 -15.55 -33.80 -39.01
CA THR A 85 -16.98 -33.60 -38.81
C THR A 85 -17.25 -32.82 -37.54
N LYS A 86 -16.55 -33.15 -36.46
CA LYS A 86 -16.74 -32.43 -35.21
C LYS A 86 -16.36 -30.96 -35.35
N THR A 87 -15.24 -30.69 -36.02
CA THR A 87 -14.83 -29.31 -36.23
C THR A 87 -15.86 -28.54 -37.05
N THR A 88 -16.35 -29.16 -38.12
CA THR A 88 -17.36 -28.49 -38.95
C THR A 88 -18.63 -28.23 -38.15
N ILE A 89 -19.07 -29.21 -37.36
CA ILE A 89 -20.28 -29.03 -36.56
C ILE A 89 -20.09 -27.93 -35.54
N PHE A 90 -18.92 -27.88 -34.89
CA PHE A 90 -18.65 -26.84 -33.92
C PHE A 90 -18.65 -25.47 -34.57
N ASN A 91 -18.03 -25.36 -35.74
CA ASN A 91 -18.02 -24.08 -36.45
C ASN A 91 -19.45 -23.65 -36.82
N ALA A 92 -20.25 -24.60 -37.30
CA ALA A 92 -21.63 -24.27 -37.66
C ALA A 92 -22.42 -23.84 -36.43
N LEU A 93 -22.25 -24.52 -35.31
CA LEU A 93 -22.95 -24.14 -34.09
C LEU A 93 -22.51 -22.75 -33.63
N LEU A 94 -21.21 -22.47 -33.70
CA LEU A 94 -20.72 -21.15 -33.30
C LEU A 94 -21.33 -20.06 -34.18
N ASN A 95 -21.38 -20.31 -35.49
CA ASN A 95 -22.01 -19.36 -36.40
C ASN A 95 -23.52 -19.31 -36.27
N THR A 96 -24.12 -20.30 -35.60
CA THR A 96 -25.58 -20.38 -35.49
C THR A 96 -26.11 -19.71 -34.24
N ILE A 97 -25.43 -19.88 -33.11
CA ILE A 97 -25.90 -19.36 -31.83
C ILE A 97 -24.74 -18.67 -31.11
N ASP A 98 -25.10 -17.83 -30.14
CA ASP A 98 -24.14 -17.13 -29.30
C ASP A 98 -24.03 -17.84 -27.96
N LEU A 99 -22.81 -18.16 -27.56
CA LEU A 99 -22.61 -18.91 -26.32
C LEU A 99 -23.14 -18.16 -25.10
N SER A 100 -23.20 -16.83 -25.15
CA SER A 100 -23.70 -16.08 -24.01
C SER A 100 -25.16 -16.41 -23.73
N GLN A 101 -25.97 -16.52 -24.77
CA GLN A 101 -27.39 -16.86 -24.58
C GLN A 101 -27.55 -18.22 -23.90
N LEU A 102 -26.78 -19.22 -24.37
CA LEU A 102 -26.85 -20.52 -23.74
C LEU A 102 -26.37 -20.45 -22.29
N ALA A 103 -25.30 -19.70 -22.04
CA ALA A 103 -24.83 -19.55 -20.67
C ALA A 103 -25.90 -18.97 -19.77
N GLN A 104 -26.68 -18.01 -20.30
CA GLN A 104 -27.80 -17.48 -19.53
C GLN A 104 -28.80 -18.58 -19.19
N LEU A 105 -28.95 -19.58 -20.06
CA LEU A 105 -29.87 -20.67 -19.81
C LEU A 105 -29.25 -21.70 -18.87
N ASP A 106 -30.09 -22.58 -18.34
CA ASP A 106 -29.65 -23.61 -17.45
C ASP A 106 -28.89 -24.69 -18.21
N LEU A 107 -28.20 -25.56 -17.46
CA LEU A 107 -27.39 -26.60 -18.08
C LEU A 107 -28.25 -27.53 -18.92
N LYS A 108 -29.40 -27.96 -18.39
CA LYS A 108 -30.23 -28.91 -19.12
C LYS A 108 -30.82 -28.26 -20.38
N GLN A 109 -31.35 -27.05 -20.24
CA GLN A 109 -31.94 -26.37 -21.40
C GLN A 109 -30.88 -26.09 -22.46
N ALA A 110 -29.70 -25.61 -22.03
CA ALA A 110 -28.63 -25.33 -22.97
C ALA A 110 -28.18 -26.61 -23.67
N GLY A 111 -28.07 -27.71 -22.92
CA GLY A 111 -27.67 -28.96 -23.53
C GLY A 111 -28.68 -29.48 -24.54
N GLU A 112 -29.97 -29.39 -24.20
CA GLU A 112 -31.01 -29.81 -25.13
C GLU A 112 -30.98 -28.96 -26.40
N GLU A 113 -30.85 -27.65 -26.24
CA GLU A 113 -30.78 -26.77 -27.41
C GLU A 113 -29.56 -27.08 -28.26
N ILE A 114 -28.42 -27.33 -27.61
CA ILE A 114 -27.20 -27.67 -28.35
C ILE A 114 -27.38 -28.98 -29.11
N ARG A 115 -27.98 -29.97 -28.47
CA ARG A 115 -28.21 -31.24 -29.15
C ARG A 115 -29.12 -31.07 -30.36
N ASP A 116 -30.20 -30.30 -30.19
CA ASP A 116 -31.11 -30.06 -31.31
C ASP A 116 -30.40 -29.35 -32.45
N ILE A 117 -29.61 -28.31 -32.11
CA ILE A 117 -28.92 -27.55 -33.14
C ILE A 117 -27.88 -28.42 -33.84
N VAL A 118 -27.18 -29.27 -33.10
CA VAL A 118 -26.18 -30.15 -33.70
C VAL A 118 -26.86 -31.15 -34.64
N ALA A 119 -27.99 -31.71 -34.22
CA ALA A 119 -28.72 -32.63 -35.10
C ALA A 119 -29.17 -31.91 -36.37
N GLU A 120 -29.69 -30.69 -36.23
CA GLU A 120 -30.11 -29.94 -37.41
C GLU A 120 -28.94 -29.65 -38.34
N LEU A 121 -27.79 -29.26 -37.77
CA LEU A 121 -26.62 -28.98 -38.59
C LEU A 121 -26.13 -30.23 -39.29
N VAL A 122 -26.14 -31.37 -38.59
CA VAL A 122 -25.72 -32.62 -39.22
C VAL A 122 -26.65 -32.98 -40.37
N ALA A 123 -27.96 -32.82 -40.17
CA ALA A 123 -28.91 -33.08 -41.24
C ALA A 123 -28.66 -32.16 -42.42
N ILE A 124 -28.41 -30.88 -42.16
CA ILE A 124 -28.15 -29.92 -43.24
C ILE A 124 -26.90 -30.32 -44.01
N LYS A 125 -25.83 -30.68 -43.29
CA LYS A 125 -24.59 -31.09 -43.91
C LYS A 125 -24.64 -32.51 -44.46
N ASN A 126 -25.66 -33.29 -44.11
CA ASN A 126 -25.80 -34.66 -44.58
C ASN A 126 -24.57 -35.49 -44.22
N VAL A 127 -24.13 -35.37 -42.97
CA VAL A 127 -22.96 -36.11 -42.51
C VAL A 127 -23.28 -37.59 -42.51
N SER A 128 -22.39 -38.39 -43.11
CA SER A 128 -22.56 -39.84 -43.18
C SER A 128 -21.95 -40.45 -41.93
N MET A 129 -22.79 -40.71 -40.93
CA MET A 129 -22.32 -41.29 -39.68
C MET A 129 -23.50 -41.99 -39.01
N SER A 130 -23.18 -42.89 -38.09
CA SER A 130 -24.20 -43.63 -37.36
C SER A 130 -24.84 -42.75 -36.30
N VAL A 131 -25.96 -43.23 -35.77
CA VAL A 131 -26.65 -42.50 -34.70
C VAL A 131 -25.76 -42.39 -33.47
N ALA A 132 -24.99 -43.45 -33.18
CA ALA A 132 -24.07 -43.39 -32.05
C ALA A 132 -23.00 -42.33 -32.27
N GLU A 133 -22.48 -42.22 -33.50
CA GLU A 133 -21.51 -41.18 -33.80
C GLU A 133 -22.12 -39.80 -33.62
N GLN A 134 -23.37 -39.62 -34.07
CA GLN A 134 -24.03 -38.33 -33.90
C GLN A 134 -24.21 -38.00 -32.43
N GLU A 135 -24.61 -38.99 -31.61
CA GLU A 135 -24.76 -38.75 -30.19
C GLU A 135 -23.43 -38.39 -29.54
N HIS A 136 -22.36 -39.09 -29.92
CA HIS A 136 -21.04 -38.77 -29.39
C HIS A 136 -20.62 -37.35 -29.78
N LEU A 137 -20.86 -36.96 -31.02
CA LEU A 137 -20.52 -35.61 -31.46
C LEU A 137 -21.33 -34.58 -30.69
N VAL A 138 -22.61 -34.84 -30.47
CA VAL A 138 -23.45 -33.90 -29.72
C VAL A 138 -22.95 -33.77 -28.29
N GLN A 139 -22.59 -34.89 -27.67
CA GLN A 139 -22.08 -34.86 -26.31
C GLN A 139 -20.77 -34.09 -26.24
N ASP A 140 -19.88 -34.32 -27.21
CA ASP A 140 -18.61 -33.59 -27.23
C ASP A 140 -18.84 -32.09 -27.40
N ILE A 141 -19.74 -31.72 -28.30
CA ILE A 141 -20.03 -30.30 -28.50
C ILE A 141 -20.60 -29.68 -27.23
N ILE A 142 -21.51 -30.39 -26.55
CA ILE A 142 -22.10 -29.87 -25.33
C ILE A 142 -21.02 -29.69 -24.26
N ASN A 143 -20.14 -30.69 -24.12
CA ASN A 143 -19.07 -30.58 -23.14
C ASN A 143 -18.15 -29.42 -23.45
N ASP A 144 -17.79 -29.24 -24.72
CA ASP A 144 -16.92 -28.13 -25.09
C ASP A 144 -17.59 -26.79 -24.82
N VAL A 145 -18.88 -26.69 -25.12
CA VAL A 145 -19.58 -25.41 -24.94
C VAL A 145 -19.71 -25.08 -23.46
N LEU A 146 -20.13 -26.05 -22.64
CA LEU A 146 -20.41 -25.80 -21.24
C LEU A 146 -19.70 -26.74 -20.29
N GLY A 147 -19.28 -27.93 -20.72
CA GLY A 147 -18.60 -28.87 -19.85
C GLY A 147 -17.13 -28.52 -19.72
N TYR A 148 -16.36 -29.52 -19.33
CA TYR A 148 -14.92 -29.37 -19.17
C TYR A 148 -14.13 -29.98 -20.32
N GLY A 149 -14.73 -30.10 -21.49
CA GLY A 149 -14.03 -30.54 -22.66
C GLY A 149 -13.48 -31.94 -22.51
N PRO A 150 -12.35 -32.22 -23.15
CA PRO A 150 -11.82 -33.58 -23.14
C PRO A 150 -11.56 -34.13 -21.75
N LEU A 151 -11.49 -33.27 -20.73
CA LEU A 151 -11.27 -33.75 -19.37
C LEU A 151 -12.44 -34.56 -18.85
N GLU A 152 -13.62 -34.44 -19.45
CA GLU A 152 -14.79 -35.12 -18.90
C GLU A 152 -14.58 -36.62 -18.78
N PRO A 153 -14.14 -37.34 -19.82
CA PRO A 153 -13.87 -38.77 -19.62
C PRO A 153 -12.82 -39.04 -18.56
N LEU A 154 -11.80 -38.19 -18.46
CA LEU A 154 -10.76 -38.40 -17.46
C LEU A 154 -11.29 -38.10 -16.06
N LEU A 155 -12.03 -37.01 -15.90
CA LEU A 155 -12.59 -36.69 -14.59
C LEU A 155 -13.55 -37.78 -14.13
N ALA A 156 -14.38 -38.29 -15.05
CA ALA A 156 -15.33 -39.33 -14.69
C ALA A 156 -14.61 -40.59 -14.20
N ARG A 157 -13.53 -40.97 -14.87
CA ARG A 157 -12.79 -42.16 -14.48
C ARG A 157 -12.34 -42.06 -13.03
N ASP A 158 -12.46 -43.17 -12.31
CA ASP A 158 -12.12 -43.19 -10.90
C ASP A 158 -10.67 -43.58 -10.64
N ASP A 159 -10.13 -44.52 -11.42
CA ASP A 159 -8.76 -44.97 -11.20
C ASP A 159 -7.75 -43.85 -11.40
N ILE A 160 -8.10 -42.82 -12.16
CA ILE A 160 -7.19 -41.70 -12.42
C ILE A 160 -7.10 -40.87 -11.15
N ALA A 161 -5.92 -40.86 -10.53
CA ALA A 161 -5.72 -40.10 -9.31
C ALA A 161 -5.36 -38.64 -9.58
N ASP A 162 -4.59 -38.38 -10.63
CA ASP A 162 -4.17 -37.03 -10.97
C ASP A 162 -4.21 -36.84 -12.47
N ILE A 163 -4.53 -35.61 -12.88
CA ILE A 163 -4.55 -35.22 -14.28
C ILE A 163 -3.69 -33.99 -14.44
N MET A 164 -2.66 -34.08 -15.28
CA MET A 164 -1.72 -33.00 -15.51
C MET A 164 -1.78 -32.60 -16.98
N VAL A 165 -2.16 -31.36 -17.23
CA VAL A 165 -2.27 -30.82 -18.58
C VAL A 165 -1.20 -29.75 -18.71
N ASN A 166 -0.11 -30.08 -19.39
CA ASN A 166 0.99 -29.14 -19.62
C ASN A 166 0.82 -28.50 -21.00
N GLY A 167 -0.16 -27.63 -21.09
CA GLY A 167 -0.53 -27.03 -22.35
C GLY A 167 -1.55 -27.86 -23.10
N ALA A 168 -2.05 -27.28 -24.19
CA ALA A 168 -3.20 -27.86 -24.85
C ALA A 168 -2.94 -29.23 -25.45
N HIS A 169 -1.67 -29.58 -25.70
CA HIS A 169 -1.34 -30.78 -26.46
C HIS A 169 -0.69 -31.87 -25.61
N ARG A 170 -0.58 -31.70 -24.30
CA ARG A 170 0.05 -32.69 -23.44
C ARG A 170 -0.83 -32.90 -22.23
N VAL A 171 -1.38 -34.11 -22.09
CA VAL A 171 -2.23 -34.47 -20.97
C VAL A 171 -1.71 -35.76 -20.38
N PHE A 172 -1.30 -35.71 -19.12
CA PHE A 172 -0.81 -36.87 -18.39
C PHE A 172 -1.79 -37.23 -17.29
N ILE A 173 -1.93 -38.52 -17.03
CA ILE A 173 -2.83 -39.02 -15.99
C ILE A 173 -2.07 -39.99 -15.12
N GLU A 174 -2.30 -39.92 -13.81
CA GLU A 174 -1.69 -40.85 -12.88
C GLU A 174 -2.64 -42.02 -12.66
N VAL A 175 -2.20 -43.21 -13.04
CA VAL A 175 -2.97 -44.44 -12.86
C VAL A 175 -2.11 -45.42 -12.09
N GLY A 176 -2.66 -45.95 -10.99
CA GLY A 176 -1.91 -46.89 -10.19
C GLY A 176 -0.59 -46.36 -9.68
N GLY A 177 -0.49 -45.04 -9.48
CA GLY A 177 0.73 -44.43 -9.02
C GLY A 177 1.76 -44.20 -10.09
N LYS A 178 1.44 -44.46 -11.35
CA LYS A 178 2.36 -44.28 -12.47
C LYS A 178 1.77 -43.25 -13.43
N VAL A 179 2.59 -42.28 -13.84
CA VAL A 179 2.15 -41.24 -14.76
C VAL A 179 2.23 -41.78 -16.18
N GLN A 180 1.16 -41.59 -16.94
CA GLN A 180 1.08 -42.04 -18.31
C GLN A 180 0.62 -40.90 -19.19
N LEU A 181 1.07 -40.92 -20.44
CA LEU A 181 0.70 -39.89 -21.40
C LEU A 181 -0.54 -40.35 -22.17
N THR A 182 -1.62 -39.59 -22.06
CA THR A 182 -2.85 -39.89 -22.76
C THR A 182 -2.84 -39.27 -24.15
N ASN A 183 -3.68 -39.83 -25.02
CA ASN A 183 -3.87 -39.27 -26.35
C ASN A 183 -4.79 -38.05 -26.34
N VAL A 184 -5.39 -37.72 -25.20
CA VAL A 184 -6.28 -36.57 -25.12
C VAL A 184 -5.53 -35.32 -25.56
N ARG A 185 -6.25 -34.42 -26.21
CA ARG A 185 -5.67 -33.16 -26.67
C ARG A 185 -6.76 -32.10 -26.72
N PHE A 186 -6.38 -30.87 -26.37
CA PHE A 186 -7.28 -29.74 -26.49
C PHE A 186 -7.13 -29.11 -27.86
N ARG A 187 -8.15 -28.35 -28.27
CA ARG A 187 -8.08 -27.68 -29.55
C ARG A 187 -6.89 -26.72 -29.62
N ASP A 188 -6.67 -25.97 -28.55
CA ASP A 188 -5.57 -25.01 -28.52
C ASP A 188 -5.49 -24.44 -27.11
N ASN A 189 -4.48 -23.62 -26.87
CA ASN A 189 -4.29 -23.04 -25.55
C ASN A 189 -5.46 -22.14 -25.16
N LEU A 190 -6.17 -21.58 -26.13
CA LEU A 190 -7.31 -20.74 -25.79
C LEU A 190 -8.46 -21.57 -25.23
N GLN A 191 -8.76 -22.71 -25.85
CA GLN A 191 -9.78 -23.60 -25.30
C GLN A 191 -9.37 -24.11 -23.93
N LEU A 192 -8.10 -24.46 -23.76
CA LEU A 192 -7.63 -24.93 -22.47
C LEU A 192 -7.78 -23.83 -21.42
N MET A 193 -7.46 -22.59 -21.78
CA MET A 193 -7.60 -21.49 -20.83
C MET A 193 -9.05 -21.27 -20.46
N ASN A 194 -9.96 -21.40 -21.43
CA ASN A 194 -11.37 -21.27 -21.12
C ASN A 194 -11.81 -22.37 -20.16
N ILE A 195 -11.37 -23.61 -20.40
CA ILE A 195 -11.72 -24.70 -19.49
C ILE A 195 -11.19 -24.42 -18.10
N CYS A 196 -9.95 -23.96 -18.00
CA CYS A 196 -9.36 -23.67 -16.70
C CYS A 196 -10.13 -22.57 -15.99
N GLN A 197 -10.52 -21.53 -16.73
CA GLN A 197 -11.28 -20.45 -16.12
C GLN A 197 -12.63 -20.96 -15.61
N ARG A 198 -13.29 -21.81 -16.39
CA ARG A 198 -14.54 -22.40 -15.92
C ARG A 198 -14.32 -23.17 -14.61
N ILE A 199 -13.29 -24.02 -14.59
CA ILE A 199 -13.08 -24.86 -13.42
C ILE A 199 -12.79 -24.01 -12.19
N VAL A 200 -11.96 -22.98 -12.34
CA VAL A 200 -11.63 -22.16 -11.18
C VAL A 200 -12.83 -21.33 -10.74
N SER A 201 -13.60 -20.79 -11.69
CA SER A 201 -14.78 -20.04 -11.33
C SER A 201 -15.83 -20.90 -10.65
N GLN A 202 -15.82 -22.21 -10.92
CA GLN A 202 -16.78 -23.10 -10.26
C GLN A 202 -16.74 -22.94 -8.75
N VAL A 203 -15.64 -22.44 -8.20
CA VAL A 203 -15.55 -22.14 -6.78
C VAL A 203 -15.24 -20.66 -6.58
N GLY A 204 -15.72 -19.83 -7.51
CA GLY A 204 -15.62 -18.40 -7.35
C GLY A 204 -14.25 -17.82 -7.55
N ARG A 205 -13.29 -18.60 -8.02
CA ARG A 205 -11.94 -18.13 -8.26
C ARG A 205 -11.76 -17.77 -9.73
N ARG A 206 -10.91 -16.78 -9.97
CA ARG A 206 -10.69 -16.26 -11.32
C ARG A 206 -9.20 -16.27 -11.63
N VAL A 207 -8.85 -16.80 -12.80
CA VAL A 207 -7.46 -16.88 -13.25
C VAL A 207 -7.38 -16.24 -14.64
N ASP A 208 -6.40 -15.39 -14.83
CA ASP A 208 -6.21 -14.68 -16.09
C ASP A 208 -4.82 -14.07 -16.09
N GLU A 209 -4.55 -13.21 -17.08
CA GLU A 209 -3.24 -12.59 -17.18
C GLU A 209 -2.91 -11.78 -15.93
N SER A 210 -3.88 -11.04 -15.41
CA SER A 210 -3.65 -10.25 -14.20
C SER A 210 -3.33 -11.15 -13.01
N SER A 211 -3.97 -12.31 -12.93
CA SER A 211 -3.78 -13.25 -11.84
C SER A 211 -3.44 -14.62 -12.43
N PRO A 212 -2.22 -14.78 -12.95
CA PRO A 212 -1.90 -16.01 -13.68
C PRO A 212 -2.00 -17.27 -12.85
N ILE A 213 -1.70 -17.21 -11.55
CA ILE A 213 -1.66 -18.38 -10.68
C ILE A 213 -2.98 -18.46 -9.91
N CYS A 214 -3.55 -19.65 -9.84
CA CYS A 214 -4.78 -19.85 -9.08
C CYS A 214 -4.80 -21.26 -8.54
N ASP A 215 -4.85 -21.40 -7.21
CA ASP A 215 -4.99 -22.67 -6.54
C ASP A 215 -6.30 -22.68 -5.78
N ALA A 216 -7.04 -23.79 -5.89
CA ALA A 216 -8.34 -23.89 -5.25
C ALA A 216 -8.63 -25.35 -4.96
N ARG A 217 -9.71 -25.58 -4.21
CA ARG A 217 -10.19 -26.92 -3.92
C ARG A 217 -11.64 -27.01 -4.35
N LEU A 218 -11.94 -27.93 -5.25
CA LEU A 218 -13.30 -28.05 -5.76
C LEU A 218 -14.20 -28.70 -4.71
N PRO A 219 -15.51 -28.53 -4.85
CA PRO A 219 -16.42 -29.08 -3.83
C PRO A 219 -16.25 -30.57 -3.62
N ASP A 220 -15.96 -31.32 -4.66
CA ASP A 220 -15.76 -32.77 -4.51
C ASP A 220 -14.43 -33.10 -3.87
N GLY A 221 -13.68 -32.13 -3.38
CA GLY A 221 -12.45 -32.38 -2.66
C GLY A 221 -11.20 -32.38 -3.50
N SER A 222 -11.32 -32.35 -4.82
CA SER A 222 -10.14 -32.31 -5.67
C SER A 222 -9.48 -30.94 -5.60
N ARG A 223 -8.15 -30.95 -5.68
CA ARG A 223 -7.36 -29.73 -5.68
C ARG A 223 -7.03 -29.37 -7.13
N VAL A 224 -7.19 -28.10 -7.47
CA VAL A 224 -6.95 -27.60 -8.81
C VAL A 224 -5.90 -26.50 -8.75
N ASN A 225 -4.85 -26.64 -9.55
CA ASN A 225 -3.81 -25.62 -9.68
C ASN A 225 -3.74 -25.21 -11.13
N VAL A 226 -3.67 -23.91 -11.39
CA VAL A 226 -3.67 -23.38 -12.74
C VAL A 226 -2.65 -22.26 -12.84
N ILE A 227 -1.87 -22.28 -13.92
CA ILE A 227 -0.95 -21.20 -14.25
C ILE A 227 -1.23 -20.75 -15.68
N ALA A 228 -1.24 -19.44 -15.88
CA ALA A 228 -1.65 -18.82 -17.12
C ALA A 228 -0.48 -18.70 -18.08
N PRO A 229 -0.75 -18.43 -19.35
CA PRO A 229 0.31 -18.39 -20.36
C PRO A 229 1.44 -17.43 -20.00
N PRO A 230 1.14 -16.27 -19.40
CA PRO A 230 2.23 -15.33 -19.12
C PRO A 230 3.37 -15.96 -18.33
N LEU A 231 3.04 -16.84 -17.39
CA LEU A 231 4.06 -17.59 -16.67
C LEU A 231 4.30 -18.96 -17.30
N ALA A 232 3.25 -19.70 -17.57
CA ALA A 232 3.38 -21.00 -18.22
C ALA A 232 3.72 -20.77 -19.68
N LEU A 233 5.01 -20.93 -20.01
CA LEU A 233 5.48 -20.58 -21.34
C LEU A 233 4.84 -21.46 -22.41
N ASP A 234 4.74 -22.76 -22.16
CA ASP A 234 4.23 -23.70 -23.15
C ASP A 234 2.71 -23.74 -23.20
N GLY A 235 2.03 -22.78 -22.57
CA GLY A 235 0.59 -22.76 -22.55
C GLY A 235 0.06 -22.94 -21.14
N PRO A 236 -1.23 -22.77 -20.95
CA PRO A 236 -1.80 -22.90 -19.60
C PRO A 236 -1.47 -24.26 -19.01
N THR A 237 -1.11 -24.26 -17.73
CA THR A 237 -0.77 -25.49 -17.02
C THR A 237 -1.83 -25.76 -15.98
N LEU A 238 -2.39 -26.98 -16.02
CA LEU A 238 -3.48 -27.36 -15.14
C LEU A 238 -3.11 -28.64 -14.42
N THR A 239 -3.40 -28.71 -13.13
CA THR A 239 -3.15 -29.89 -12.32
C THR A 239 -4.37 -30.17 -11.48
N ILE A 240 -4.93 -31.36 -11.61
CA ILE A 240 -6.11 -31.78 -10.85
C ILE A 240 -5.70 -32.99 -10.03
N ARG A 241 -5.76 -32.86 -8.72
CA ARG A 241 -5.46 -33.94 -7.78
C ARG A 241 -6.77 -34.35 -7.13
N LYS A 242 -7.33 -35.48 -7.56
CA LYS A 242 -8.67 -35.85 -7.16
C LYS A 242 -8.69 -36.34 -5.72
N PHE A 243 -9.84 -36.13 -5.08
CA PHE A 243 -9.97 -36.39 -3.65
C PHE A 243 -9.81 -37.88 -3.33
N LYS A 244 -9.13 -38.16 -2.23
CA LYS A 244 -9.05 -39.52 -1.72
C LYS A 244 -10.25 -39.80 -0.84
N LYS A 245 -10.84 -40.98 -1.01
CA LYS A 245 -12.05 -41.32 -0.27
C LYS A 245 -11.77 -41.46 1.22
N ASP A 246 -10.75 -42.22 1.58
CA ASP A 246 -10.50 -42.58 2.97
C ASP A 246 -9.89 -41.40 3.73
N LYS A 247 -10.03 -41.45 5.05
CA LYS A 247 -9.47 -40.44 5.94
C LYS A 247 -8.90 -41.12 7.17
N LEU A 248 -7.75 -40.65 7.62
CA LEU A 248 -6.97 -41.33 8.63
C LEU A 248 -7.42 -40.96 10.04
N THR A 249 -6.95 -41.75 11.00
CA THR A 249 -7.24 -41.54 12.42
C THR A 249 -5.94 -41.65 13.20
N MET A 250 -5.98 -41.22 14.46
CA MET A 250 -4.77 -41.24 15.27
C MET A 250 -4.17 -42.64 15.33
N LYS A 251 -5.02 -43.66 15.35
CA LYS A 251 -4.50 -45.03 15.33
C LYS A 251 -3.73 -45.29 14.05
N ASN A 252 -4.24 -44.82 12.91
CA ASN A 252 -3.52 -44.98 11.65
C ASN A 252 -2.18 -44.25 11.70
N LEU A 253 -2.18 -43.02 12.21
CA LEU A 253 -0.93 -42.27 12.28
C LEU A 253 0.10 -43.00 13.14
N VAL A 254 -0.34 -43.57 14.26
CA VAL A 254 0.58 -44.37 15.06
C VAL A 254 1.06 -45.58 14.27
N GLU A 255 0.16 -46.20 13.50
CA GLU A 255 0.57 -47.34 12.67
C GLU A 255 1.56 -46.91 11.60
N PHE A 256 1.32 -45.78 10.96
CA PHE A 256 2.22 -45.27 9.92
C PHE A 256 3.48 -44.72 10.48
N ALA A 257 3.75 -44.85 11.77
CA ALA A 257 4.95 -44.32 12.42
C ALA A 257 5.02 -42.81 12.36
N SER A 258 3.95 -42.14 11.95
CA SER A 258 3.97 -40.68 11.91
C SER A 258 4.21 -40.09 13.29
N ILE A 259 3.84 -40.82 14.35
CA ILE A 259 4.05 -40.37 15.71
C ILE A 259 4.08 -41.59 16.61
N SER A 260 4.99 -41.58 17.57
CA SER A 260 5.13 -42.72 18.47
C SER A 260 3.91 -42.80 19.37
N PRO A 261 3.64 -43.98 19.94
CA PRO A 261 2.48 -44.10 20.84
C PRO A 261 2.52 -43.09 21.98
N GLU A 262 3.70 -42.83 22.54
CA GLU A 262 3.80 -41.81 23.57
C GLU A 262 3.48 -40.44 23.01
N GLY A 263 3.92 -40.17 21.78
CA GLY A 263 3.51 -38.93 21.13
C GLY A 263 2.02 -38.85 20.95
N ALA A 264 1.37 -39.97 20.61
CA ALA A 264 -0.08 -39.98 20.48
C ALA A 264 -0.75 -39.67 21.81
N ARG A 265 -0.22 -40.24 22.90
CA ARG A 265 -0.80 -39.96 24.21
C ARG A 265 -0.62 -38.49 24.58
N VAL A 266 0.55 -37.92 24.32
CA VAL A 266 0.77 -36.52 24.63
C VAL A 266 -0.16 -35.64 23.81
N LEU A 267 -0.37 -36.01 22.55
CA LEU A 267 -1.30 -35.24 21.71
C LEU A 267 -2.71 -35.34 22.25
N GLY A 268 -3.10 -36.53 22.71
CA GLY A 268 -4.42 -36.66 23.32
C GLY A 268 -4.58 -35.76 24.54
N VAL A 269 -3.55 -35.71 25.37
CA VAL A 269 -3.60 -34.82 26.53
C VAL A 269 -3.69 -33.37 26.09
N ILE A 270 -2.92 -32.99 25.09
CA ILE A 270 -2.91 -31.60 24.63
C ILE A 270 -4.28 -31.22 24.10
N GLY A 271 -4.87 -32.09 23.28
CA GLY A 271 -6.18 -31.79 22.73
C GLY A 271 -7.27 -31.75 23.78
N ALA A 272 -7.26 -32.72 24.69
CA ALA A 272 -8.32 -32.80 25.69
C ALA A 272 -8.27 -31.63 26.66
N CYS A 273 -7.07 -31.22 27.06
CA CYS A 273 -6.89 -30.22 28.11
C CYS A 273 -7.09 -28.79 27.61
N ARG A 274 -7.67 -28.60 26.42
CA ARG A 274 -7.99 -27.27 25.91
C ARG A 274 -6.72 -26.40 25.82
N CYS A 275 -5.79 -26.86 24.99
CA CYS A 275 -4.57 -26.13 24.70
C CYS A 275 -4.71 -25.44 23.36
N ASN A 276 -4.46 -24.14 23.32
CA ASN A 276 -4.50 -23.41 22.06
C ASN A 276 -3.45 -23.97 21.11
N LEU A 277 -3.89 -24.62 20.05
CA LEU A 277 -3.01 -25.36 19.15
C LEU A 277 -2.81 -24.61 17.85
N VAL A 278 -1.62 -24.74 17.29
CA VAL A 278 -1.34 -24.34 15.92
C VAL A 278 -0.66 -25.50 15.24
N ILE A 279 -1.29 -26.04 14.21
CA ILE A 279 -0.79 -27.21 13.50
C ILE A 279 -0.14 -26.69 12.22
N SER A 280 1.15 -26.41 12.29
CA SER A 280 1.88 -25.94 11.14
C SER A 280 2.34 -27.13 10.30
N GLY A 281 2.83 -26.83 9.11
CA GLY A 281 3.36 -27.87 8.24
C GLY A 281 3.53 -27.39 6.83
N GLY A 282 4.26 -28.15 6.03
CA GLY A 282 4.40 -27.82 4.63
C GLY A 282 3.21 -28.28 3.83
N THR A 283 3.20 -27.87 2.56
CA THR A 283 2.10 -28.23 1.68
C THR A 283 1.98 -29.75 1.59
N GLY A 284 0.74 -30.24 1.65
CA GLY A 284 0.49 -31.66 1.54
C GLY A 284 1.15 -32.48 2.63
N SER A 285 1.47 -31.88 3.76
CA SER A 285 2.19 -32.56 4.83
C SER A 285 1.28 -33.19 5.86
N GLY A 286 -0.03 -33.14 5.68
CA GLY A 286 -0.95 -33.72 6.61
C GLY A 286 -1.55 -32.77 7.63
N LYS A 287 -1.48 -31.47 7.39
CA LYS A 287 -2.01 -30.51 8.35
C LYS A 287 -3.47 -30.78 8.64
N THR A 288 -4.29 -30.85 7.60
CA THR A 288 -5.73 -31.00 7.81
C THR A 288 -6.07 -32.35 8.42
N THR A 289 -5.40 -33.41 7.98
CA THR A 289 -5.63 -34.72 8.57
C THR A 289 -5.25 -34.73 10.05
N LEU A 290 -4.12 -34.10 10.38
CA LEU A 290 -3.71 -34.03 11.76
C LEU A 290 -4.70 -33.24 12.59
N LEU A 291 -5.20 -32.13 12.05
CA LEU A 291 -6.20 -31.35 12.77
C LEU A 291 -7.48 -32.15 12.98
N ASN A 292 -7.91 -32.89 11.95
CA ASN A 292 -9.10 -33.70 12.08
C ASN A 292 -8.93 -34.75 13.16
N THR A 293 -7.76 -35.37 13.24
CA THR A 293 -7.51 -36.34 14.31
C THR A 293 -7.48 -35.66 15.67
N MET A 294 -6.86 -34.48 15.76
CA MET A 294 -6.78 -33.78 17.04
C MET A 294 -8.15 -33.41 17.56
N THR A 295 -9.06 -33.01 16.67
CA THR A 295 -10.40 -32.65 17.12
C THR A 295 -11.11 -33.83 17.77
N ALA A 296 -10.64 -35.05 17.54
CA ALA A 296 -11.30 -36.20 18.15
C ALA A 296 -11.20 -36.21 19.66
N PHE A 297 -10.29 -35.43 20.24
CA PHE A 297 -10.11 -35.40 21.68
C PHE A 297 -11.00 -34.39 22.39
N ILE A 298 -11.69 -33.52 21.65
CA ILE A 298 -12.56 -32.55 22.27
C ILE A 298 -13.72 -33.26 22.96
N ASP A 299 -14.14 -32.72 24.10
CA ASP A 299 -15.27 -33.31 24.82
C ASP A 299 -16.54 -33.14 24.00
N PRO A 300 -17.43 -34.15 23.97
CA PRO A 300 -18.66 -33.99 23.20
C PRO A 300 -19.51 -32.82 23.67
N THR A 301 -19.45 -32.49 24.96
CA THR A 301 -20.30 -31.42 25.48
C THR A 301 -19.90 -30.06 24.91
N GLU A 302 -18.62 -29.86 24.60
CA GLU A 302 -18.16 -28.55 24.19
C GLU A 302 -18.80 -28.15 22.87
N ARG A 303 -19.17 -26.88 22.78
CA ARG A 303 -19.72 -26.31 21.55
C ARG A 303 -18.57 -25.85 20.68
N VAL A 304 -18.27 -26.60 19.63
CA VAL A 304 -17.15 -26.33 18.74
C VAL A 304 -17.69 -25.69 17.47
N VAL A 305 -17.03 -24.63 17.03
CA VAL A 305 -17.38 -23.93 15.80
C VAL A 305 -16.20 -24.01 14.86
N THR A 306 -16.40 -24.64 13.71
CA THR A 306 -15.35 -24.85 12.73
C THR A 306 -15.55 -23.92 11.55
N CYS A 307 -14.51 -23.16 11.20
CA CYS A 307 -14.52 -22.29 10.04
C CYS A 307 -13.57 -22.86 9.00
N GLU A 308 -14.02 -22.90 7.76
CA GLU A 308 -13.25 -23.52 6.68
C GLU A 308 -13.49 -22.76 5.39
N ASP A 309 -12.58 -22.96 4.44
CA ASP A 309 -12.76 -22.45 3.09
C ASP A 309 -13.26 -23.51 2.13
N ALA A 310 -13.16 -24.79 2.50
CA ALA A 310 -13.52 -25.87 1.59
C ALA A 310 -14.27 -27.01 2.27
N ALA A 311 -14.60 -26.89 3.56
CA ALA A 311 -15.37 -27.92 4.26
C ALA A 311 -14.65 -29.26 4.21
N GLU A 312 -13.47 -29.30 4.80
CA GLU A 312 -12.63 -30.50 4.83
C GLU A 312 -12.80 -31.33 6.09
N LEU A 313 -12.90 -30.68 7.24
CA LEU A 313 -12.94 -31.40 8.51
C LEU A 313 -14.22 -32.22 8.64
N GLN A 314 -14.14 -33.30 9.40
CA GLN A 314 -15.26 -34.20 9.64
C GLN A 314 -15.36 -34.54 11.13
N LEU A 315 -15.37 -33.50 11.96
CA LEU A 315 -15.51 -33.68 13.40
C LEU A 315 -16.66 -34.64 13.69
N GLN A 316 -16.50 -35.41 14.77
CA GLN A 316 -17.48 -36.42 15.16
C GLN A 316 -18.35 -35.99 16.34
N GLN A 317 -18.01 -34.89 17.01
CA GLN A 317 -18.76 -34.47 18.18
C GLN A 317 -20.17 -34.06 17.78
N PRO A 318 -21.12 -34.12 18.72
CA PRO A 318 -22.51 -33.80 18.38
C PRO A 318 -22.76 -32.31 18.25
N HIS A 319 -22.11 -31.51 19.10
CA HIS A 319 -22.34 -30.07 19.13
C HIS A 319 -21.22 -29.37 18.36
N VAL A 320 -21.33 -29.42 17.03
CA VAL A 320 -20.36 -28.80 16.14
C VAL A 320 -21.11 -27.93 15.14
N VAL A 321 -20.63 -26.72 14.94
CA VAL A 321 -21.19 -25.78 13.97
C VAL A 321 -20.19 -25.62 12.85
N ARG A 322 -20.59 -25.97 11.63
CA ARG A 322 -19.70 -25.93 10.48
C ARG A 322 -19.99 -24.68 9.66
N LEU A 323 -18.99 -23.80 9.56
CA LEU A 323 -19.11 -22.58 8.80
C LEU A 323 -18.11 -22.61 7.65
N GLU A 324 -18.48 -21.96 6.55
CA GLU A 324 -17.64 -21.89 5.37
C GLU A 324 -17.64 -20.47 4.83
N THR A 325 -16.46 -20.00 4.44
CA THR A 325 -16.35 -18.66 3.88
C THR A 325 -16.97 -18.62 2.49
N ARG A 326 -17.36 -17.43 2.07
CA ARG A 326 -17.93 -17.20 0.74
C ARG A 326 -17.01 -16.29 -0.06
N PRO A 327 -16.39 -16.76 -1.15
CA PRO A 327 -15.52 -15.88 -1.92
C PRO A 327 -16.31 -14.81 -2.63
N PRO A 328 -15.72 -13.66 -2.89
CA PRO A 328 -16.45 -12.59 -3.58
C PRO A 328 -16.93 -13.06 -4.95
N ASN A 329 -18.13 -12.61 -5.31
CA ASN A 329 -18.65 -12.89 -6.64
C ASN A 329 -17.82 -12.17 -7.69
N LEU A 330 -18.12 -12.42 -8.96
CA LEU A 330 -17.38 -11.78 -10.04
C LEU A 330 -17.48 -10.26 -9.98
N GLU A 331 -18.51 -9.73 -9.33
CA GLU A 331 -18.66 -8.29 -9.16
C GLU A 331 -17.83 -7.75 -8.02
N GLY A 332 -17.22 -8.61 -7.21
CA GLY A 332 -16.41 -8.17 -6.09
C GLY A 332 -17.18 -7.89 -4.82
N SER A 333 -18.38 -8.46 -4.67
CA SER A 333 -19.21 -8.23 -3.51
C SER A 333 -19.65 -9.57 -2.93
N GLY A 334 -20.21 -9.51 -1.73
CA GLY A 334 -20.67 -10.71 -1.05
C GLY A 334 -19.58 -11.51 -0.37
N ALA A 335 -18.36 -10.99 -0.31
CA ALA A 335 -17.27 -11.71 0.31
C ALA A 335 -17.51 -11.86 1.81
N VAL A 336 -17.25 -13.05 2.32
CA VAL A 336 -17.29 -13.33 3.76
C VAL A 336 -15.95 -13.99 4.09
N THR A 337 -14.97 -13.18 4.45
CA THR A 337 -13.65 -13.71 4.72
C THR A 337 -13.64 -14.47 6.05
N MET A 338 -12.58 -15.25 6.25
CA MET A 338 -12.46 -15.99 7.49
C MET A 338 -12.44 -15.07 8.70
N ARG A 339 -11.95 -13.84 8.52
CA ARG A 339 -11.96 -12.89 9.63
C ARG A 339 -13.38 -12.61 10.10
N ASP A 340 -14.30 -12.42 9.17
CA ASP A 340 -15.69 -12.19 9.55
C ASP A 340 -16.27 -13.40 10.27
N LEU A 341 -15.96 -14.60 9.78
CA LEU A 341 -16.46 -15.81 10.42
C LEU A 341 -15.96 -15.89 11.86
N VAL A 342 -14.67 -15.61 12.08
CA VAL A 342 -14.14 -15.67 13.43
C VAL A 342 -14.75 -14.60 14.31
N LYS A 343 -14.91 -13.38 13.78
CA LYS A 343 -15.51 -12.31 14.56
C LYS A 343 -16.92 -12.68 14.99
N ASN A 344 -17.70 -13.27 14.09
CA ASN A 344 -19.02 -13.75 14.48
C ASN A 344 -18.91 -14.88 15.50
N CYS A 345 -17.98 -15.83 15.28
CA CYS A 345 -17.82 -16.93 16.20
C CYS A 345 -17.60 -16.45 17.62
N LEU A 346 -16.94 -15.30 17.76
CA LEU A 346 -16.80 -14.72 19.09
C LEU A 346 -18.16 -14.42 19.72
N ARG A 347 -19.21 -14.30 18.91
CA ARG A 347 -20.54 -13.95 19.41
C ARG A 347 -21.53 -15.10 19.37
N MET A 348 -21.09 -16.31 19.01
CA MET A 348 -21.96 -17.48 19.00
C MET A 348 -21.77 -18.36 20.23
N ARG A 349 -21.09 -17.87 21.25
CA ARG A 349 -20.94 -18.60 22.50
C ARG A 349 -20.28 -19.97 22.27
N PRO A 350 -19.15 -20.04 21.58
CA PRO A 350 -18.45 -21.33 21.44
C PRO A 350 -17.45 -21.55 22.55
N GLU A 351 -17.04 -22.81 22.71
CA GLU A 351 -15.94 -23.14 23.59
C GLU A 351 -14.62 -23.16 22.82
N ARG A 352 -14.62 -23.79 21.66
CA ARG A 352 -13.45 -23.86 20.79
C ARG A 352 -13.82 -23.34 19.42
N ILE A 353 -12.92 -22.55 18.84
CA ILE A 353 -13.03 -22.11 17.45
C ILE A 353 -11.94 -22.80 16.67
N ILE A 354 -12.31 -23.52 15.62
CA ILE A 354 -11.37 -24.29 14.82
C ILE A 354 -11.35 -23.70 13.42
N VAL A 355 -10.23 -23.06 13.07
CA VAL A 355 -10.08 -22.42 11.77
C VAL A 355 -9.44 -23.43 10.83
N GLY A 356 -10.08 -23.64 9.67
CA GLY A 356 -9.59 -24.63 8.74
C GLY A 356 -8.19 -24.35 8.25
N GLU A 357 -7.83 -23.07 8.12
CA GLU A 357 -6.47 -22.69 7.81
C GLU A 357 -6.28 -21.20 8.00
N VAL A 358 -5.25 -20.80 8.74
CA VAL A 358 -4.96 -19.40 8.98
C VAL A 358 -4.02 -18.91 7.89
N ARG A 359 -4.48 -17.94 7.10
CA ARG A 359 -3.64 -17.39 6.05
C ARG A 359 -3.79 -15.88 5.89
N GLY A 360 -4.50 -15.20 6.78
CA GLY A 360 -4.74 -13.79 6.63
C GLY A 360 -4.91 -13.08 7.96
N PRO A 361 -5.64 -11.96 7.95
CA PRO A 361 -5.85 -11.22 9.19
C PRO A 361 -6.53 -12.03 10.27
N GLU A 362 -7.30 -13.06 9.91
CA GLU A 362 -8.04 -13.80 10.93
C GLU A 362 -7.13 -14.29 12.03
N ALA A 363 -5.87 -14.57 11.70
CA ALA A 363 -4.88 -14.94 12.72
C ALA A 363 -5.06 -14.08 13.95
N PHE A 364 -4.93 -12.76 13.77
CA PHE A 364 -5.11 -11.85 14.90
C PHE A 364 -6.36 -12.19 15.68
N ASP A 365 -7.52 -12.14 15.02
CA ASP A 365 -8.77 -12.45 15.70
C ASP A 365 -8.69 -13.81 16.38
N LEU A 366 -8.20 -14.82 15.65
CA LEU A 366 -8.09 -16.15 16.24
C LEU A 366 -7.28 -16.09 17.52
N LEU A 367 -6.14 -15.41 17.48
CA LEU A 367 -5.31 -15.32 18.68
C LEU A 367 -6.09 -14.63 19.79
N GLN A 368 -6.80 -13.55 19.46
CA GLN A 368 -7.65 -12.92 20.47
C GLN A 368 -8.61 -13.94 21.06
N ALA A 369 -9.23 -14.74 20.19
CA ALA A 369 -10.13 -15.78 20.70
C ALA A 369 -9.40 -16.72 21.63
N MET A 370 -8.17 -17.10 21.29
CA MET A 370 -7.41 -17.99 22.16
C MET A 370 -7.13 -17.32 23.50
N ASN A 371 -6.99 -16.00 23.50
CA ASN A 371 -6.55 -15.26 24.68
C ASN A 371 -7.69 -14.60 25.43
N THR A 372 -8.94 -14.82 25.04
CA THR A 372 -10.08 -14.21 25.70
C THR A 372 -11.18 -15.22 25.91
N GLY A 373 -10.83 -16.38 26.44
CA GLY A 373 -11.80 -17.32 26.97
C GLY A 373 -12.15 -18.48 26.08
N HIS A 374 -11.79 -18.44 24.81
CA HIS A 374 -12.06 -19.57 23.91
C HIS A 374 -10.87 -20.50 23.84
N ASP A 375 -10.48 -21.00 25.01
CA ASP A 375 -9.36 -21.90 25.11
C ASP A 375 -9.65 -23.18 24.34
N GLY A 376 -8.59 -23.75 23.76
CA GLY A 376 -8.72 -24.91 22.93
C GLY A 376 -8.88 -24.61 21.46
N SER A 377 -9.03 -23.35 21.08
CA SER A 377 -9.13 -23.01 19.67
C SER A 377 -7.91 -23.52 18.93
N MET A 378 -8.15 -24.26 17.86
CA MET A 378 -7.08 -24.81 17.04
C MET A 378 -7.12 -24.17 15.66
N GLY A 379 -5.94 -23.93 15.11
CA GLY A 379 -5.82 -23.52 13.73
C GLY A 379 -4.68 -24.28 13.08
N THR A 380 -4.68 -24.29 11.77
CA THR A 380 -3.61 -24.90 11.01
C THR A 380 -2.99 -23.86 10.09
N LEU A 381 -1.67 -23.92 9.97
CA LEU A 381 -0.89 -22.87 9.33
C LEU A 381 0.10 -23.51 8.38
N HIS A 382 0.50 -22.75 7.37
CA HIS A 382 1.49 -23.22 6.40
C HIS A 382 2.86 -22.72 6.83
N ALA A 383 3.69 -23.62 7.34
CA ALA A 383 5.04 -23.29 7.76
C ALA A 383 5.82 -24.57 7.90
N ASN A 384 7.11 -24.49 7.62
CA ASN A 384 7.97 -25.68 7.62
C ASN A 384 8.68 -25.90 8.95
N SER A 385 8.51 -25.01 9.92
CA SER A 385 9.10 -25.21 11.24
C SER A 385 8.37 -24.34 12.23
N PRO A 386 8.35 -24.71 13.51
CA PRO A 386 7.65 -23.85 14.49
C PRO A 386 8.17 -22.43 14.51
N ARG A 387 9.47 -22.21 14.35
CA ARG A 387 9.97 -20.84 14.27
C ARG A 387 9.37 -20.11 13.09
N GLU A 388 9.34 -20.77 11.92
CA GLU A 388 8.72 -20.16 10.76
C GLU A 388 7.22 -19.98 10.97
N ALA A 389 6.58 -20.89 11.70
CA ALA A 389 5.17 -20.72 11.99
C ALA A 389 4.93 -19.46 12.82
N ILE A 390 5.76 -19.25 13.85
CA ILE A 390 5.61 -18.06 14.68
C ILE A 390 5.84 -16.81 13.85
N SER A 391 6.88 -16.82 13.02
CA SER A 391 7.15 -15.66 12.18
C SER A 391 6.00 -15.40 11.23
N ARG A 392 5.45 -16.45 10.64
CA ARG A 392 4.32 -16.30 9.73
C ARG A 392 3.12 -15.70 10.44
N ILE A 393 2.82 -16.20 11.65
CA ILE A 393 1.70 -15.64 12.41
C ILE A 393 1.93 -14.17 12.69
N GLU A 394 3.15 -13.82 13.08
CA GLU A 394 3.46 -12.42 13.36
C GLU A 394 3.23 -11.57 12.11
N SER A 395 3.67 -12.07 10.96
CA SER A 395 3.47 -11.32 9.72
C SER A 395 1.99 -11.16 9.41
N MET A 396 1.21 -12.24 9.58
CA MET A 396 -0.21 -12.16 9.27
C MET A 396 -0.90 -11.14 10.15
N ILE A 397 -0.55 -11.11 11.44
CA ILE A 397 -1.08 -10.07 12.31
C ILE A 397 -0.63 -8.70 11.80
N THR A 398 0.64 -8.59 11.41
CA THR A 398 1.18 -7.29 10.99
C THR A 398 0.39 -6.72 9.82
N MET A 399 0.18 -7.50 8.78
CA MET A 399 -0.50 -6.98 7.61
C MET A 399 -2.01 -6.91 7.80
N GLY A 400 -2.52 -7.43 8.91
CA GLY A 400 -3.95 -7.45 9.14
C GLY A 400 -4.52 -6.10 9.51
N GLY A 401 -4.20 -5.08 8.72
CA GLY A 401 -4.78 -3.76 8.91
C GLY A 401 -4.21 -3.03 10.10
N TYR A 402 -4.53 -3.51 11.31
CA TYR A 402 -4.13 -2.82 12.51
C TYR A 402 -2.62 -2.66 12.58
N GLY A 403 -2.18 -1.45 12.90
CA GLY A 403 -0.76 -1.20 13.10
C GLY A 403 -0.38 -1.38 14.56
N LEU A 404 0.38 -2.42 14.85
CA LEU A 404 0.79 -2.72 16.21
C LEU A 404 2.31 -2.84 16.28
N PRO A 405 2.90 -2.57 17.44
CA PRO A 405 4.33 -2.83 17.60
C PRO A 405 4.65 -4.30 17.42
N SER A 406 5.85 -4.57 16.92
CA SER A 406 6.27 -5.96 16.75
C SER A 406 6.25 -6.69 18.07
N LYS A 407 6.73 -6.05 19.14
CA LYS A 407 6.70 -6.67 20.45
C LYS A 407 5.28 -6.92 20.93
N THR A 408 4.35 -6.02 20.61
CA THR A 408 2.96 -6.25 20.95
C THR A 408 2.46 -7.55 20.32
N ILE A 409 2.71 -7.72 19.03
CA ILE A 409 2.27 -8.93 18.35
C ILE A 409 2.97 -10.15 18.93
N LYS A 410 4.26 -10.02 19.24
CA LYS A 410 4.99 -11.16 19.77
C LYS A 410 4.43 -11.61 21.10
N GLU A 411 4.15 -10.67 22.00
CA GLU A 411 3.61 -11.09 23.29
C GLU A 411 2.17 -11.53 23.18
N MET A 412 1.42 -11.00 22.22
CA MET A 412 0.09 -11.55 21.95
C MET A 412 0.19 -13.01 21.52
N ILE A 413 1.13 -13.32 20.63
CA ILE A 413 1.32 -14.70 20.20
C ILE A 413 1.72 -15.57 21.38
N VAL A 414 2.64 -15.08 22.21
CA VAL A 414 3.10 -15.87 23.35
C VAL A 414 1.95 -16.16 24.28
N GLY A 415 1.12 -15.16 24.57
CA GLY A 415 -0.01 -15.38 25.45
C GLY A 415 -1.05 -16.31 24.87
N SER A 416 -1.29 -16.20 23.57
CA SER A 416 -2.38 -16.96 22.95
C SER A 416 -1.97 -18.41 22.70
N VAL A 417 -0.96 -18.63 21.86
CA VAL A 417 -0.63 -19.98 21.41
C VAL A 417 0.07 -20.72 22.54
N ASP A 418 -0.35 -21.97 22.76
CA ASP A 418 0.23 -22.82 23.80
C ASP A 418 1.14 -23.89 23.22
N VAL A 419 0.72 -24.52 22.13
CA VAL A 419 1.47 -25.62 21.53
C VAL A 419 1.51 -25.43 20.02
N ILE A 420 2.59 -25.90 19.41
CA ILE A 420 2.73 -25.93 17.96
C ILE A 420 3.11 -27.34 17.57
N ILE A 421 2.38 -27.90 16.61
CA ILE A 421 2.64 -29.25 16.10
C ILE A 421 3.06 -29.11 14.65
N GLN A 422 4.23 -29.65 14.32
CA GLN A 422 4.84 -29.49 13.00
C GLN A 422 4.68 -30.79 12.23
N ALA A 423 3.61 -30.86 11.44
CA ALA A 423 3.51 -31.92 10.46
C ALA A 423 4.48 -31.63 9.32
N ALA A 424 5.19 -32.65 8.88
CA ALA A 424 6.19 -32.45 7.84
C ALA A 424 6.24 -33.66 6.93
N ARG A 425 6.74 -33.43 5.72
CA ARG A 425 6.95 -34.48 4.73
C ARG A 425 8.46 -34.67 4.57
N LEU A 426 8.90 -35.92 4.62
CA LEU A 426 10.32 -36.22 4.58
C LEU A 426 10.80 -36.37 3.15
N ARG A 427 12.11 -36.48 3.00
CA ARG A 427 12.71 -36.54 1.66
C ARG A 427 12.22 -37.73 0.86
N ASP A 428 11.73 -38.78 1.52
CA ASP A 428 11.20 -39.94 0.83
C ASP A 428 9.72 -39.81 0.52
N GLY A 429 9.11 -38.68 0.84
CA GLY A 429 7.70 -38.48 0.61
C GLY A 429 6.81 -38.91 1.75
N SER A 430 7.35 -39.60 2.75
CA SER A 430 6.57 -39.98 3.91
C SER A 430 6.26 -38.75 4.76
N ARG A 431 5.30 -38.92 5.66
CA ARG A 431 4.85 -37.83 6.51
C ARG A 431 5.08 -38.18 7.97
N ARG A 432 5.44 -37.17 8.75
CA ARG A 432 5.75 -37.36 10.16
C ARG A 432 5.29 -36.12 10.93
N ILE A 433 5.16 -36.28 12.24
CA ILE A 433 4.94 -35.16 13.14
C ILE A 433 6.29 -34.85 13.75
N THR A 434 7.01 -33.91 13.12
CA THR A 434 8.40 -33.70 13.47
C THR A 434 8.56 -33.04 14.84
N HIS A 435 7.75 -32.03 15.14
CA HIS A 435 7.90 -31.27 16.37
C HIS A 435 6.58 -31.19 17.11
N ILE A 436 6.66 -31.35 18.43
CA ILE A 436 5.63 -30.89 19.35
C ILE A 436 6.34 -29.92 20.28
N THR A 437 5.94 -28.65 20.22
CA THR A 437 6.70 -27.56 20.79
C THR A 437 5.81 -26.69 21.65
N GLU A 438 6.39 -26.13 22.71
CA GLU A 438 5.71 -25.22 23.61
C GLU A 438 6.25 -23.82 23.42
N VAL A 439 5.35 -22.83 23.40
CA VAL A 439 5.74 -21.43 23.31
C VAL A 439 6.05 -20.98 24.74
N VAL A 440 7.32 -21.08 25.12
CA VAL A 440 7.70 -20.87 26.52
C VAL A 440 7.44 -19.43 26.95
N GLY A 441 7.87 -18.47 26.14
CA GLY A 441 7.70 -17.09 26.52
C GLY A 441 8.37 -16.15 25.53
N LEU A 442 8.60 -14.92 25.99
CA LEU A 442 9.24 -13.88 25.18
C LEU A 442 10.41 -13.32 25.97
N GLU A 443 11.61 -13.37 25.40
CA GLU A 443 12.79 -12.77 25.99
C GLU A 443 13.24 -11.63 25.10
N GLY A 444 13.18 -10.41 25.63
CA GLY A 444 13.47 -9.25 24.82
C GLY A 444 12.50 -9.15 23.66
N ASP A 445 12.99 -9.43 22.45
CA ASP A 445 12.16 -9.45 21.26
C ASP A 445 12.23 -10.80 20.54
N VAL A 446 12.64 -11.86 21.24
CA VAL A 446 12.76 -13.19 20.67
C VAL A 446 11.82 -14.12 21.41
N ILE A 447 10.96 -14.81 20.68
CA ILE A 447 10.05 -15.77 21.29
C ILE A 447 10.81 -17.05 21.56
N VAL A 448 10.84 -17.48 22.81
CA VAL A 448 11.55 -18.68 23.22
C VAL A 448 10.54 -19.82 23.33
N THR A 449 10.85 -20.94 22.68
CA THR A 449 10.01 -22.11 22.65
C THR A 449 10.84 -23.32 23.05
N GLN A 450 10.16 -24.34 23.56
CA GLN A 450 10.80 -25.59 23.94
C GLN A 450 10.10 -26.75 23.25
N ASP A 451 10.88 -27.69 22.73
CA ASP A 451 10.34 -28.82 21.99
C ASP A 451 10.09 -29.96 22.96
N LEU A 452 8.82 -30.33 23.13
CA LEU A 452 8.50 -31.49 23.95
C LEU A 452 8.83 -32.79 23.21
N PHE A 453 8.60 -32.82 21.91
CA PHE A 453 8.87 -34.00 21.10
C PHE A 453 9.57 -33.59 19.83
N VAL A 454 10.59 -34.35 19.43
CA VAL A 454 11.33 -34.07 18.21
C VAL A 454 11.60 -35.38 17.48
N TYR A 455 11.51 -35.34 16.16
CA TYR A 455 11.80 -36.48 15.30
C TYR A 455 13.21 -36.36 14.79
N GLU A 456 14.06 -37.31 15.17
CA GLU A 456 15.46 -37.35 14.74
C GLU A 456 15.59 -38.37 13.62
N ILE A 457 16.13 -37.95 12.49
CA ILE A 457 16.39 -38.84 11.37
C ILE A 457 17.78 -39.43 11.54
N THR A 458 17.87 -40.76 11.55
CA THR A 458 19.12 -41.44 11.87
C THR A 458 19.71 -42.18 10.69
N GLY A 459 19.14 -42.05 9.50
CA GLY A 459 19.73 -42.69 8.34
C GLY A 459 18.67 -42.98 7.29
N GLU A 460 18.88 -44.08 6.58
CA GLU A 460 18.04 -44.47 5.47
C GLU A 460 18.09 -45.98 5.32
N ASP A 461 17.00 -46.56 4.83
CA ASP A 461 16.91 -48.01 4.69
C ASP A 461 17.33 -48.43 3.29
N GLU A 462 17.24 -49.73 3.02
CA GLU A 462 17.67 -50.25 1.73
C GLU A 462 16.70 -49.87 0.61
N HIS A 463 15.44 -49.63 0.94
CA HIS A 463 14.43 -49.29 -0.05
C HIS A 463 14.35 -47.79 -0.30
N GLY A 464 15.22 -47.00 0.33
CA GLY A 464 15.19 -45.57 0.15
C GLY A 464 14.33 -44.81 1.12
N LYS A 465 13.58 -45.50 1.98
CA LYS A 465 12.71 -44.83 2.93
C LYS A 465 13.52 -44.25 4.09
N VAL A 466 13.18 -43.03 4.48
CA VAL A 466 13.88 -42.39 5.59
C VAL A 466 13.63 -43.19 6.86
N VAL A 467 14.61 -43.17 7.76
CA VAL A 467 14.53 -43.87 9.03
C VAL A 467 14.81 -42.88 10.14
N GLY A 468 13.96 -42.88 11.16
CA GLY A 468 14.14 -41.98 12.28
C GLY A 468 13.33 -42.45 13.47
N LYS A 469 13.29 -41.61 14.49
CA LYS A 469 12.53 -41.94 15.69
C LYS A 469 12.13 -40.66 16.40
N HIS A 470 10.99 -40.73 17.09
CA HIS A 470 10.51 -39.63 17.90
C HIS A 470 11.07 -39.78 19.31
N ARG A 471 11.62 -38.70 19.84
CA ARG A 471 12.17 -38.69 21.19
C ARG A 471 11.64 -37.48 21.94
N SER A 472 11.36 -37.69 23.22
CA SER A 472 10.95 -36.61 24.10
C SER A 472 12.18 -35.86 24.59
N THR A 473 12.09 -34.53 24.62
CA THR A 473 13.20 -33.73 25.12
C THR A 473 13.43 -33.93 26.61
N GLY A 474 12.52 -34.58 27.31
CA GLY A 474 12.67 -34.82 28.73
C GLY A 474 12.08 -33.75 29.62
N ILE A 475 11.42 -32.76 29.06
CA ILE A 475 10.79 -31.71 29.87
C ILE A 475 9.63 -32.34 30.62
N ALA A 476 9.79 -32.51 31.94
CA ALA A 476 8.77 -33.15 32.74
C ALA A 476 7.57 -32.24 33.05
N ARG A 477 7.77 -30.92 33.02
CA ARG A 477 6.73 -29.96 33.40
C ARG A 477 6.56 -28.94 32.28
N PRO A 478 5.86 -29.31 31.21
CA PRO A 478 5.62 -28.35 30.14
C PRO A 478 4.76 -27.19 30.61
N ARG A 479 4.88 -26.06 29.89
CA ARG A 479 4.20 -24.85 30.30
C ARG A 479 2.71 -25.09 30.51
N PHE A 480 2.11 -25.97 29.71
CA PHE A 480 0.69 -26.25 29.81
C PHE A 480 0.36 -27.28 30.88
N TRP A 481 1.34 -27.67 31.71
CA TRP A 481 1.08 -28.66 32.74
C TRP A 481 -0.13 -28.28 33.58
N ASP A 482 -0.25 -27.00 33.93
CA ASP A 482 -1.39 -26.55 34.73
C ASP A 482 -2.69 -26.97 34.10
N ARG A 483 -2.84 -26.73 32.79
CA ARG A 483 -4.06 -27.14 32.10
C ARG A 483 -4.33 -28.62 32.33
N ALA A 484 -3.30 -29.45 32.17
CA ALA A 484 -3.47 -30.88 32.43
C ALA A 484 -4.00 -31.10 33.84
N ARG A 485 -3.39 -30.43 34.83
CA ARG A 485 -3.88 -30.56 36.20
C ARG A 485 -5.35 -30.18 36.27
N TYR A 486 -5.74 -29.11 35.58
CA TYR A 486 -7.12 -28.66 35.62
C TYR A 486 -8.09 -29.76 35.18
N TYR A 487 -7.62 -30.69 34.36
CA TYR A 487 -8.48 -31.75 33.82
C TYR A 487 -8.09 -33.13 34.34
N GLY A 488 -7.20 -33.20 35.31
CA GLY A 488 -6.79 -34.49 35.84
C GLY A 488 -5.98 -35.32 34.87
N LEU A 489 -5.43 -34.71 33.83
CA LEU A 489 -4.62 -35.41 32.85
C LEU A 489 -3.13 -35.31 33.15
N GLU A 490 -2.74 -34.66 34.23
CA GLU A 490 -1.32 -34.48 34.51
C GLU A 490 -0.62 -35.82 34.71
N ARG A 491 -1.31 -36.78 35.31
CA ARG A 491 -0.71 -38.11 35.45
C ARG A 491 -0.37 -38.71 34.09
N GLU A 492 -1.29 -38.60 33.13
CA GLU A 492 -1.05 -39.20 31.83
C GLU A 492 0.03 -38.43 31.08
N LEU A 493 0.06 -37.11 31.23
CA LEU A 493 1.11 -36.32 30.60
C LEU A 493 2.47 -36.73 31.13
N ALA A 494 2.59 -36.89 32.45
CA ALA A 494 3.87 -37.31 33.02
C ALA A 494 4.25 -38.69 32.53
N GLU A 495 3.30 -39.62 32.51
CA GLU A 495 3.59 -40.98 32.05
C GLU A 495 4.09 -40.96 30.62
N ALA A 496 3.40 -40.23 29.75
CA ALA A 496 3.81 -40.19 28.34
C ALA A 496 5.17 -39.53 28.18
N LEU A 497 5.40 -38.41 28.88
CA LEU A 497 6.68 -37.71 28.74
C LEU A 497 7.83 -38.55 29.27
N ASP A 498 7.56 -39.43 30.24
CA ASP A 498 8.61 -40.29 30.78
C ASP A 498 8.83 -41.55 29.95
N ALA A 499 7.78 -42.11 29.35
CA ALA A 499 7.89 -43.38 28.67
C ALA A 499 8.60 -43.29 27.32
N ALA A 500 8.85 -42.08 26.82
CA ALA A 500 9.50 -41.88 25.53
C ALA A 500 10.63 -40.86 25.67
N GLU A 501 11.45 -41.02 26.70
CA GLU A 501 12.59 -40.14 26.90
C GLU A 501 13.74 -40.53 25.98
N ASP B 80 -47.74 -40.39 16.59
CA ASP B 80 -47.98 -40.59 15.18
C ASP B 80 -49.32 -39.99 14.76
N TYR B 81 -50.40 -40.43 15.42
CA TYR B 81 -51.72 -39.90 15.10
C TYR B 81 -51.77 -38.39 15.31
N TYR B 82 -51.24 -37.92 16.44
CA TYR B 82 -51.19 -36.48 16.67
C TYR B 82 -50.33 -35.78 15.63
N HIS B 83 -49.17 -36.36 15.32
CA HIS B 83 -48.29 -35.75 14.33
C HIS B 83 -48.94 -35.73 12.94
N ALA B 84 -49.59 -36.84 12.55
CA ALA B 84 -50.26 -36.88 11.26
C ALA B 84 -51.39 -35.87 11.20
N THR B 85 -52.19 -35.77 12.26
CA THR B 85 -53.27 -34.80 12.29
C THR B 85 -52.71 -33.37 12.20
N LYS B 86 -51.63 -33.10 12.91
CA LYS B 86 -51.02 -31.78 12.85
C LYS B 86 -50.53 -31.46 11.45
N THR B 87 -49.88 -32.43 10.79
CA THR B 87 -49.39 -32.19 9.44
C THR B 87 -50.55 -31.93 8.48
N THR B 88 -51.62 -32.73 8.58
CA THR B 88 -52.77 -32.53 7.71
C THR B 88 -53.41 -31.17 7.95
N ILE B 89 -53.56 -30.78 9.22
CA ILE B 89 -54.15 -29.49 9.54
C ILE B 89 -53.28 -28.35 9.02
N PHE B 90 -51.96 -28.48 9.15
CA PHE B 90 -51.06 -27.45 8.64
C PHE B 90 -51.17 -27.34 7.13
N ASN B 91 -51.22 -28.47 6.44
CA ASN B 91 -51.38 -28.43 4.98
C ASN B 91 -52.69 -27.77 4.59
N ALA B 92 -53.77 -28.12 5.28
CA ALA B 92 -55.08 -27.54 4.99
C ALA B 92 -55.07 -26.04 5.22
N LEU B 93 -54.47 -25.60 6.34
CA LEU B 93 -54.42 -24.18 6.62
C LEU B 93 -53.58 -23.44 5.59
N LEU B 94 -52.45 -24.02 5.18
CA LEU B 94 -51.62 -23.39 4.16
C LEU B 94 -52.39 -23.25 2.85
N ASN B 95 -53.13 -24.29 2.48
CA ASN B 95 -53.94 -24.22 1.27
C ASN B 95 -55.17 -23.33 1.42
N THR B 96 -55.55 -22.99 2.65
CA THR B 96 -56.79 -22.25 2.90
C THR B 96 -56.54 -20.74 2.98
N ILE B 97 -55.72 -20.31 3.93
CA ILE B 97 -55.52 -18.90 4.22
C ILE B 97 -54.20 -18.44 3.62
N ASP B 98 -54.23 -17.33 2.88
CA ASP B 98 -53.02 -16.78 2.30
C ASP B 98 -52.12 -16.21 3.39
N LEU B 99 -50.81 -16.49 3.28
CA LEU B 99 -49.87 -16.01 4.28
C LEU B 99 -49.81 -14.49 4.31
N SER B 100 -49.80 -13.85 3.14
CA SER B 100 -49.69 -12.40 3.09
C SER B 100 -50.90 -11.73 3.76
N GLN B 101 -52.10 -12.25 3.51
CA GLN B 101 -53.29 -11.68 4.12
C GLN B 101 -53.23 -11.78 5.63
N LEU B 102 -52.81 -12.93 6.15
CA LEU B 102 -52.66 -13.08 7.60
C LEU B 102 -51.61 -12.12 8.14
N ALA B 103 -50.49 -11.98 7.44
CA ALA B 103 -49.47 -11.03 7.87
C ALA B 103 -50.02 -9.62 7.93
N GLN B 104 -50.90 -9.26 6.99
CA GLN B 104 -51.52 -7.94 7.03
C GLN B 104 -52.35 -7.78 8.30
N LEU B 105 -53.09 -8.82 8.69
CA LEU B 105 -53.92 -8.75 9.86
C LEU B 105 -53.08 -8.71 11.14
N ASP B 106 -53.68 -8.18 12.20
CA ASP B 106 -52.99 -8.08 13.47
C ASP B 106 -52.84 -9.46 14.12
N LEU B 107 -52.03 -9.51 15.18
CA LEU B 107 -51.76 -10.78 15.83
C LEU B 107 -53.02 -11.41 16.40
N LYS B 108 -53.85 -10.61 17.09
CA LYS B 108 -55.05 -11.15 17.72
C LYS B 108 -56.05 -11.63 16.68
N GLN B 109 -56.34 -10.79 15.69
CA GLN B 109 -57.31 -11.17 14.66
C GLN B 109 -56.80 -12.36 13.86
N ALA B 110 -55.51 -12.36 13.50
CA ALA B 110 -54.95 -13.47 12.76
C ALA B 110 -55.03 -14.76 13.56
N GLY B 111 -54.71 -14.69 14.86
CA GLY B 111 -54.79 -15.88 15.70
C GLY B 111 -56.21 -16.41 15.82
N GLU B 112 -57.17 -15.51 16.01
CA GLU B 112 -58.57 -15.93 16.11
C GLU B 112 -59.03 -16.58 14.82
N GLU B 113 -58.71 -15.97 13.68
CA GLU B 113 -59.10 -16.55 12.40
C GLU B 113 -58.44 -17.90 12.18
N ILE B 114 -57.16 -18.02 12.54
CA ILE B 114 -56.45 -19.29 12.37
C ILE B 114 -57.08 -20.35 13.26
N ARG B 115 -57.42 -20.01 14.50
CA ARG B 115 -58.04 -20.98 15.39
C ARG B 115 -59.39 -21.44 14.85
N ASP B 116 -60.19 -20.50 14.36
CA ASP B 116 -61.48 -20.86 13.79
C ASP B 116 -61.32 -21.76 12.57
N ILE B 117 -60.37 -21.43 11.70
CA ILE B 117 -60.15 -22.24 10.49
C ILE B 117 -59.66 -23.62 10.87
N VAL B 118 -58.78 -23.72 11.87
CA VAL B 118 -58.27 -25.02 12.29
C VAL B 118 -59.38 -25.86 12.89
N ALA B 119 -60.25 -25.25 13.70
CA ALA B 119 -61.37 -25.98 14.27
C ALA B 119 -62.31 -26.48 13.16
N GLU B 120 -62.60 -25.63 12.18
CA GLU B 120 -63.46 -26.05 11.08
C GLU B 120 -62.82 -27.18 10.28
N LEU B 121 -61.51 -27.09 10.03
CA LEU B 121 -60.82 -28.15 9.30
C LEU B 121 -60.83 -29.45 10.08
N VAL B 122 -60.63 -29.38 11.40
CA VAL B 122 -60.68 -30.59 12.21
C VAL B 122 -62.07 -31.22 12.17
N ALA B 123 -63.10 -30.38 12.26
CA ALA B 123 -64.46 -30.90 12.17
C ALA B 123 -64.72 -31.56 10.82
N ILE B 124 -64.26 -30.92 9.74
CA ILE B 124 -64.46 -31.49 8.41
C ILE B 124 -63.73 -32.82 8.27
N LYS B 125 -62.49 -32.89 8.77
CA LYS B 125 -61.71 -34.12 8.69
C LYS B 125 -62.25 -35.22 9.58
N ASN B 126 -63.19 -34.91 10.48
CA ASN B 126 -63.76 -35.92 11.38
C ASN B 126 -62.67 -36.56 12.24
N VAL B 127 -61.71 -35.74 12.68
CA VAL B 127 -60.62 -36.20 13.52
C VAL B 127 -61.07 -36.09 14.97
N SER B 128 -60.97 -37.20 15.71
CA SER B 128 -61.40 -37.27 17.09
C SER B 128 -60.20 -37.02 17.99
N MET B 129 -60.29 -36.00 18.84
CA MET B 129 -59.22 -35.67 19.77
C MET B 129 -59.82 -34.97 20.98
N SER B 130 -59.07 -34.99 22.08
CA SER B 130 -59.52 -34.35 23.30
C SER B 130 -59.49 -32.82 23.13
N VAL B 131 -60.28 -32.15 23.96
CA VAL B 131 -60.33 -30.69 23.92
C VAL B 131 -58.96 -30.11 24.21
N ALA B 132 -58.28 -30.64 25.22
CA ALA B 132 -56.93 -30.17 25.54
C ALA B 132 -55.98 -30.43 24.38
N GLU B 133 -56.06 -31.62 23.78
CA GLU B 133 -55.20 -31.92 22.63
C GLU B 133 -55.50 -31.00 21.46
N GLN B 134 -56.79 -30.74 21.20
CA GLN B 134 -57.14 -29.84 20.11
C GLN B 134 -56.62 -28.43 20.36
N GLU B 135 -56.75 -27.96 21.60
CA GLU B 135 -56.23 -26.62 21.93
C GLU B 135 -54.72 -26.57 21.77
N HIS B 136 -54.01 -27.60 22.22
CA HIS B 136 -52.56 -27.62 22.07
C HIS B 136 -52.17 -27.62 20.59
N LEU B 137 -52.85 -28.42 19.77
CA LEU B 137 -52.56 -28.45 18.35
C LEU B 137 -52.83 -27.10 17.71
N VAL B 138 -53.93 -26.44 18.09
CA VAL B 138 -54.26 -25.13 17.54
C VAL B 138 -53.19 -24.12 17.93
N GLN B 139 -52.75 -24.15 19.19
CA GLN B 139 -51.71 -23.22 19.62
C GLN B 139 -50.41 -23.47 18.87
N ASP B 140 -50.04 -24.74 18.69
CA ASP B 140 -48.82 -25.04 17.94
C ASP B 140 -48.92 -24.56 16.50
N ILE B 141 -50.08 -24.78 15.87
CA ILE B 141 -50.27 -24.33 14.49
C ILE B 141 -50.18 -22.81 14.40
N ILE B 142 -50.79 -22.11 15.36
CA ILE B 142 -50.73 -20.65 15.35
C ILE B 142 -49.29 -20.19 15.53
N ASN B 143 -48.56 -20.80 16.45
CA ASN B 143 -47.16 -20.42 16.65
C ASN B 143 -46.35 -20.64 15.39
N ASP B 144 -46.55 -21.78 14.73
CA ASP B 144 -45.83 -22.05 13.49
C ASP B 144 -46.18 -21.02 12.42
N VAL B 145 -47.46 -20.68 12.30
CA VAL B 145 -47.89 -19.71 11.30
C VAL B 145 -47.37 -18.32 11.63
N LEU B 146 -47.51 -17.91 12.89
CA LEU B 146 -47.16 -16.56 13.32
C LEU B 146 -46.00 -16.54 14.31
N GLY B 147 -46.08 -17.33 15.38
CA GLY B 147 -45.04 -17.34 16.38
C GLY B 147 -43.73 -17.92 15.88
N TYR B 148 -42.87 -18.34 16.80
CA TYR B 148 -41.56 -18.91 16.46
C TYR B 148 -41.57 -20.43 16.49
N GLY B 149 -42.72 -21.04 16.21
CA GLY B 149 -42.81 -22.47 16.14
C GLY B 149 -42.36 -23.14 17.41
N PRO B 150 -41.70 -24.29 17.31
CA PRO B 150 -41.30 -25.02 18.53
C PRO B 150 -40.34 -24.24 19.40
N LEU B 151 -39.70 -23.21 18.85
CA LEU B 151 -38.82 -22.36 19.65
C LEU B 151 -39.57 -21.61 20.73
N GLU B 152 -40.89 -21.47 20.60
CA GLU B 152 -41.63 -20.63 21.53
C GLU B 152 -41.53 -21.11 22.97
N PRO B 153 -41.81 -22.36 23.30
CA PRO B 153 -41.73 -22.77 24.71
C PRO B 153 -40.37 -22.51 25.33
N LEU B 154 -39.29 -22.76 24.58
CA LEU B 154 -37.96 -22.54 25.14
C LEU B 154 -37.77 -21.09 25.56
N LEU B 155 -38.24 -20.15 24.74
CA LEU B 155 -38.18 -18.75 25.13
C LEU B 155 -38.99 -18.50 26.39
N ALA B 156 -40.16 -19.14 26.50
CA ALA B 156 -41.02 -18.92 27.65
C ALA B 156 -40.32 -19.33 28.95
N ARG B 157 -39.65 -20.48 28.93
CA ARG B 157 -39.01 -20.98 30.15
C ARG B 157 -37.98 -19.99 30.66
N ASP B 158 -38.05 -19.68 31.95
CA ASP B 158 -37.10 -18.76 32.56
C ASP B 158 -35.74 -19.43 32.76
N ASP B 159 -35.74 -20.68 33.22
CA ASP B 159 -34.49 -21.34 33.55
C ASP B 159 -33.56 -21.48 32.35
N ILE B 160 -34.09 -21.44 31.14
CA ILE B 160 -33.27 -21.57 29.94
C ILE B 160 -32.56 -20.24 29.71
N ALA B 161 -31.23 -20.27 29.68
CA ALA B 161 -30.44 -19.06 29.50
C ALA B 161 -30.16 -18.80 28.03
N ASP B 162 -29.53 -19.75 27.35
CA ASP B 162 -29.18 -19.62 25.95
C ASP B 162 -29.83 -20.75 25.15
N ILE B 163 -30.18 -20.44 23.91
CA ILE B 163 -30.76 -21.40 22.98
C ILE B 163 -29.91 -21.39 21.72
N MET B 164 -29.35 -22.53 21.37
CA MET B 164 -28.45 -22.65 20.23
C MET B 164 -29.02 -23.68 19.28
N VAL B 165 -29.40 -23.26 18.08
CA VAL B 165 -29.95 -24.15 17.07
C VAL B 165 -28.93 -24.27 15.96
N ASN B 166 -28.36 -25.46 15.81
CA ASN B 166 -27.41 -25.75 14.72
C ASN B 166 -28.17 -26.58 13.70
N GLY B 167 -28.78 -25.92 12.74
CA GLY B 167 -29.61 -26.58 11.77
C GLY B 167 -30.98 -26.92 12.35
N ALA B 168 -31.86 -27.39 11.48
CA ALA B 168 -33.25 -27.60 11.86
C ALA B 168 -33.44 -28.80 12.77
N HIS B 169 -32.43 -29.63 12.99
CA HIS B 169 -32.60 -30.88 13.71
C HIS B 169 -31.94 -30.92 15.07
N ARG B 170 -31.11 -29.95 15.41
CA ARG B 170 -30.39 -29.93 16.67
C ARG B 170 -30.69 -28.63 17.41
N VAL B 171 -31.04 -28.74 18.68
CA VAL B 171 -31.39 -27.59 19.50
C VAL B 171 -30.84 -27.85 20.90
N PHE B 172 -29.85 -27.06 21.31
CA PHE B 172 -29.28 -27.13 22.64
C PHE B 172 -29.76 -25.95 23.48
N ILE B 173 -29.89 -26.18 24.78
CA ILE B 173 -30.30 -25.15 25.71
C ILE B 173 -29.30 -25.15 26.87
N GLU B 174 -28.97 -23.96 27.34
CA GLU B 174 -28.07 -23.82 28.49
C GLU B 174 -28.94 -23.68 29.73
N VAL B 175 -29.01 -24.73 30.51
CA VAL B 175 -29.80 -24.76 31.75
C VAL B 175 -28.84 -24.91 32.91
N GLY B 176 -29.03 -24.09 33.94
CA GLY B 176 -28.17 -24.18 35.12
C GLY B 176 -26.71 -24.01 34.81
N GLY B 177 -26.38 -23.30 33.74
CA GLY B 177 -25.00 -23.08 33.37
C GLY B 177 -24.37 -24.21 32.58
N LYS B 178 -25.12 -25.26 32.24
CA LYS B 178 -24.61 -26.38 31.46
C LYS B 178 -25.46 -26.55 30.22
N VAL B 179 -24.81 -26.80 29.09
CA VAL B 179 -25.51 -26.96 27.83
C VAL B 179 -26.00 -28.40 27.72
N GLN B 180 -27.20 -28.57 27.15
CA GLN B 180 -27.77 -29.89 27.00
C GLN B 180 -28.63 -29.94 25.76
N LEU B 181 -28.63 -31.09 25.09
CA LEU B 181 -29.46 -31.28 23.91
C LEU B 181 -30.92 -31.42 24.30
N THR B 182 -31.80 -31.05 23.38
CA THR B 182 -33.23 -31.11 23.60
C THR B 182 -33.91 -31.80 22.43
N ASN B 183 -35.06 -32.42 22.72
CA ASN B 183 -35.83 -33.09 21.69
C ASN B 183 -36.54 -32.13 20.75
N VAL B 184 -36.41 -30.82 20.97
CA VAL B 184 -37.05 -29.85 20.10
C VAL B 184 -36.42 -29.93 18.71
N ARG B 185 -37.26 -30.15 17.69
CA ARG B 185 -36.79 -30.25 16.33
C ARG B 185 -37.70 -29.43 15.42
N PHE B 186 -37.09 -28.74 14.47
CA PHE B 186 -37.85 -27.99 13.49
C PHE B 186 -38.27 -28.88 12.33
N ARG B 187 -39.28 -28.44 11.60
CA ARG B 187 -39.79 -29.23 10.48
C ARG B 187 -38.71 -29.43 9.42
N ASP B 188 -37.95 -28.38 9.12
CA ASP B 188 -36.92 -28.43 8.09
C ASP B 188 -36.07 -27.18 8.22
N ASN B 189 -35.09 -27.05 7.32
CA ASN B 189 -34.23 -25.87 7.34
C ASN B 189 -34.94 -24.65 6.80
N LEU B 190 -35.90 -24.82 5.89
CA LEU B 190 -36.63 -23.66 5.38
C LEU B 190 -37.47 -23.04 6.49
N GLN B 191 -38.15 -23.86 7.28
CA GLN B 191 -38.92 -23.34 8.41
C GLN B 191 -38.01 -22.63 9.39
N LEU B 192 -36.86 -23.21 9.69
CA LEU B 192 -35.93 -22.59 10.62
C LEU B 192 -35.45 -21.25 10.09
N MET B 193 -35.13 -21.17 8.80
CA MET B 193 -34.69 -19.91 8.22
C MET B 193 -35.80 -18.87 8.26
N ASN B 194 -37.04 -19.29 8.00
CA ASN B 194 -38.16 -18.36 8.09
C ASN B 194 -38.30 -17.82 9.51
N ILE B 195 -38.20 -18.70 10.50
CA ILE B 195 -38.33 -18.26 11.89
C ILE B 195 -37.21 -17.28 12.23
N CYS B 196 -35.99 -17.59 11.79
CA CYS B 196 -34.87 -16.69 12.06
C CYS B 196 -35.08 -15.34 11.40
N GLN B 197 -35.58 -15.34 10.16
CA GLN B 197 -35.83 -14.09 9.47
C GLN B 197 -36.88 -13.26 10.19
N ARG B 198 -37.95 -13.91 10.65
CA ARG B 198 -38.96 -13.19 11.42
C ARG B 198 -38.38 -12.61 12.70
N ILE B 199 -37.55 -13.39 13.38
CA ILE B 199 -36.96 -12.93 14.63
C ILE B 199 -36.10 -11.69 14.39
N VAL B 200 -35.26 -11.73 13.35
CA VAL B 200 -34.40 -10.57 13.10
C VAL B 200 -35.24 -9.37 12.65
N SER B 201 -36.25 -9.61 11.81
CA SER B 201 -37.09 -8.51 11.35
C SER B 201 -37.86 -7.87 12.50
N GLN B 202 -38.10 -8.63 13.58
CA GLN B 202 -38.80 -8.05 14.72
C GLN B 202 -38.09 -6.79 15.22
N VAL B 203 -36.77 -6.73 15.07
CA VAL B 203 -36.01 -5.54 15.42
C VAL B 203 -35.55 -4.78 14.17
N GLY B 204 -36.14 -5.08 13.01
CA GLY B 204 -35.86 -4.39 11.79
C GLY B 204 -34.72 -4.96 10.98
N ARG B 205 -33.87 -5.79 11.58
CA ARG B 205 -32.77 -6.38 10.84
C ARG B 205 -33.29 -7.49 9.91
N ARG B 206 -32.54 -7.73 8.84
CA ARG B 206 -32.92 -8.72 7.85
C ARG B 206 -31.70 -9.56 7.50
N VAL B 207 -31.87 -10.88 7.48
CA VAL B 207 -30.79 -11.82 7.20
C VAL B 207 -31.21 -12.67 6.00
N ASP B 208 -30.31 -12.80 5.04
CA ASP B 208 -30.56 -13.59 3.84
C ASP B 208 -29.22 -13.89 3.18
N GLU B 209 -29.27 -14.45 1.98
CA GLU B 209 -28.03 -14.79 1.27
C GLU B 209 -27.17 -13.55 1.04
N SER B 210 -27.81 -12.41 0.78
CA SER B 210 -27.04 -11.19 0.56
C SER B 210 -26.27 -10.79 1.81
N SER B 211 -26.90 -10.92 2.99
CA SER B 211 -26.29 -10.60 4.27
C SER B 211 -26.48 -11.80 5.19
N PRO B 212 -25.69 -12.86 5.00
CA PRO B 212 -25.94 -14.10 5.73
C PRO B 212 -25.78 -13.98 7.23
N ILE B 213 -25.01 -13.02 7.73
CA ILE B 213 -24.70 -12.88 9.14
C ILE B 213 -25.51 -11.73 9.70
N CYS B 214 -26.21 -11.96 10.81
CA CYS B 214 -27.01 -10.91 11.44
C CYS B 214 -26.91 -11.03 12.95
N ASP B 215 -26.35 -10.01 13.59
CA ASP B 215 -26.28 -9.91 15.03
C ASP B 215 -27.12 -8.73 15.49
N ALA B 216 -27.98 -8.95 16.46
CA ALA B 216 -28.92 -7.91 16.88
C ALA B 216 -29.28 -8.11 18.34
N ARG B 217 -29.89 -7.08 18.92
CA ARG B 217 -30.38 -7.14 20.29
C ARG B 217 -31.89 -6.96 20.28
N LEU B 218 -32.60 -7.93 20.83
CA LEU B 218 -34.05 -7.86 20.85
C LEU B 218 -34.51 -6.81 21.86
N PRO B 219 -35.74 -6.32 21.73
CA PRO B 219 -36.22 -5.31 22.68
C PRO B 219 -36.16 -5.77 24.11
N ASP B 220 -36.42 -7.04 24.37
CA ASP B 220 -36.40 -7.57 25.73
C ASP B 220 -34.99 -7.75 26.27
N GLY B 221 -33.96 -7.50 25.46
CA GLY B 221 -32.59 -7.58 25.89
C GLY B 221 -31.85 -8.82 25.42
N SER B 222 -32.57 -9.83 24.97
CA SER B 222 -31.91 -11.03 24.46
C SER B 222 -31.15 -10.70 23.19
N ARG B 223 -29.94 -11.24 23.09
CA ARG B 223 -29.13 -11.08 21.89
C ARG B 223 -29.40 -12.22 20.94
N VAL B 224 -29.45 -11.92 19.65
CA VAL B 224 -29.72 -12.90 18.61
C VAL B 224 -28.62 -12.84 17.57
N ASN B 225 -28.06 -14.00 17.26
CA ASN B 225 -27.06 -14.13 16.19
C ASN B 225 -27.56 -15.18 15.22
N VAL B 226 -27.54 -14.86 13.93
CA VAL B 226 -28.07 -15.72 12.89
C VAL B 226 -27.04 -15.84 11.78
N ILE B 227 -26.80 -17.07 11.34
CA ILE B 227 -25.94 -17.36 10.20
C ILE B 227 -26.78 -18.08 9.15
N ALA B 228 -26.71 -17.59 7.92
CA ALA B 228 -27.54 -18.09 6.83
C ALA B 228 -26.95 -19.38 6.26
N PRO B 229 -27.75 -20.13 5.49
CA PRO B 229 -27.30 -21.44 4.99
C PRO B 229 -26.04 -21.36 4.15
N PRO B 230 -25.86 -20.34 3.30
CA PRO B 230 -24.65 -20.36 2.46
C PRO B 230 -23.37 -20.41 3.26
N LEU B 231 -23.33 -19.82 4.45
CA LEU B 231 -22.17 -19.93 5.31
C LEU B 231 -22.25 -21.14 6.23
N ALA B 232 -23.40 -21.35 6.87
CA ALA B 232 -23.57 -22.51 7.73
C ALA B 232 -23.91 -23.71 6.88
N LEU B 233 -22.98 -24.66 6.78
CA LEU B 233 -23.18 -25.81 5.90
C LEU B 233 -24.37 -26.64 6.34
N ASP B 234 -24.49 -26.88 7.64
CA ASP B 234 -25.51 -27.78 8.16
C ASP B 234 -26.88 -27.12 8.29
N GLY B 235 -27.05 -25.89 7.79
CA GLY B 235 -28.30 -25.20 7.90
C GLY B 235 -28.15 -23.92 8.69
N PRO B 236 -29.17 -23.06 8.66
CA PRO B 236 -29.05 -21.78 9.37
C PRO B 236 -28.80 -22.00 10.85
N THR B 237 -27.90 -21.19 11.41
CA THR B 237 -27.50 -21.32 12.80
C THR B 237 -28.05 -20.14 13.59
N LEU B 238 -28.70 -20.43 14.71
CA LEU B 238 -29.36 -19.44 15.53
C LEU B 238 -28.81 -19.49 16.94
N THR B 239 -28.58 -18.33 17.54
CA THR B 239 -28.05 -18.26 18.90
C THR B 239 -28.79 -17.15 19.63
N ILE B 240 -29.60 -17.51 20.61
CA ILE B 240 -30.37 -16.55 21.39
C ILE B 240 -29.83 -16.59 22.81
N ARG B 241 -29.21 -15.51 23.25
CA ARG B 241 -28.71 -15.38 24.60
C ARG B 241 -29.69 -14.49 25.36
N LYS B 242 -30.51 -15.11 26.19
CA LYS B 242 -31.52 -14.37 26.93
C LYS B 242 -30.88 -13.55 28.03
N PHE B 243 -31.41 -12.35 28.25
CA PHE B 243 -30.95 -11.53 29.35
C PHE B 243 -31.36 -12.15 30.67
N LYS B 244 -30.41 -12.27 31.60
CA LYS B 244 -30.69 -12.88 32.89
C LYS B 244 -31.42 -11.89 33.77
N LYS B 245 -32.63 -12.25 34.22
CA LYS B 245 -33.41 -11.34 35.04
C LYS B 245 -32.75 -11.11 36.39
N ASP B 246 -32.38 -12.19 37.07
CA ASP B 246 -31.80 -12.12 38.40
C ASP B 246 -30.34 -12.51 38.35
N LYS B 247 -29.52 -11.82 39.15
CA LYS B 247 -28.09 -12.04 39.15
C LYS B 247 -27.61 -12.18 40.60
N LEU B 248 -26.54 -12.94 40.77
CA LEU B 248 -26.01 -13.19 42.09
C LEU B 248 -25.60 -11.89 42.76
N THR B 249 -25.91 -11.76 44.04
CA THR B 249 -25.49 -10.64 44.85
C THR B 249 -24.30 -11.04 45.72
N MET B 250 -23.69 -10.04 46.36
CA MET B 250 -22.57 -10.32 47.23
C MET B 250 -22.95 -11.32 48.31
N LYS B 251 -24.20 -11.29 48.76
CA LYS B 251 -24.64 -12.29 49.73
C LYS B 251 -24.53 -13.69 49.16
N ASN B 252 -24.95 -13.87 47.90
CA ASN B 252 -24.82 -15.18 47.28
C ASN B 252 -23.36 -15.60 47.17
N LEU B 253 -22.49 -14.68 46.75
CA LEU B 253 -21.08 -15.02 46.64
C LEU B 253 -20.51 -15.43 47.99
N VAL B 254 -20.93 -14.75 49.06
CA VAL B 254 -20.51 -15.17 50.40
C VAL B 254 -21.03 -16.56 50.70
N GLU B 255 -22.29 -16.84 50.33
CA GLU B 255 -22.86 -18.16 50.57
C GLU B 255 -22.07 -19.23 49.83
N PHE B 256 -21.71 -18.98 48.59
CA PHE B 256 -20.92 -19.93 47.82
C PHE B 256 -19.49 -19.97 48.25
N ALA B 257 -19.11 -19.30 49.33
CA ALA B 257 -17.73 -19.29 49.82
C ALA B 257 -16.77 -18.69 48.81
N SER B 258 -17.29 -17.99 47.80
CA SER B 258 -16.42 -17.36 46.83
C SER B 258 -15.53 -16.32 47.49
N ILE B 259 -16.10 -15.55 48.42
CA ILE B 259 -15.35 -14.57 49.19
C ILE B 259 -15.85 -14.63 50.63
N SER B 260 -14.92 -14.60 51.57
CA SER B 260 -15.29 -14.67 52.97
C SER B 260 -16.02 -13.40 53.39
N PRO B 261 -16.79 -13.46 54.47
CA PRO B 261 -17.54 -12.26 54.89
C PRO B 261 -16.65 -11.04 55.08
N GLU B 262 -15.46 -11.22 55.64
CA GLU B 262 -14.53 -10.11 55.75
C GLU B 262 -14.12 -9.62 54.36
N GLY B 263 -13.89 -10.55 53.43
CA GLY B 263 -13.64 -10.15 52.06
C GLY B 263 -14.81 -9.40 51.46
N ALA B 264 -16.03 -9.79 51.81
CA ALA B 264 -17.20 -9.07 51.33
C ALA B 264 -17.24 -7.66 51.86
N ARG B 265 -16.91 -7.48 53.15
CA ARG B 265 -16.86 -6.13 53.71
C ARG B 265 -15.78 -5.29 53.03
N VAL B 266 -14.62 -5.88 52.79
CA VAL B 266 -13.55 -5.14 52.13
C VAL B 266 -13.97 -4.74 50.72
N LEU B 267 -14.63 -5.64 50.01
CA LEU B 267 -15.09 -5.33 48.67
C LEU B 267 -16.13 -4.22 48.70
N GLY B 268 -17.02 -4.25 49.69
CA GLY B 268 -17.99 -3.18 49.83
C GLY B 268 -17.32 -1.84 50.07
N VAL B 269 -16.29 -1.82 50.92
CA VAL B 269 -15.55 -0.59 51.16
C VAL B 269 -14.90 -0.11 49.87
N ILE B 270 -14.27 -1.02 49.15
CA ILE B 270 -13.60 -0.64 47.91
C ILE B 270 -14.60 -0.06 46.92
N GLY B 271 -15.76 -0.69 46.77
CA GLY B 271 -16.75 -0.19 45.85
C GLY B 271 -17.29 1.17 46.25
N ALA B 272 -17.61 1.34 47.53
CA ALA B 272 -18.20 2.58 47.99
C ALA B 272 -17.21 3.72 48.08
N CYS B 273 -15.91 3.44 48.04
CA CYS B 273 -14.88 4.45 48.16
C CYS B 273 -14.54 5.12 46.85
N ARG B 274 -15.20 4.75 45.76
CA ARG B 274 -14.87 5.26 44.43
C ARG B 274 -13.44 4.87 44.02
N CYS B 275 -12.96 3.75 44.53
CA CYS B 275 -11.64 3.28 44.14
C CYS B 275 -11.65 2.81 42.68
N ASN B 276 -10.64 3.22 41.94
CA ASN B 276 -10.46 2.71 40.58
C ASN B 276 -10.27 1.21 40.62
N LEU B 277 -10.96 0.50 39.72
CA LEU B 277 -11.07 -0.95 39.82
C LEU B 277 -10.78 -1.60 38.49
N VAL B 278 -10.20 -2.80 38.54
CA VAL B 278 -10.08 -3.69 37.40
C VAL B 278 -10.37 -5.09 37.91
N ILE B 279 -11.39 -5.73 37.34
CA ILE B 279 -11.83 -7.05 37.80
C ILE B 279 -11.33 -8.04 36.76
N SER B 280 -10.15 -8.59 37.00
CA SER B 280 -9.60 -9.59 36.11
C SER B 280 -10.18 -10.96 36.45
N GLY B 281 -9.86 -11.95 35.62
CA GLY B 281 -10.34 -13.29 35.87
C GLY B 281 -10.08 -14.17 34.66
N GLY B 282 -10.24 -15.47 34.88
CA GLY B 282 -10.06 -16.45 33.85
C GLY B 282 -11.36 -16.71 33.11
N THR B 283 -11.31 -17.72 32.24
CA THR B 283 -12.49 -18.09 31.47
C THR B 283 -13.61 -18.53 32.39
N GLY B 284 -14.80 -17.99 32.17
CA GLY B 284 -15.96 -18.40 32.94
C GLY B 284 -15.77 -18.24 34.43
N SER B 285 -14.92 -17.31 34.87
CA SER B 285 -14.60 -17.15 36.27
C SER B 285 -15.55 -16.21 37.00
N GLY B 286 -16.58 -15.70 36.32
CA GLY B 286 -17.53 -14.82 36.96
C GLY B 286 -17.12 -13.37 37.01
N LYS B 287 -16.29 -12.92 36.07
CA LYS B 287 -15.89 -11.51 36.05
C LYS B 287 -17.10 -10.60 35.99
N THR B 288 -18.00 -10.86 35.03
CA THR B 288 -19.15 -9.98 34.87
C THR B 288 -20.07 -10.04 36.08
N THR B 289 -20.27 -11.23 36.64
CA THR B 289 -21.11 -11.33 37.84
C THR B 289 -20.48 -10.58 39.00
N LEU B 290 -19.17 -10.69 39.16
CA LEU B 290 -18.48 -9.97 40.23
C LEU B 290 -18.61 -8.47 40.02
N LEU B 291 -18.47 -8.00 38.79
CA LEU B 291 -18.61 -6.58 38.51
C LEU B 291 -20.02 -6.11 38.82
N ASN B 292 -21.02 -6.89 38.44
CA ASN B 292 -22.39 -6.51 38.72
C ASN B 292 -22.64 -6.45 40.23
N THR B 293 -22.04 -7.37 40.97
CA THR B 293 -22.16 -7.32 42.43
C THR B 293 -21.49 -6.07 42.98
N MET B 294 -20.31 -5.73 42.48
CA MET B 294 -19.58 -4.59 43.04
C MET B 294 -20.30 -3.29 42.74
N THR B 295 -20.96 -3.20 41.58
CA THR B 295 -21.70 -1.98 41.27
C THR B 295 -22.85 -1.75 42.21
N ALA B 296 -23.23 -2.75 43.01
CA ALA B 296 -24.28 -2.55 44.01
C ALA B 296 -23.85 -1.59 45.10
N PHE B 297 -22.54 -1.33 45.24
CA PHE B 297 -22.04 -0.42 46.27
C PHE B 297 -21.96 1.01 45.79
N ILE B 298 -22.15 1.27 44.49
CA ILE B 298 -22.10 2.63 44.00
C ILE B 298 -23.20 3.45 44.64
N ASP B 299 -22.86 4.67 45.05
CA ASP B 299 -23.86 5.54 45.66
C ASP B 299 -24.95 5.86 44.65
N PRO B 300 -26.22 5.91 45.07
CA PRO B 300 -27.29 6.17 44.10
C PRO B 300 -27.14 7.49 43.36
N THR B 301 -26.61 8.52 44.02
CA THR B 301 -26.56 9.86 43.43
C THR B 301 -25.54 9.98 42.32
N GLU B 302 -24.62 9.03 42.19
CA GLU B 302 -23.58 9.13 41.19
C GLU B 302 -24.15 8.86 39.80
N ARG B 303 -23.64 9.60 38.81
CA ARG B 303 -24.04 9.41 37.42
C ARG B 303 -23.11 8.38 36.81
N VAL B 304 -23.59 7.15 36.69
CA VAL B 304 -22.80 6.04 36.16
C VAL B 304 -23.07 5.92 34.67
N VAL B 305 -22.06 5.52 33.92
CA VAL B 305 -22.18 5.28 32.48
C VAL B 305 -21.58 3.93 32.18
N THR B 306 -22.33 3.09 31.48
CA THR B 306 -21.96 1.70 31.23
C THR B 306 -21.72 1.50 29.74
N CYS B 307 -20.57 0.94 29.39
CA CYS B 307 -20.25 0.55 28.03
C CYS B 307 -20.10 -0.96 27.98
N GLU B 308 -20.79 -1.59 27.03
CA GLU B 308 -20.77 -3.04 26.93
C GLU B 308 -20.91 -3.46 25.48
N ASP B 309 -20.11 -4.44 25.08
CA ASP B 309 -20.32 -5.06 23.78
C ASP B 309 -21.67 -5.75 23.74
N ALA B 310 -22.04 -6.43 24.81
CA ALA B 310 -23.34 -7.09 24.94
C ALA B 310 -23.91 -6.73 26.30
N ALA B 311 -25.09 -6.13 26.30
CA ALA B 311 -25.69 -5.68 27.55
C ALA B 311 -25.88 -6.84 28.52
N GLU B 312 -25.11 -6.84 29.60
CA GLU B 312 -25.23 -7.86 30.63
C GLU B 312 -25.42 -7.27 32.02
N LEU B 313 -24.77 -6.15 32.32
CA LEU B 313 -24.88 -5.56 33.64
C LEU B 313 -26.29 -5.04 33.90
N GLN B 314 -26.72 -5.14 35.15
CA GLN B 314 -28.02 -4.64 35.58
C GLN B 314 -27.80 -3.86 36.87
N LEU B 315 -27.51 -2.57 36.73
CA LEU B 315 -27.33 -1.70 37.88
C LEU B 315 -28.68 -1.22 38.37
N GLN B 316 -28.84 -1.18 39.69
CA GLN B 316 -30.10 -0.77 40.29
C GLN B 316 -30.16 0.73 40.58
N GLN B 317 -29.08 1.45 40.36
CA GLN B 317 -29.05 2.86 40.71
C GLN B 317 -29.97 3.66 39.77
N PRO B 318 -30.46 4.82 40.21
CA PRO B 318 -31.37 5.59 39.36
C PRO B 318 -30.67 6.27 38.20
N HIS B 319 -29.49 6.83 38.44
CA HIS B 319 -28.79 7.65 37.44
C HIS B 319 -27.74 6.79 36.74
N VAL B 320 -28.21 5.94 35.83
CA VAL B 320 -27.32 5.05 35.07
C VAL B 320 -27.61 5.23 33.59
N VAL B 321 -26.57 5.33 32.80
CA VAL B 321 -26.67 5.45 31.34
C VAL B 321 -26.00 4.23 30.74
N ARG B 322 -26.76 3.48 29.95
CA ARG B 322 -26.29 2.24 29.35
C ARG B 322 -26.03 2.44 27.87
N LEU B 323 -24.82 2.12 27.43
CA LEU B 323 -24.42 2.26 26.05
C LEU B 323 -23.95 0.91 25.53
N GLU B 324 -24.07 0.72 24.22
CA GLU B 324 -23.69 -0.54 23.59
C GLU B 324 -22.98 -0.26 22.28
N THR B 325 -21.90 -0.99 22.03
CA THR B 325 -21.19 -0.85 20.78
C THR B 325 -22.03 -1.40 19.63
N ARG B 326 -21.79 -0.88 18.43
CA ARG B 326 -22.47 -1.35 17.23
C ARG B 326 -21.46 -1.97 16.29
N PRO B 327 -21.40 -3.30 16.15
CA PRO B 327 -20.41 -3.89 15.27
C PRO B 327 -20.68 -3.51 13.83
N PRO B 328 -19.64 -3.41 12.99
CA PRO B 328 -19.87 -3.04 11.59
C PRO B 328 -20.73 -4.06 10.88
N ASN B 329 -21.60 -3.57 10.01
CA ASN B 329 -22.37 -4.46 9.15
C ASN B 329 -21.43 -5.16 8.18
N LEU B 330 -21.97 -6.08 7.39
CA LEU B 330 -21.15 -6.79 6.42
C LEU B 330 -20.54 -5.85 5.39
N GLU B 331 -21.09 -4.65 5.25
CA GLU B 331 -20.51 -3.64 4.38
C GLU B 331 -19.30 -2.96 5.00
N GLY B 332 -18.97 -3.27 6.25
CA GLY B 332 -17.86 -2.64 6.93
C GLY B 332 -18.07 -1.16 7.21
N SER B 333 -19.27 -0.80 7.67
CA SER B 333 -19.60 0.59 7.93
C SER B 333 -20.44 0.68 9.19
N GLY B 334 -20.43 1.86 9.80
CA GLY B 334 -21.23 2.11 10.98
C GLY B 334 -20.67 1.57 12.26
N ALA B 335 -19.42 1.11 12.27
CA ALA B 335 -18.84 0.56 13.49
C ALA B 335 -18.71 1.64 14.55
N VAL B 336 -19.09 1.30 15.77
CA VAL B 336 -18.91 2.16 16.94
C VAL B 336 -18.17 1.31 17.97
N THR B 337 -16.84 1.36 17.95
CA THR B 337 -16.06 0.55 18.85
C THR B 337 -16.21 1.04 20.28
N MET B 338 -15.87 0.17 21.23
CA MET B 338 -15.96 0.55 22.64
C MET B 338 -15.02 1.70 22.94
N ARG B 339 -13.92 1.84 22.20
CA ARG B 339 -13.06 2.99 22.37
C ARG B 339 -13.84 4.28 22.12
N ASP B 340 -14.67 4.29 21.07
CA ASP B 340 -15.48 5.47 20.80
C ASP B 340 -16.47 5.73 21.92
N LEU B 341 -17.06 4.66 22.46
CA LEU B 341 -18.01 4.83 23.55
C LEU B 341 -17.34 5.46 24.76
N VAL B 342 -16.15 4.99 25.13
CA VAL B 342 -15.46 5.56 26.28
C VAL B 342 -15.01 6.98 25.99
N LYS B 343 -14.55 7.23 24.76
CA LYS B 343 -14.15 8.58 24.38
C LYS B 343 -15.30 9.55 24.58
N ASN B 344 -16.51 9.16 24.16
CA ASN B 344 -17.67 9.99 24.42
C ASN B 344 -17.98 10.09 25.90
N CYS B 345 -17.92 8.95 26.61
CA CYS B 345 -18.26 8.95 28.03
C CYS B 345 -17.42 9.96 28.79
N LEU B 346 -16.18 10.18 28.35
CA LEU B 346 -15.38 11.24 28.95
C LEU B 346 -16.06 12.60 28.79
N ARG B 347 -16.96 12.74 27.81
CA ARG B 347 -17.66 13.99 27.58
C ARG B 347 -19.03 14.04 28.23
N MET B 348 -19.57 12.91 28.67
CA MET B 348 -20.93 12.86 29.20
C MET B 348 -20.99 13.19 30.67
N ARG B 349 -19.92 13.74 31.24
CA ARG B 349 -19.90 14.18 32.63
C ARG B 349 -20.35 13.09 33.60
N PRO B 350 -19.70 11.93 33.59
CA PRO B 350 -20.08 10.87 34.52
C PRO B 350 -19.29 10.93 35.81
N GLU B 351 -19.82 10.26 36.82
CA GLU B 351 -19.08 10.05 38.06
C GLU B 351 -18.25 8.78 37.99
N ARG B 352 -18.79 7.74 37.36
CA ARG B 352 -18.06 6.50 37.13
C ARG B 352 -18.33 6.03 35.72
N ILE B 353 -17.35 5.36 35.14
CA ILE B 353 -17.49 4.70 33.85
C ILE B 353 -17.27 3.22 34.06
N ILE B 354 -18.27 2.41 33.72
CA ILE B 354 -18.22 0.97 33.89
C ILE B 354 -18.09 0.35 32.51
N VAL B 355 -16.92 -0.19 32.20
CA VAL B 355 -16.66 -0.83 30.93
C VAL B 355 -16.89 -2.32 31.10
N GLY B 356 -17.76 -2.89 30.26
CA GLY B 356 -18.14 -4.28 30.43
C GLY B 356 -16.94 -5.20 30.40
N GLU B 357 -16.05 -5.01 29.42
CA GLU B 357 -14.83 -5.79 29.36
C GLU B 357 -13.83 -5.04 28.49
N VAL B 358 -12.65 -4.80 29.04
CA VAL B 358 -11.57 -4.12 28.33
C VAL B 358 -10.81 -5.17 27.54
N ARG B 359 -10.89 -5.10 26.22
CA ARG B 359 -10.17 -6.06 25.37
C ARG B 359 -9.50 -5.40 24.19
N GLY B 360 -9.33 -4.08 24.19
CA GLY B 360 -8.69 -3.40 23.08
C GLY B 360 -8.11 -2.08 23.51
N PRO B 361 -7.94 -1.16 22.55
CA PRO B 361 -7.40 0.17 22.89
C PRO B 361 -8.23 0.92 23.89
N GLU B 362 -9.51 0.61 24.04
CA GLU B 362 -10.36 1.34 24.99
C GLU B 362 -9.70 1.41 26.36
N ALA B 363 -8.88 0.42 26.70
CA ALA B 363 -8.15 0.46 27.96
C ALA B 363 -7.59 1.85 28.20
N PHE B 364 -6.80 2.36 27.26
CA PHE B 364 -6.22 3.69 27.41
C PHE B 364 -7.29 4.67 27.88
N ASP B 365 -8.35 4.82 27.09
CA ASP B 365 -9.39 5.78 27.44
C ASP B 365 -9.93 5.52 28.83
N LEU B 366 -10.23 4.25 29.14
CA LEU B 366 -10.70 3.93 30.48
C LEU B 366 -9.69 4.41 31.51
N LEU B 367 -8.42 4.11 31.31
CA LEU B 367 -7.40 4.57 32.24
C LEU B 367 -7.42 6.09 32.33
N GLN B 368 -7.59 6.76 31.20
CA GLN B 368 -7.69 8.21 31.23
C GLN B 368 -8.85 8.65 32.11
N ALA B 369 -9.99 7.99 31.99
CA ALA B 369 -11.12 8.32 32.82
C ALA B 369 -10.75 8.22 34.30
N MET B 370 -9.89 7.28 34.65
CA MET B 370 -9.49 7.12 36.04
C MET B 370 -8.58 8.25 36.49
N ASN B 371 -7.77 8.80 35.59
CA ASN B 371 -6.89 9.90 35.95
C ASN B 371 -7.63 11.22 36.07
N THR B 372 -8.65 11.42 35.24
CA THR B 372 -9.25 12.73 35.03
C THR B 372 -10.48 12.96 35.90
N GLY B 373 -10.50 12.41 37.11
CA GLY B 373 -11.52 12.73 38.07
C GLY B 373 -12.74 11.84 38.06
N HIS B 374 -12.83 10.89 37.13
CA HIS B 374 -13.91 9.91 37.18
C HIS B 374 -13.52 8.74 38.07
N ASP B 375 -13.16 9.05 39.31
CA ASP B 375 -12.76 8.03 40.26
C ASP B 375 -13.88 7.03 40.46
N GLY B 376 -13.51 5.76 40.53
CA GLY B 376 -14.47 4.69 40.69
C GLY B 376 -14.78 3.92 39.42
N SER B 377 -14.17 4.27 38.30
CA SER B 377 -14.41 3.53 37.07
C SER B 377 -14.00 2.08 37.25
N MET B 378 -14.81 1.18 36.73
CA MET B 378 -14.56 -0.25 36.81
C MET B 378 -14.47 -0.84 35.42
N GLY B 379 -13.88 -2.02 35.33
CA GLY B 379 -13.80 -2.71 34.06
C GLY B 379 -13.30 -4.13 34.20
N THR B 380 -14.00 -5.07 33.59
CA THR B 380 -13.56 -6.46 33.62
C THR B 380 -12.48 -6.68 32.57
N LEU B 381 -11.66 -7.69 32.81
CA LEU B 381 -10.51 -7.97 31.98
C LEU B 381 -10.22 -9.46 32.05
N HIS B 382 -9.75 -10.03 30.95
CA HIS B 382 -9.43 -11.45 30.92
C HIS B 382 -7.96 -11.64 31.25
N ALA B 383 -7.70 -12.30 32.37
CA ALA B 383 -6.33 -12.57 32.79
C ALA B 383 -6.38 -13.51 33.98
N ASN B 384 -5.35 -14.33 34.11
CA ASN B 384 -5.33 -15.36 35.14
C ASN B 384 -4.59 -14.93 36.41
N SER B 385 -4.13 -13.69 36.48
CA SER B 385 -3.47 -13.18 37.68
C SER B 385 -3.33 -11.67 37.54
N PRO B 386 -3.24 -10.97 38.67
CA PRO B 386 -3.07 -9.51 38.58
C PRO B 386 -1.87 -9.08 37.76
N ARG B 387 -0.76 -9.79 37.85
CA ARG B 387 0.40 -9.48 37.01
C ARG B 387 0.04 -9.62 35.54
N GLU B 388 -0.64 -10.71 35.20
CA GLU B 388 -1.09 -10.88 33.82
C GLU B 388 -2.10 -9.83 33.43
N ALA B 389 -2.95 -9.40 34.37
CA ALA B 389 -3.90 -8.33 34.07
C ALA B 389 -3.17 -7.04 33.73
N ILE B 390 -2.14 -6.70 34.49
CA ILE B 390 -1.39 -5.48 34.21
C ILE B 390 -0.68 -5.59 32.87
N SER B 391 -0.07 -6.74 32.59
CA SER B 391 0.59 -6.92 31.32
C SER B 391 -0.40 -6.80 30.16
N ARG B 392 -1.59 -7.37 30.33
CA ARG B 392 -2.62 -7.26 29.30
C ARG B 392 -3.04 -5.82 29.11
N ILE B 393 -3.14 -5.05 30.19
CA ILE B 393 -3.49 -3.65 30.06
C ILE B 393 -2.42 -2.90 29.29
N GLU B 394 -1.16 -3.18 29.59
CA GLU B 394 -0.07 -2.53 28.85
C GLU B 394 -0.18 -2.86 27.37
N SER B 395 -0.38 -4.13 27.05
CA SER B 395 -0.48 -4.53 25.65
C SER B 395 -1.65 -3.84 24.97
N MET B 396 -2.80 -3.79 25.64
CA MET B 396 -3.98 -3.14 25.06
C MET B 396 -3.71 -1.67 24.80
N ILE B 397 -3.06 -0.99 25.74
CA ILE B 397 -2.74 0.41 25.52
C ILE B 397 -1.82 0.55 24.31
N THR B 398 -0.85 -0.35 24.18
CA THR B 398 0.04 -0.29 23.02
C THR B 398 -0.72 -0.51 21.73
N MET B 399 -1.79 -1.29 21.76
CA MET B 399 -2.57 -1.51 20.54
C MET B 399 -3.24 -0.25 20.03
N GLY B 400 -3.31 0.81 20.83
CA GLY B 400 -4.08 1.98 20.45
C GLY B 400 -3.42 2.84 19.39
N GLY B 401 -2.18 2.58 19.04
CA GLY B 401 -1.49 3.33 18.01
C GLY B 401 -0.72 4.54 18.48
N TYR B 402 -0.90 4.94 19.75
CA TYR B 402 -0.10 6.03 20.29
C TYR B 402 1.35 5.55 20.44
N GLY B 403 2.28 6.48 20.30
CA GLY B 403 3.68 6.14 20.40
C GLY B 403 4.19 6.12 21.83
N LEU B 404 3.34 5.70 22.75
CA LEU B 404 3.70 5.78 24.16
C LEU B 404 4.79 4.77 24.48
N PRO B 405 5.86 5.17 25.17
CA PRO B 405 6.86 4.18 25.62
C PRO B 405 6.25 3.27 26.66
N SER B 406 6.98 2.17 26.94
CA SER B 406 6.53 1.24 27.96
C SER B 406 6.50 1.90 29.33
N LYS B 407 7.52 2.71 29.65
CA LYS B 407 7.55 3.37 30.95
C LYS B 407 6.36 4.28 31.12
N THR B 408 5.99 5.01 30.07
CA THR B 408 4.83 5.89 30.16
C THR B 408 3.56 5.10 30.43
N ILE B 409 3.38 3.98 29.74
CA ILE B 409 2.18 3.17 29.94
C ILE B 409 2.15 2.61 31.36
N LYS B 410 3.30 2.16 31.86
CA LYS B 410 3.34 1.66 33.23
C LYS B 410 3.01 2.76 34.23
N GLU B 411 3.52 3.97 34.00
CA GLU B 411 3.19 5.09 34.87
C GLU B 411 1.71 5.40 34.83
N MET B 412 1.11 5.38 33.64
CA MET B 412 -0.32 5.61 33.52
C MET B 412 -1.11 4.54 34.28
N ILE B 413 -0.71 3.29 34.15
CA ILE B 413 -1.41 2.21 34.85
C ILE B 413 -1.30 2.41 36.35
N VAL B 414 -0.11 2.73 36.84
CA VAL B 414 0.07 2.91 38.28
C VAL B 414 -0.77 4.08 38.78
N GLY B 415 -0.76 5.20 38.05
CA GLY B 415 -1.51 6.35 38.50
C GLY B 415 -3.01 6.22 38.34
N SER B 416 -3.46 5.31 37.48
CA SER B 416 -4.88 5.14 37.22
C SER B 416 -5.50 4.06 38.10
N VAL B 417 -5.02 2.82 37.95
CA VAL B 417 -5.63 1.68 38.63
C VAL B 417 -5.27 1.71 40.10
N ASP B 418 -6.24 1.40 40.94
CA ASP B 418 -6.05 1.37 42.39
C ASP B 418 -6.07 -0.04 42.95
N VAL B 419 -7.06 -0.84 42.55
CA VAL B 419 -7.24 -2.19 43.08
C VAL B 419 -7.56 -3.12 41.93
N ILE B 420 -7.03 -4.34 41.99
CA ILE B 420 -7.33 -5.39 41.03
C ILE B 420 -7.91 -6.57 41.79
N ILE B 421 -9.04 -7.08 41.31
CA ILE B 421 -9.72 -8.21 41.90
C ILE B 421 -9.61 -9.37 40.92
N GLN B 422 -8.89 -10.40 41.30
CA GLN B 422 -8.71 -11.58 40.48
C GLN B 422 -9.65 -12.67 40.98
N ALA B 423 -10.62 -13.01 40.16
CA ALA B 423 -11.56 -14.09 40.43
C ALA B 423 -11.22 -15.25 39.50
N ALA B 424 -11.10 -16.45 40.06
CA ALA B 424 -10.70 -17.62 39.29
C ALA B 424 -11.70 -18.73 39.50
N ARG B 425 -11.82 -19.58 38.47
CA ARG B 425 -12.61 -20.80 38.55
C ARG B 425 -11.67 -21.96 38.80
N LEU B 426 -11.91 -22.71 39.87
CA LEU B 426 -11.00 -23.76 40.27
C LEU B 426 -11.35 -25.07 39.57
N ARG B 427 -10.57 -26.11 39.87
CA ARG B 427 -10.72 -27.38 39.15
C ARG B 427 -12.12 -27.94 39.31
N ASP B 428 -12.65 -27.90 40.52
CA ASP B 428 -13.95 -28.50 40.82
C ASP B 428 -15.12 -27.65 40.35
N GLY B 429 -14.88 -26.63 39.53
CA GLY B 429 -15.94 -25.77 39.06
C GLY B 429 -16.33 -24.69 40.04
N SER B 430 -15.66 -24.58 41.18
CA SER B 430 -15.95 -23.54 42.15
C SER B 430 -15.37 -22.20 41.68
N ARG B 431 -16.11 -21.13 41.94
CA ARG B 431 -15.65 -19.78 41.69
C ARG B 431 -15.09 -19.19 42.97
N ARG B 432 -13.94 -18.54 42.87
CA ARG B 432 -13.28 -17.96 44.03
C ARG B 432 -12.66 -16.62 43.66
N ILE B 433 -12.74 -15.67 44.58
CA ILE B 433 -12.04 -14.40 44.43
C ILE B 433 -10.62 -14.60 44.93
N THR B 434 -9.72 -14.99 44.03
CA THR B 434 -8.39 -15.38 44.46
C THR B 434 -7.63 -14.22 45.08
N HIS B 435 -7.68 -13.04 44.46
CA HIS B 435 -6.86 -11.94 44.93
C HIS B 435 -7.65 -10.65 44.99
N ILE B 436 -7.35 -9.85 46.01
CA ILE B 436 -7.69 -8.43 46.06
C ILE B 436 -6.37 -7.74 46.33
N THR B 437 -5.81 -7.08 45.32
CA THR B 437 -4.44 -6.60 45.37
C THR B 437 -4.37 -5.17 44.89
N GLU B 438 -3.64 -4.33 45.61
CA GLU B 438 -3.47 -2.95 45.20
C GLU B 438 -2.32 -2.82 44.22
N VAL B 439 -2.28 -1.69 43.52
CA VAL B 439 -1.16 -1.33 42.66
C VAL B 439 -0.34 -0.34 43.46
N VAL B 440 0.65 -0.85 44.19
CA VAL B 440 1.40 -0.02 45.13
C VAL B 440 2.14 1.09 44.40
N GLY B 441 2.83 0.75 43.33
CA GLY B 441 3.59 1.77 42.63
C GLY B 441 4.36 1.21 41.46
N LEU B 442 5.42 1.91 41.08
CA LEU B 442 6.25 1.51 39.94
C LEU B 442 7.72 1.69 40.31
N GLU B 443 8.40 0.59 40.58
CA GLU B 443 9.85 0.63 40.58
C GLU B 443 10.35 0.53 39.14
N GLY B 444 11.66 0.66 38.96
CA GLY B 444 12.19 0.72 37.62
C GLY B 444 11.64 -0.38 36.74
N ASP B 445 10.77 -0.01 35.80
CA ASP B 445 10.29 -0.91 34.74
C ASP B 445 9.32 -1.95 35.28
N VAL B 446 9.13 -2.03 36.59
CA VAL B 446 8.32 -3.09 37.20
C VAL B 446 7.24 -2.46 38.08
N ILE B 447 6.00 -2.82 37.82
CA ILE B 447 4.88 -2.37 38.65
C ILE B 447 4.81 -3.24 39.89
N VAL B 448 4.76 -2.60 41.05
CA VAL B 448 4.76 -3.28 42.34
C VAL B 448 3.35 -3.27 42.90
N THR B 449 2.83 -4.46 43.16
CA THR B 449 1.49 -4.65 43.70
C THR B 449 1.60 -5.41 45.03
N GLN B 450 0.68 -5.13 45.94
CA GLN B 450 0.61 -5.83 47.22
C GLN B 450 -0.77 -6.43 47.37
N ASP B 451 -0.83 -7.71 47.72
CA ASP B 451 -2.08 -8.43 47.83
C ASP B 451 -2.66 -8.19 49.22
N LEU B 452 -3.80 -7.50 49.28
CA LEU B 452 -4.50 -7.35 50.54
C LEU B 452 -5.17 -8.65 50.95
N PHE B 453 -5.84 -9.31 50.00
CA PHE B 453 -6.63 -10.49 50.29
C PHE B 453 -6.20 -11.61 49.35
N VAL B 454 -5.94 -12.79 49.89
CA VAL B 454 -5.47 -13.92 49.08
C VAL B 454 -6.21 -15.18 49.47
N TYR B 455 -6.59 -15.96 48.47
CA TYR B 455 -7.22 -17.25 48.69
C TYR B 455 -6.16 -18.33 48.55
N GLU B 456 -5.94 -19.08 49.62
CA GLU B 456 -4.89 -20.09 49.66
C GLU B 456 -5.52 -21.47 49.66
N ILE B 457 -5.07 -22.33 48.75
CA ILE B 457 -5.55 -23.69 48.63
C ILE B 457 -4.66 -24.59 49.48
N THR B 458 -5.25 -25.27 50.45
CA THR B 458 -4.52 -26.18 51.32
C THR B 458 -4.50 -27.61 50.81
N GLY B 459 -5.20 -27.89 49.72
CA GLY B 459 -5.26 -29.23 49.18
C GLY B 459 -6.63 -29.49 48.58
N GLU B 460 -7.00 -30.76 48.53
CA GLU B 460 -8.30 -31.17 48.02
C GLU B 460 -8.88 -32.24 48.93
N ASP B 461 -10.19 -32.14 49.18
CA ASP B 461 -10.87 -33.12 50.00
C ASP B 461 -11.06 -34.42 49.24
N GLU B 462 -11.37 -35.48 49.97
CA GLU B 462 -11.58 -36.78 49.34
C GLU B 462 -12.70 -36.75 48.32
N HIS B 463 -13.65 -35.82 48.45
CA HIS B 463 -14.70 -35.67 47.45
C HIS B 463 -14.16 -35.08 46.15
N GLY B 464 -12.91 -34.62 46.13
CA GLY B 464 -12.34 -33.99 44.96
C GLY B 464 -12.46 -32.48 44.93
N LYS B 465 -13.23 -31.89 45.84
CA LYS B 465 -13.35 -30.44 45.90
C LYS B 465 -12.09 -29.82 46.47
N VAL B 466 -11.71 -28.66 45.92
CA VAL B 466 -10.54 -27.96 46.42
C VAL B 466 -10.89 -27.29 47.74
N VAL B 467 -10.00 -27.45 48.73
CA VAL B 467 -10.19 -26.87 50.06
C VAL B 467 -9.22 -25.71 50.20
N GLY B 468 -9.72 -24.57 50.65
CA GLY B 468 -8.89 -23.40 50.82
C GLY B 468 -9.61 -22.37 51.67
N LYS B 469 -8.90 -21.30 51.96
CA LYS B 469 -9.46 -20.24 52.81
C LYS B 469 -8.95 -18.88 52.35
N HIS B 470 -9.74 -17.86 52.64
CA HIS B 470 -9.37 -16.48 52.33
C HIS B 470 -8.66 -15.87 53.53
N ARG B 471 -7.52 -15.26 53.28
CA ARG B 471 -6.66 -14.72 54.33
C ARG B 471 -6.27 -13.30 53.98
N SER B 472 -6.28 -12.44 54.98
CA SER B 472 -5.78 -11.08 54.83
C SER B 472 -4.27 -11.08 54.98
N THR B 473 -3.59 -10.39 54.07
CA THR B 473 -2.14 -10.37 54.10
C THR B 473 -1.60 -9.62 55.31
N GLY B 474 -2.44 -8.91 56.05
CA GLY B 474 -2.01 -8.17 57.21
C GLY B 474 -1.62 -6.74 56.94
N ILE B 475 -1.75 -6.27 55.71
CA ILE B 475 -1.46 -4.88 55.39
C ILE B 475 -2.51 -4.01 56.08
N ALA B 476 -2.09 -3.29 57.12
CA ALA B 476 -3.05 -2.53 57.93
C ALA B 476 -3.54 -1.28 57.23
N ARG B 477 -2.69 -0.65 56.41
CA ARG B 477 -3.01 0.61 55.74
C ARG B 477 -2.93 0.42 54.23
N PRO B 478 -4.04 0.04 53.59
CA PRO B 478 -4.02 -0.08 52.13
C PRO B 478 -3.75 1.27 51.48
N ARG B 479 -3.17 1.22 50.28
CA ARG B 479 -2.84 2.46 49.56
C ARG B 479 -4.06 3.35 49.43
N PHE B 480 -5.25 2.76 49.25
CA PHE B 480 -6.49 3.51 49.14
C PHE B 480 -7.09 3.85 50.50
N TRP B 481 -6.30 3.78 51.57
CA TRP B 481 -6.85 4.06 52.90
C TRP B 481 -7.33 5.50 53.00
N ASP B 482 -6.63 6.43 52.36
CA ASP B 482 -7.02 7.83 52.45
C ASP B 482 -8.41 8.04 51.89
N ARG B 483 -8.74 7.38 50.78
CA ARG B 483 -10.07 7.52 50.21
C ARG B 483 -11.13 7.00 51.17
N ALA B 484 -10.87 5.87 51.81
CA ALA B 484 -11.81 5.35 52.78
C ALA B 484 -12.00 6.32 53.94
N ARG B 485 -10.92 6.91 54.43
CA ARG B 485 -11.05 7.90 55.48
C ARG B 485 -11.90 9.08 55.01
N TYR B 486 -11.70 9.50 53.78
CA TYR B 486 -12.49 10.60 53.24
C TYR B 486 -13.97 10.24 53.23
N TYR B 487 -14.31 9.02 52.84
CA TYR B 487 -15.71 8.61 52.81
C TYR B 487 -16.20 8.10 54.15
N GLY B 488 -15.34 8.05 55.16
CA GLY B 488 -15.75 7.62 56.48
C GLY B 488 -15.84 6.13 56.66
N LEU B 489 -15.39 5.34 55.69
CA LEU B 489 -15.43 3.89 55.78
C LEU B 489 -14.14 3.28 56.29
N GLU B 490 -13.12 4.10 56.55
CA GLU B 490 -11.81 3.54 56.89
C GLU B 490 -11.88 2.64 58.11
N ARG B 491 -12.75 2.97 59.07
CA ARG B 491 -12.85 2.13 60.27
C ARG B 491 -13.38 0.74 59.91
N GLU B 492 -14.40 0.68 59.05
CA GLU B 492 -14.89 -0.61 58.59
C GLU B 492 -13.81 -1.38 57.86
N LEU B 493 -13.03 -0.69 57.03
CA LEU B 493 -11.95 -1.33 56.31
C LEU B 493 -10.95 -1.96 57.28
N ALA B 494 -10.51 -1.19 58.27
CA ALA B 494 -9.56 -1.71 59.23
C ALA B 494 -10.14 -2.88 60.01
N GLU B 495 -11.41 -2.77 60.43
CA GLU B 495 -12.03 -3.85 61.17
C GLU B 495 -12.08 -5.13 60.34
N ALA B 496 -12.51 -5.02 59.08
CA ALA B 496 -12.60 -6.20 58.24
C ALA B 496 -11.23 -6.81 57.98
N LEU B 497 -10.24 -5.97 57.69
CA LEU B 497 -8.90 -6.50 57.44
C LEU B 497 -8.34 -7.20 58.66
N ASP B 498 -8.55 -6.62 59.84
CA ASP B 498 -8.09 -7.28 61.07
C ASP B 498 -8.82 -8.60 61.29
N ALA B 499 -10.13 -8.62 61.07
CA ALA B 499 -10.90 -9.84 61.31
C ALA B 499 -10.45 -10.95 60.38
N ALA B 500 -10.23 -10.63 59.10
CA ALA B 500 -9.75 -11.65 58.17
C ALA B 500 -8.37 -12.15 58.55
N GLU B 501 -7.55 -11.30 59.14
CA GLU B 501 -6.20 -11.68 59.55
C GLU B 501 -6.24 -12.90 60.48
N ASP C 80 -54.66 18.00 35.06
CA ASP C 80 -55.08 17.06 34.03
C ASP C 80 -55.77 17.79 32.88
N TYR C 81 -56.64 18.75 33.24
CA TYR C 81 -57.34 19.50 32.21
C TYR C 81 -56.37 20.26 31.32
N TYR C 82 -55.37 20.89 31.93
CA TYR C 82 -54.38 21.62 31.15
C TYR C 82 -53.62 20.68 30.22
N HIS C 83 -53.21 19.51 30.73
CA HIS C 83 -52.46 18.57 29.90
C HIS C 83 -53.31 18.06 28.74
N ALA C 84 -54.56 17.71 29.01
CA ALA C 84 -55.43 17.22 27.93
C ALA C 84 -55.68 18.30 26.90
N THR C 85 -55.94 19.53 27.35
CA THR C 85 -56.16 20.63 26.41
C THR C 85 -54.92 20.87 25.56
N LYS C 86 -53.73 20.83 26.18
CA LYS C 86 -52.50 21.02 25.43
C LYS C 86 -52.31 19.91 24.41
N THR C 87 -52.57 18.66 24.79
CA THR C 87 -52.43 17.56 23.86
C THR C 87 -53.37 17.70 22.67
N THR C 88 -54.63 18.04 22.96
CA THR C 88 -55.61 18.21 21.87
C THR C 88 -55.21 19.35 20.96
N ILE C 89 -54.78 20.47 21.53
CA ILE C 89 -54.39 21.62 20.73
C ILE C 89 -53.18 21.29 19.86
N PHE C 90 -52.20 20.60 20.43
CA PHE C 90 -51.02 20.22 19.67
C PHE C 90 -51.39 19.28 18.52
N ASN C 91 -52.26 18.30 18.79
CA ASN C 91 -52.69 17.40 17.73
C ASN C 91 -53.41 18.17 16.62
N ALA C 92 -54.30 19.09 16.99
CA ALA C 92 -55.02 19.87 15.99
C ALA C 92 -54.06 20.72 15.17
N LEU C 93 -53.10 21.37 15.83
CA LEU C 93 -52.14 22.20 15.12
C LEU C 93 -51.30 21.37 14.17
N LEU C 94 -50.84 20.19 14.62
CA LEU C 94 -50.05 19.33 13.75
C LEU C 94 -50.87 18.89 12.54
N ASN C 95 -52.13 18.53 12.74
CA ASN C 95 -52.99 18.16 11.63
C ASN C 95 -53.39 19.35 10.78
N THR C 96 -53.16 20.58 11.26
CA THR C 96 -53.58 21.79 10.56
C THR C 96 -52.46 22.46 9.79
N ILE C 97 -51.25 22.50 10.33
CA ILE C 97 -50.13 23.22 9.75
C ILE C 97 -49.02 22.23 9.41
N ASP C 98 -48.52 22.31 8.18
CA ASP C 98 -47.41 21.47 7.77
C ASP C 98 -46.10 22.04 8.29
N LEU C 99 -45.27 21.18 8.89
CA LEU C 99 -44.01 21.65 9.47
C LEU C 99 -43.09 22.23 8.40
N SER C 100 -43.20 21.77 7.16
CA SER C 100 -42.33 22.27 6.10
C SER C 100 -42.54 23.76 5.87
N GLN C 101 -43.79 24.20 5.85
CA GLN C 101 -44.07 25.62 5.63
C GLN C 101 -43.46 26.47 6.74
N LEU C 102 -43.61 26.04 7.99
CA LEU C 102 -42.99 26.76 9.09
C LEU C 102 -41.47 26.77 8.97
N ALA C 103 -40.89 25.64 8.55
CA ALA C 103 -39.44 25.58 8.39
C ALA C 103 -38.94 26.62 7.41
N GLN C 104 -39.76 26.98 6.42
CA GLN C 104 -39.39 28.03 5.47
C GLN C 104 -39.58 29.43 6.03
N LEU C 105 -40.18 29.56 7.21
CA LEU C 105 -40.43 30.86 7.82
C LEU C 105 -39.54 31.04 9.04
N ASP C 106 -39.23 32.29 9.34
CA ASP C 106 -38.38 32.61 10.48
C ASP C 106 -39.06 32.18 11.78
N LEU C 107 -38.28 32.20 12.86
CA LEU C 107 -38.81 31.77 14.15
C LEU C 107 -39.95 32.67 14.61
N LYS C 108 -39.80 33.99 14.45
CA LYS C 108 -40.83 34.92 14.92
C LYS C 108 -42.12 34.74 14.11
N GLN C 109 -42.00 34.67 12.79
CA GLN C 109 -43.20 34.52 11.96
C GLN C 109 -43.90 33.20 12.24
N ALA C 110 -43.13 32.12 12.33
CA ALA C 110 -43.73 30.82 12.62
C ALA C 110 -44.39 30.82 13.99
N GLY C 111 -43.75 31.45 14.97
CA GLY C 111 -44.34 31.51 16.30
C GLY C 111 -45.63 32.30 16.34
N GLU C 112 -45.66 33.45 15.65
CA GLU C 112 -46.88 34.23 15.59
C GLU C 112 -48.00 33.46 14.90
N GLU C 113 -47.68 32.80 13.79
CA GLU C 113 -48.68 32.00 13.10
C GLU C 113 -49.19 30.87 13.97
N ILE C 114 -48.28 30.22 14.71
CA ILE C 114 -48.68 29.12 15.59
C ILE C 114 -49.56 29.64 16.71
N ARG C 115 -49.24 30.82 17.26
CA ARG C 115 -50.07 31.39 18.31
C ARG C 115 -51.46 31.68 17.80
N ASP C 116 -51.56 32.27 16.60
CA ASP C 116 -52.87 32.54 16.01
C ASP C 116 -53.65 31.25 15.78
N ILE C 117 -52.98 30.23 15.24
CA ILE C 117 -53.65 28.97 14.96
C ILE C 117 -54.10 28.31 16.27
N VAL C 118 -53.29 28.41 17.32
CA VAL C 118 -53.66 27.81 18.61
C VAL C 118 -54.85 28.54 19.22
N ALA C 119 -54.87 29.87 19.10
CA ALA C 119 -56.03 30.62 19.58
C ALA C 119 -57.29 30.21 18.83
N GLU C 120 -57.18 30.08 17.50
CA GLU C 120 -58.33 29.66 16.70
C GLU C 120 -58.79 28.26 17.09
N LEU C 121 -57.84 27.35 17.30
CA LEU C 121 -58.20 25.99 17.69
C LEU C 121 -58.86 25.96 19.06
N VAL C 122 -58.37 26.77 20.00
CA VAL C 122 -58.98 26.85 21.32
C VAL C 122 -60.40 27.37 21.21
N ALA C 123 -60.61 28.41 20.38
CA ALA C 123 -61.96 28.93 20.19
C ALA C 123 -62.87 27.87 19.58
N ILE C 124 -62.37 27.12 18.60
CA ILE C 124 -63.19 26.09 17.96
C ILE C 124 -63.55 25.01 18.97
N LYS C 125 -62.57 24.56 19.75
CA LYS C 125 -62.81 23.52 20.75
C LYS C 125 -63.56 24.04 21.97
N ASN C 126 -63.68 25.35 22.14
CA ASN C 126 -64.38 25.94 23.27
C ASN C 126 -63.78 25.46 24.59
N VAL C 127 -62.50 25.79 24.78
CA VAL C 127 -61.76 25.44 25.98
C VAL C 127 -61.65 26.68 26.85
N SER C 128 -62.16 26.59 28.08
CA SER C 128 -62.12 27.71 29.01
C SER C 128 -60.71 27.84 29.59
N MET C 129 -60.09 28.99 29.37
CA MET C 129 -58.74 29.24 29.88
C MET C 129 -58.52 30.73 29.97
N SER C 130 -57.75 31.15 30.97
CA SER C 130 -57.45 32.55 31.17
C SER C 130 -56.49 33.05 30.09
N VAL C 131 -56.41 34.38 29.96
CA VAL C 131 -55.51 34.97 28.97
C VAL C 131 -54.06 34.58 29.28
N ALA C 132 -53.66 34.67 30.54
CA ALA C 132 -52.32 34.24 30.92
C ALA C 132 -52.13 32.75 30.69
N GLU C 133 -53.13 31.94 31.05
CA GLU C 133 -53.04 30.50 30.81
C GLU C 133 -52.97 30.20 29.32
N GLN C 134 -53.76 30.91 28.51
CA GLN C 134 -53.71 30.71 27.07
C GLN C 134 -52.35 31.07 26.51
N GLU C 135 -51.77 32.19 26.97
CA GLU C 135 -50.45 32.58 26.51
C GLU C 135 -49.39 31.55 26.90
N HIS C 136 -49.49 31.04 28.14
CA HIS C 136 -48.53 30.01 28.58
C HIS C 136 -48.66 28.76 27.74
N LEU C 137 -49.90 28.33 27.45
CA LEU C 137 -50.09 27.15 26.62
C LEU C 137 -49.55 27.37 25.21
N VAL C 138 -49.76 28.56 24.65
CA VAL C 138 -49.26 28.86 23.32
C VAL C 138 -47.74 28.83 23.32
N GLN C 139 -47.12 29.41 24.34
CA GLN C 139 -45.65 29.38 24.43
C GLN C 139 -45.14 27.96 24.54
N ASP C 140 -45.81 27.13 25.35
CA ASP C 140 -45.40 25.74 25.49
C ASP C 140 -45.52 25.00 24.17
N ILE C 141 -46.61 25.23 23.44
CA ILE C 141 -46.79 24.58 22.15
C ILE C 141 -45.70 25.02 21.18
N ILE C 142 -45.39 26.32 21.17
CA ILE C 142 -44.34 26.82 20.29
C ILE C 142 -43.00 26.18 20.63
N ASN C 143 -42.70 26.09 21.92
CA ASN C 143 -41.45 25.46 22.34
C ASN C 143 -41.41 24.00 21.90
N ASP C 144 -42.51 23.28 22.08
CA ASP C 144 -42.53 21.87 21.69
C ASP C 144 -42.49 21.70 20.18
N VAL C 145 -42.87 22.73 19.42
CA VAL C 145 -42.88 22.66 17.98
C VAL C 145 -41.58 23.26 17.42
N LEU C 146 -41.30 24.50 17.79
CA LEU C 146 -40.13 25.22 17.31
C LEU C 146 -38.96 25.19 18.31
N GLY C 147 -39.23 25.46 19.58
CA GLY C 147 -38.18 25.51 20.57
C GLY C 147 -37.62 24.14 20.92
N TYR C 148 -37.13 24.01 22.15
CA TYR C 148 -36.54 22.75 22.62
C TYR C 148 -37.44 22.02 23.61
N GLY C 149 -38.74 22.29 23.57
CA GLY C 149 -39.67 21.57 24.40
C GLY C 149 -39.42 21.76 25.89
N PRO C 150 -39.53 20.70 26.67
CA PRO C 150 -39.40 20.84 28.12
C PRO C 150 -38.07 21.42 28.57
N LEU C 151 -37.01 21.27 27.77
CA LEU C 151 -35.72 21.83 28.15
C LEU C 151 -35.74 23.35 28.19
N GLU C 152 -36.68 23.99 27.50
CA GLU C 152 -36.66 25.45 27.39
C GLU C 152 -36.59 26.15 28.74
N PRO C 153 -37.44 25.82 29.72
CA PRO C 153 -37.26 26.44 31.04
C PRO C 153 -35.90 26.15 31.64
N LEU C 154 -35.44 24.90 31.57
CA LEU C 154 -34.16 24.55 32.18
C LEU C 154 -33.02 25.35 31.57
N LEU C 155 -33.00 25.45 30.25
CA LEU C 155 -31.98 26.28 29.60
C LEU C 155 -32.13 27.73 30.01
N ALA C 156 -33.37 28.18 30.20
CA ALA C 156 -33.59 29.57 30.61
C ALA C 156 -32.99 29.83 31.99
N ARG C 157 -33.15 28.89 32.90
CA ARG C 157 -32.62 29.07 34.25
C ARG C 157 -31.12 29.21 34.22
N ASP C 158 -30.59 30.03 35.14
CA ASP C 158 -29.16 30.29 35.20
C ASP C 158 -28.47 29.54 36.33
N ASP C 159 -29.19 29.21 37.41
CA ASP C 159 -28.59 28.42 38.47
C ASP C 159 -28.19 27.04 37.96
N ILE C 160 -29.02 26.44 37.11
CA ILE C 160 -28.69 25.15 36.53
C ILE C 160 -27.39 25.26 35.76
N ALA C 161 -26.47 24.33 36.02
CA ALA C 161 -25.19 24.29 35.33
C ALA C 161 -25.15 23.24 34.23
N ASP C 162 -25.64 22.03 34.50
CA ASP C 162 -25.65 20.95 33.53
C ASP C 162 -27.04 20.34 33.48
N ILE C 163 -27.40 19.83 32.31
CA ILE C 163 -28.65 19.13 32.10
C ILE C 163 -28.33 17.76 31.49
N MET C 164 -28.85 16.71 32.10
CA MET C 164 -28.57 15.34 31.68
C MET C 164 -29.89 14.63 31.48
N VAL C 165 -30.24 14.38 30.23
CA VAL C 165 -31.47 13.69 29.87
C VAL C 165 -31.08 12.28 29.47
N ASN C 166 -31.49 11.29 30.27
CA ASN C 166 -31.24 9.89 30.02
C ASN C 166 -32.55 9.27 29.55
N GLY C 167 -32.78 9.30 28.25
CA GLY C 167 -34.05 8.86 27.72
C GLY C 167 -35.11 9.93 27.90
N ALA C 168 -36.32 9.58 27.48
CA ALA C 168 -37.40 10.55 27.46
C ALA C 168 -38.01 10.82 28.83
N HIS C 169 -37.69 10.02 29.84
CA HIS C 169 -38.40 10.08 31.11
C HIS C 169 -37.54 10.53 32.28
N ARG C 170 -36.21 10.53 32.15
CA ARG C 170 -35.32 10.88 33.24
C ARG C 170 -34.52 12.11 32.85
N VAL C 171 -34.66 13.18 33.64
CA VAL C 171 -33.96 14.43 33.40
C VAL C 171 -33.39 14.90 34.73
N PHE C 172 -32.06 15.04 34.78
CA PHE C 172 -31.35 15.54 35.94
C PHE C 172 -30.75 16.90 35.63
N ILE C 173 -30.57 17.71 36.67
CA ILE C 173 -30.01 19.03 36.54
C ILE C 173 -28.98 19.21 37.65
N GLU C 174 -27.83 19.80 37.31
CA GLU C 174 -26.79 20.08 38.28
C GLU C 174 -27.01 21.47 38.85
N VAL C 175 -27.57 21.53 40.06
CA VAL C 175 -27.84 22.79 40.75
C VAL C 175 -26.95 22.85 41.98
N GLY C 176 -26.33 24.01 42.19
CA GLY C 176 -25.50 24.18 43.37
C GLY C 176 -24.39 23.16 43.48
N GLY C 177 -23.93 22.61 42.37
CA GLY C 177 -22.88 21.63 42.37
C GLY C 177 -23.31 20.21 42.65
N LYS C 178 -24.62 19.96 42.79
CA LYS C 178 -25.12 18.60 43.03
C LYS C 178 -26.20 18.29 42.01
N VAL C 179 -26.23 17.03 41.58
CA VAL C 179 -27.17 16.59 40.56
C VAL C 179 -28.48 16.18 41.22
N GLN C 180 -29.59 16.70 40.71
CA GLN C 180 -30.90 16.43 41.25
C GLN C 180 -31.81 15.94 40.12
N LEU C 181 -32.62 14.93 40.42
CA LEU C 181 -33.64 14.51 39.47
C LEU C 181 -34.73 15.56 39.38
N THR C 182 -35.37 15.63 38.22
CA THR C 182 -36.42 16.61 37.96
C THR C 182 -37.65 15.90 37.42
N ASN C 183 -38.80 16.54 37.64
CA ASN C 183 -40.06 16.02 37.12
C ASN C 183 -40.23 16.30 35.63
N VAL C 184 -39.32 17.05 35.01
CA VAL C 184 -39.42 17.33 33.59
C VAL C 184 -39.32 16.03 32.82
N ARG C 185 -40.26 15.81 31.90
CA ARG C 185 -40.29 14.61 31.09
C ARG C 185 -40.64 14.98 29.66
N PHE C 186 -40.17 14.16 28.73
CA PHE C 186 -40.53 14.31 27.33
C PHE C 186 -41.71 13.41 26.98
N ARG C 187 -42.37 13.73 25.87
CA ARG C 187 -43.50 12.91 25.45
C ARG C 187 -43.05 11.49 25.16
N ASP C 188 -41.92 11.32 24.49
CA ASP C 188 -41.41 10.00 24.14
C ASP C 188 -40.03 10.19 23.53
N ASN C 189 -39.38 9.07 23.21
CA ASN C 189 -38.05 9.14 22.63
C ASN C 189 -38.04 9.84 21.29
N LEU C 190 -39.17 9.87 20.57
CA LEU C 190 -39.21 10.55 19.29
C LEU C 190 -39.09 12.06 19.47
N GLN C 191 -39.86 12.62 20.40
CA GLN C 191 -39.74 14.05 20.68
C GLN C 191 -38.35 14.40 21.19
N LEU C 192 -37.81 13.56 22.07
CA LEU C 192 -36.47 13.81 22.58
C LEU C 192 -35.44 13.80 21.46
N MET C 193 -35.54 12.83 20.55
CA MET C 193 -34.58 12.77 19.45
C MET C 193 -34.74 13.96 18.53
N ASN C 194 -35.97 14.40 18.28
CA ASN C 194 -36.16 15.59 17.46
C ASN C 194 -35.52 16.80 18.12
N ILE C 195 -35.69 16.95 19.44
CA ILE C 195 -35.10 18.09 20.12
C ILE C 195 -33.59 18.02 20.07
N CYS C 196 -33.03 16.82 20.26
CA CYS C 196 -31.57 16.67 20.18
C CYS C 196 -31.07 17.03 18.79
N GLN C 197 -31.76 16.58 17.76
CA GLN C 197 -31.35 16.90 16.40
C GLN C 197 -31.42 18.40 16.15
N ARG C 198 -32.47 19.06 16.63
CA ARG C 198 -32.56 20.51 16.47
C ARG C 198 -31.40 21.20 17.17
N ILE C 199 -31.10 20.78 18.40
CA ILE C 199 -30.04 21.43 19.17
C ILE C 199 -28.70 21.28 18.47
N VAL C 200 -28.40 20.08 17.98
CA VAL C 200 -27.11 19.89 17.32
C VAL C 200 -27.07 20.64 16.00
N SER C 201 -28.17 20.60 15.23
CA SER C 201 -28.18 21.30 13.95
C SER C 201 -28.05 22.79 14.11
N GLN C 202 -28.45 23.33 15.27
CA GLN C 202 -28.26 24.75 15.52
C GLN C 202 -26.83 25.19 15.18
N VAL C 203 -25.87 24.27 15.20
CA VAL C 203 -24.51 24.55 14.78
C VAL C 203 -24.08 23.66 13.61
N GLY C 204 -25.05 23.17 12.84
CA GLY C 204 -24.75 22.42 11.64
C GLY C 204 -24.41 20.97 11.83
N ARG C 205 -24.41 20.47 13.07
CA ARG C 205 -24.10 19.07 13.29
C ARG C 205 -25.35 18.21 13.13
N ARG C 206 -25.14 16.93 12.87
CA ARG C 206 -26.22 15.99 12.60
C ARG C 206 -26.03 14.74 13.46
N VAL C 207 -27.11 14.29 14.08
CA VAL C 207 -27.10 13.09 14.90
C VAL C 207 -28.27 12.21 14.48
N ASP C 208 -27.99 10.93 14.23
CA ASP C 208 -29.00 9.97 13.81
C ASP C 208 -28.35 8.59 13.87
N GLU C 209 -29.11 7.56 13.50
CA GLU C 209 -28.60 6.20 13.59
C GLU C 209 -27.34 6.02 12.75
N SER C 210 -27.24 6.72 11.61
CA SER C 210 -26.03 6.62 10.81
C SER C 210 -24.83 7.19 11.56
N SER C 211 -25.03 8.32 12.26
CA SER C 211 -23.99 8.98 13.05
C SER C 211 -24.56 9.19 14.44
N PRO C 212 -24.56 8.15 15.28
CA PRO C 212 -25.27 8.23 16.55
C PRO C 212 -24.64 9.18 17.55
N ILE C 213 -23.32 9.29 17.58
CA ILE C 213 -22.61 10.10 18.56
C ILE C 213 -22.40 11.49 17.98
N CYS C 214 -22.71 12.52 18.76
CA CYS C 214 -22.50 13.89 18.33
C CYS C 214 -22.00 14.72 19.50
N ASP C 215 -21.01 15.56 19.24
CA ASP C 215 -20.49 16.48 20.26
C ASP C 215 -20.26 17.83 19.61
N ALA C 216 -20.86 18.87 20.18
CA ALA C 216 -20.81 20.19 19.59
C ALA C 216 -20.64 21.22 20.71
N ARG C 217 -20.20 22.40 20.32
CA ARG C 217 -20.08 23.54 21.22
C ARG C 217 -20.93 24.67 20.67
N LEU C 218 -22.01 24.99 21.37
CA LEU C 218 -22.91 26.02 20.90
C LEU C 218 -22.21 27.37 20.93
N PRO C 219 -22.69 28.34 20.13
CA PRO C 219 -22.00 29.63 20.07
C PRO C 219 -21.90 30.32 21.42
N ASP C 220 -22.79 30.02 22.36
CA ASP C 220 -22.75 30.63 23.67
C ASP C 220 -21.76 29.94 24.60
N GLY C 221 -21.03 28.94 24.13
CA GLY C 221 -20.04 28.23 24.91
C GLY C 221 -20.52 26.93 25.51
N SER C 222 -21.84 26.72 25.57
CA SER C 222 -22.36 25.48 26.11
C SER C 222 -21.91 24.30 25.25
N ARG C 223 -21.67 23.17 25.90
CA ARG C 223 -21.23 21.95 25.22
C ARG C 223 -22.38 20.95 25.22
N VAL C 224 -22.71 20.43 24.05
CA VAL C 224 -23.84 19.53 23.89
C VAL C 224 -23.32 18.21 23.36
N ASN C 225 -23.63 17.14 24.07
CA ASN C 225 -23.28 15.78 23.67
C ASN C 225 -24.55 14.97 23.53
N VAL C 226 -24.67 14.21 22.44
CA VAL C 226 -25.87 13.46 22.14
C VAL C 226 -25.46 12.04 21.74
N ILE C 227 -26.17 11.06 22.28
CA ILE C 227 -26.00 9.66 21.92
C ILE C 227 -27.35 9.12 21.47
N ALA C 228 -27.35 8.41 20.34
CA ALA C 228 -28.57 7.96 19.69
C ALA C 228 -29.06 6.63 20.26
N PRO C 229 -30.31 6.29 20.01
CA PRO C 229 -30.89 5.07 20.61
C PRO C 229 -30.11 3.81 20.25
N PRO C 230 -29.61 3.67 19.02
CA PRO C 230 -28.91 2.41 18.70
C PRO C 230 -27.77 2.11 19.64
N LEU C 231 -27.06 3.14 20.12
CA LEU C 231 -26.01 2.96 21.11
C LEU C 231 -26.54 3.05 22.53
N ALA C 232 -27.41 4.02 22.81
CA ALA C 232 -27.99 4.18 24.14
C ALA C 232 -29.20 3.26 24.25
N LEU C 233 -29.11 2.25 25.10
CA LEU C 233 -30.20 1.29 25.23
C LEU C 233 -31.46 1.95 25.74
N ASP C 234 -31.33 2.84 26.72
CA ASP C 234 -32.48 3.45 27.37
C ASP C 234 -33.01 4.68 26.65
N GLY C 235 -32.71 4.82 25.35
CA GLY C 235 -33.17 5.95 24.58
C GLY C 235 -32.08 6.97 24.36
N PRO C 236 -32.37 7.99 23.58
CA PRO C 236 -31.35 9.02 23.32
C PRO C 236 -30.92 9.68 24.62
N THR C 237 -29.63 9.98 24.72
CA THR C 237 -29.09 10.67 25.88
C THR C 237 -28.50 12.00 25.46
N LEU C 238 -28.73 13.02 26.28
CA LEU C 238 -28.32 14.37 25.94
C LEU C 238 -27.70 15.03 27.16
N THR C 239 -26.51 15.59 27.00
CA THR C 239 -25.81 16.29 28.06
C THR C 239 -25.51 17.70 27.59
N ILE C 240 -25.99 18.69 28.33
CA ILE C 240 -25.77 20.09 28.02
C ILE C 240 -25.04 20.69 29.20
N ARG C 241 -23.79 21.06 28.99
CA ARG C 241 -22.96 21.67 30.02
C ARG C 241 -22.83 23.14 29.70
N LYS C 242 -23.54 23.97 30.46
CA LYS C 242 -23.45 25.41 30.28
C LYS C 242 -22.08 25.90 30.70
N PHE C 243 -21.66 27.01 30.10
CA PHE C 243 -20.29 27.48 30.24
C PHE C 243 -20.07 28.09 31.61
N LYS C 244 -19.16 27.52 32.39
CA LYS C 244 -18.78 28.03 33.71
C LYS C 244 -17.45 28.76 33.54
N LYS C 245 -17.52 30.09 33.44
CA LYS C 245 -16.34 30.87 33.09
C LYS C 245 -15.25 30.77 34.15
N ASP C 246 -15.64 30.81 35.42
CA ASP C 246 -14.69 31.03 36.51
C ASP C 246 -14.00 29.75 36.98
N LYS C 247 -14.34 28.59 36.43
CA LYS C 247 -13.77 27.34 36.95
C LYS C 247 -12.30 27.23 36.62
N LEU C 248 -11.92 27.50 35.37
CA LEU C 248 -10.55 27.34 34.92
C LEU C 248 -9.86 28.70 34.91
N THR C 249 -9.46 29.14 36.11
CA THR C 249 -8.78 30.42 36.26
C THR C 249 -7.60 30.24 37.21
N MET C 250 -6.60 31.12 37.05
CA MET C 250 -5.45 31.07 37.94
C MET C 250 -5.83 31.29 39.38
N LYS C 251 -6.97 31.92 39.64
CA LYS C 251 -7.42 32.08 41.03
C LYS C 251 -7.63 30.72 41.67
N ASN C 252 -8.19 29.77 40.92
CA ASN C 252 -8.37 28.42 41.46
C ASN C 252 -7.03 27.80 41.84
N LEU C 253 -6.03 27.93 40.97
CA LEU C 253 -4.72 27.37 41.28
C LEU C 253 -4.13 28.03 42.52
N VAL C 254 -4.25 29.36 42.62
CA VAL C 254 -3.70 30.06 43.77
C VAL C 254 -4.38 29.59 45.05
N GLU C 255 -5.71 29.47 45.02
CA GLU C 255 -6.44 29.10 46.22
C GLU C 255 -6.18 27.64 46.60
N PHE C 256 -6.04 26.76 45.62
CA PHE C 256 -5.78 25.35 45.88
C PHE C 256 -4.33 25.07 46.21
N ALA C 257 -3.48 26.10 46.29
CA ALA C 257 -2.07 25.99 46.61
C ALA C 257 -1.28 25.28 45.51
N SER C 258 -1.87 25.09 44.32
CA SER C 258 -1.11 24.52 43.22
C SER C 258 0.08 25.39 42.87
N ILE C 259 -0.01 26.68 43.14
CA ILE C 259 1.06 27.63 42.84
C ILE C 259 0.87 28.85 43.72
N SER C 260 1.95 29.32 44.32
CA SER C 260 1.87 30.48 45.18
C SER C 260 1.54 31.72 44.36
N PRO C 261 1.00 32.75 44.98
CA PRO C 261 0.61 33.94 44.20
C PRO C 261 1.74 34.52 43.38
N GLU C 262 2.97 34.49 43.90
CA GLU C 262 4.11 34.95 43.11
C GLU C 262 4.33 34.06 41.91
N GLY C 263 4.20 32.75 42.09
CA GLY C 263 4.26 31.85 40.95
C GLY C 263 3.18 32.15 39.94
N ALA C 264 1.98 32.46 40.41
CA ALA C 264 0.89 32.80 39.50
C ALA C 264 1.22 34.07 38.72
N ARG C 265 1.79 35.07 39.38
CA ARG C 265 2.17 36.30 38.67
C ARG C 265 3.23 36.01 37.62
N VAL C 266 4.24 35.21 37.97
CA VAL C 266 5.28 34.90 37.01
C VAL C 266 4.71 34.11 35.84
N LEU C 267 3.76 33.23 36.11
CA LEU C 267 3.12 32.49 35.03
C LEU C 267 2.31 33.41 34.13
N GLY C 268 1.64 34.39 34.72
CA GLY C 268 0.95 35.38 33.91
C GLY C 268 1.90 36.15 33.02
N VAL C 269 3.05 36.54 33.56
CA VAL C 269 4.06 37.22 32.76
C VAL C 269 4.51 36.33 31.62
N ILE C 270 4.78 35.06 31.92
CA ILE C 270 5.25 34.14 30.90
C ILE C 270 4.21 33.98 29.80
N GLY C 271 2.94 33.87 30.17
CA GLY C 271 1.90 33.74 29.17
C GLY C 271 1.77 34.97 28.31
N ALA C 272 1.80 36.15 28.93
CA ALA C 272 1.66 37.39 28.18
C ALA C 272 2.92 37.71 27.37
N CYS C 273 4.06 37.12 27.71
CA CYS C 273 5.31 37.39 27.02
C CYS C 273 5.47 36.57 25.75
N ARG C 274 4.49 35.73 25.40
CA ARG C 274 4.56 34.90 24.21
C ARG C 274 5.74 33.94 24.26
N CYS C 275 6.15 33.55 25.46
CA CYS C 275 7.19 32.55 25.59
C CYS C 275 6.69 31.20 25.12
N ASN C 276 7.55 30.45 24.44
CA ASN C 276 7.21 29.10 24.03
C ASN C 276 7.18 28.20 25.26
N LEU C 277 6.05 27.56 25.49
CA LEU C 277 5.80 26.79 26.70
C LEU C 277 5.68 25.31 26.38
N VAL C 278 6.18 24.47 27.28
CA VAL C 278 5.92 23.04 27.26
C VAL C 278 5.48 22.68 28.66
N ILE C 279 4.20 22.31 28.80
CA ILE C 279 3.62 22.01 30.11
C ILE C 279 3.70 20.50 30.28
N SER C 280 4.82 20.03 30.80
CA SER C 280 4.99 18.61 31.04
C SER C 280 4.36 18.25 32.38
N GLY C 281 3.90 17.01 32.47
CA GLY C 281 3.32 16.54 33.71
C GLY C 281 3.20 15.04 33.77
N GLY C 282 3.19 14.49 34.98
CA GLY C 282 2.98 13.08 35.16
C GLY C 282 1.52 12.71 34.99
N THR C 283 1.25 11.43 35.08
CA THR C 283 -0.12 10.96 34.99
C THR C 283 -0.94 11.51 36.14
N GLY C 284 -2.14 11.98 35.82
CA GLY C 284 -3.02 12.53 36.84
C GLY C 284 -2.64 13.89 37.34
N SER C 285 -1.68 14.55 36.70
CA SER C 285 -1.26 15.88 37.13
C SER C 285 -2.19 16.98 36.64
N GLY C 286 -3.16 16.65 35.79
CA GLY C 286 -4.08 17.66 35.31
C GLY C 286 -3.41 18.77 34.55
N LYS C 287 -2.48 18.42 33.66
CA LYS C 287 -1.77 19.44 32.90
C LYS C 287 -2.64 20.06 31.81
N THR C 288 -3.76 19.43 31.45
CA THR C 288 -4.66 20.07 30.50
C THR C 288 -5.38 21.25 31.13
N THR C 289 -5.79 21.10 32.39
CA THR C 289 -6.34 22.25 33.11
C THR C 289 -5.31 23.35 33.21
N LEU C 290 -4.05 22.99 33.44
CA LEU C 290 -3.00 23.98 33.49
C LEU C 290 -2.83 24.66 32.14
N LEU C 291 -2.95 23.90 31.06
CA LEU C 291 -2.84 24.50 29.73
C LEU C 291 -3.98 25.47 29.48
N ASN C 292 -5.19 25.12 29.90
CA ASN C 292 -6.29 26.08 29.83
C ASN C 292 -5.98 27.34 30.61
N THR C 293 -5.47 27.18 31.83
CA THR C 293 -5.15 28.35 32.65
C THR C 293 -4.11 29.22 31.96
N MET C 294 -3.11 28.61 31.34
CA MET C 294 -2.09 29.39 30.65
C MET C 294 -2.66 30.10 29.44
N THR C 295 -3.47 29.40 28.64
CA THR C 295 -4.11 30.04 27.50
C THR C 295 -5.02 31.18 27.92
N ALA C 296 -5.45 31.20 29.18
CA ALA C 296 -6.21 32.35 29.65
C ALA C 296 -5.45 33.66 29.51
N PHE C 297 -4.12 33.61 29.42
CA PHE C 297 -3.31 34.83 29.34
C PHE C 297 -3.06 35.31 27.92
N ILE C 298 -3.45 34.54 26.90
CA ILE C 298 -3.19 34.95 25.53
C ILE C 298 -3.91 36.25 25.24
N ASP C 299 -3.24 37.14 24.53
CA ASP C 299 -3.85 38.39 24.13
C ASP C 299 -5.03 38.11 23.20
N PRO C 300 -6.16 38.80 23.37
CA PRO C 300 -7.32 38.49 22.52
C PRO C 300 -7.07 38.66 21.04
N THR C 301 -6.23 39.62 20.65
CA THR C 301 -6.01 39.90 19.25
C THR C 301 -5.26 38.78 18.53
N GLU C 302 -4.50 37.97 19.25
CA GLU C 302 -3.71 36.93 18.61
C GLU C 302 -4.60 35.85 18.01
N ARG C 303 -4.21 35.36 16.84
CA ARG C 303 -4.93 34.31 16.15
C ARG C 303 -4.39 32.97 16.62
N VAL C 304 -5.11 32.33 17.52
CA VAL C 304 -4.68 31.08 18.11
C VAL C 304 -5.26 29.92 17.32
N VAL C 305 -4.51 28.82 17.26
CA VAL C 305 -4.96 27.59 16.63
C VAL C 305 -4.65 26.45 17.59
N THR C 306 -5.67 25.65 17.92
CA THR C 306 -5.53 24.57 18.88
C THR C 306 -5.72 23.24 18.17
N CYS C 307 -4.76 22.33 18.36
CA CYS C 307 -4.86 20.97 17.86
C CYS C 307 -5.02 20.03 19.04
N GLU C 308 -6.05 19.19 18.99
CA GLU C 308 -6.35 18.28 20.08
C GLU C 308 -6.79 16.94 19.52
N ASP C 309 -6.36 15.85 20.16
CA ASP C 309 -6.87 14.55 19.78
C ASP C 309 -8.35 14.43 20.07
N ALA C 310 -8.78 14.96 21.22
CA ALA C 310 -10.19 14.97 21.60
C ALA C 310 -10.46 16.32 22.27
N ALA C 311 -11.11 17.22 21.55
CA ALA C 311 -11.21 18.61 21.98
C ALA C 311 -11.73 18.76 23.40
N GLU C 312 -10.92 19.37 24.26
CA GLU C 312 -11.31 19.64 25.63
C GLU C 312 -10.94 21.03 26.10
N LEU C 313 -10.05 21.73 25.40
CA LEU C 313 -9.71 23.10 25.77
C LEU C 313 -10.88 24.03 25.49
N GLN C 314 -10.96 25.10 26.28
CA GLN C 314 -12.02 26.10 26.12
C GLN C 314 -11.38 27.47 26.31
N LEU C 315 -10.92 28.05 25.21
CA LEU C 315 -10.27 29.36 25.25
C LEU C 315 -11.30 30.47 25.15
N GLN C 316 -11.13 31.48 26.00
CA GLN C 316 -12.05 32.61 26.02
C GLN C 316 -11.76 33.65 24.95
N GLN C 317 -10.65 33.52 24.23
CA GLN C 317 -10.31 34.50 23.22
C GLN C 317 -11.25 34.38 22.02
N PRO C 318 -11.46 35.46 21.28
CA PRO C 318 -12.42 35.44 20.17
C PRO C 318 -11.86 34.96 18.85
N HIS C 319 -10.55 34.76 18.73
CA HIS C 319 -9.95 34.37 17.45
C HIS C 319 -9.26 33.03 17.55
N VAL C 320 -9.92 32.05 18.14
CA VAL C 320 -9.36 30.72 18.31
C VAL C 320 -9.92 29.80 17.25
N VAL C 321 -9.04 29.03 16.61
CA VAL C 321 -9.41 28.03 15.62
C VAL C 321 -9.18 26.67 16.24
N ARG C 322 -10.22 25.85 16.27
CA ARG C 322 -10.19 24.57 16.94
C ARG C 322 -10.13 23.45 15.91
N LEU C 323 -9.13 22.58 16.03
CA LEU C 323 -8.94 21.46 15.13
C LEU C 323 -8.90 20.18 15.94
N GLU C 324 -9.19 19.07 15.28
CA GLU C 324 -9.21 17.77 15.94
C GLU C 324 -8.72 16.70 14.98
N THR C 325 -7.82 15.85 15.45
CA THR C 325 -7.31 14.76 14.63
C THR C 325 -8.41 13.74 14.39
N ARG C 326 -8.36 13.12 13.21
CA ARG C 326 -9.30 12.07 12.85
C ARG C 326 -8.61 10.72 12.93
N PRO C 327 -9.04 9.80 13.79
CA PRO C 327 -8.36 8.51 13.88
C PRO C 327 -8.60 7.69 12.62
N PRO C 328 -7.67 6.79 12.28
CA PRO C 328 -7.90 5.93 11.12
C PRO C 328 -9.14 5.08 11.29
N ASN C 329 -9.88 4.91 10.21
CA ASN C 329 -11.05 4.04 10.24
C ASN C 329 -10.60 2.60 10.47
N LEU C 330 -11.56 1.69 10.61
CA LEU C 330 -11.24 0.31 10.90
C LEU C 330 -10.38 -0.34 9.83
N GLU C 331 -10.34 0.24 8.63
CA GLU C 331 -9.48 -0.24 7.56
C GLU C 331 -8.10 0.42 7.60
N GLY C 332 -7.85 1.31 8.54
CA GLY C 332 -6.56 1.96 8.63
C GLY C 332 -6.33 3.05 7.62
N SER C 333 -7.38 3.76 7.19
CA SER C 333 -7.26 4.78 6.17
C SER C 333 -8.03 6.02 6.60
N GLY C 334 -7.63 7.15 6.03
CA GLY C 334 -8.30 8.41 6.30
C GLY C 334 -7.87 9.12 7.57
N ALA C 335 -6.82 8.64 8.22
CA ALA C 335 -6.37 9.27 9.46
C ALA C 335 -5.76 10.64 9.18
N VAL C 336 -6.02 11.57 10.07
CA VAL C 336 -5.39 12.90 10.04
C VAL C 336 -4.64 13.04 11.35
N THR C 337 -3.36 12.68 11.35
CA THR C 337 -2.57 12.68 12.56
C THR C 337 -2.30 14.11 13.04
N MET C 338 -1.90 14.21 14.30
CA MET C 338 -1.58 15.53 14.86
C MET C 338 -0.48 16.20 14.07
N ARG C 339 0.46 15.42 13.52
CA ARG C 339 1.52 16.01 12.72
C ARG C 339 0.94 16.73 11.51
N ASP C 340 -0.04 16.13 10.84
CA ASP C 340 -0.67 16.78 9.71
C ASP C 340 -1.38 18.06 10.14
N LEU C 341 -2.05 18.02 11.29
CA LEU C 341 -2.73 19.21 11.77
C LEU C 341 -1.74 20.34 12.04
N VAL C 342 -0.61 20.03 12.68
CA VAL C 342 0.35 21.09 12.97
C VAL C 342 1.01 21.59 11.69
N LYS C 343 1.29 20.69 10.75
CA LYS C 343 1.85 21.11 9.48
C LYS C 343 0.92 22.08 8.78
N ASN C 344 -0.38 21.77 8.75
CA ASN C 344 -1.32 22.70 8.16
C ASN C 344 -1.39 23.99 8.95
N CYS C 345 -1.38 23.90 10.28
CA CYS C 345 -1.43 25.09 11.12
C CYS C 345 -0.31 26.05 10.76
N LEU C 346 0.85 25.51 10.37
CA LEU C 346 1.94 26.37 9.96
C LEU C 346 1.56 27.24 8.76
N ARG C 347 0.55 26.85 7.99
CA ARG C 347 0.17 27.54 6.77
C ARG C 347 -1.07 28.40 6.92
N MET C 348 -1.57 28.58 8.14
CA MET C 348 -2.80 29.34 8.37
C MET C 348 -2.53 30.69 9.00
N ARG C 349 -1.29 31.17 8.95
CA ARG C 349 -0.96 32.47 9.50
C ARG C 349 -1.39 32.59 10.95
N PRO C 350 -1.15 31.59 11.80
CA PRO C 350 -1.47 31.75 13.22
C PRO C 350 -0.38 32.51 13.94
N GLU C 351 -0.71 32.97 15.13
CA GLU C 351 0.26 33.60 16.01
C GLU C 351 0.68 32.70 17.16
N ARG C 352 -0.20 31.83 17.62
CA ARG C 352 0.13 30.82 18.60
C ARG C 352 -0.47 29.50 18.14
N ILE C 353 0.22 28.41 18.43
CA ILE C 353 -0.28 27.06 18.17
C ILE C 353 -0.29 26.33 19.50
N ILE C 354 -1.45 25.80 19.86
CA ILE C 354 -1.65 25.15 21.15
C ILE C 354 -1.94 23.69 20.87
N VAL C 355 -0.90 22.85 20.92
CA VAL C 355 -1.07 21.42 20.72
C VAL C 355 -1.55 20.80 22.02
N GLY C 356 -2.64 20.03 21.94
CA GLY C 356 -3.22 19.48 23.15
C GLY C 356 -2.26 18.60 23.92
N GLU C 357 -1.59 17.68 23.21
CA GLU C 357 -0.59 16.83 23.83
C GLU C 357 0.30 16.25 22.76
N VAL C 358 1.61 16.27 23.01
CA VAL C 358 2.60 15.79 22.07
C VAL C 358 2.95 14.36 22.45
N ARG C 359 2.80 13.44 21.50
CA ARG C 359 3.11 12.04 21.74
C ARG C 359 3.97 11.41 20.66
N GLY C 360 4.19 12.07 19.53
CA GLY C 360 4.92 11.46 18.45
C GLY C 360 5.69 12.48 17.64
N PRO C 361 5.81 12.24 16.34
CA PRO C 361 6.62 13.15 15.50
C PRO C 361 6.11 14.58 15.50
N GLU C 362 4.84 14.81 15.87
CA GLU C 362 4.33 16.18 15.86
C GLU C 362 5.21 17.10 16.69
N ALA C 363 5.84 16.56 17.73
CA ALA C 363 6.81 17.34 18.50
C ALA C 363 7.71 18.13 17.58
N PHE C 364 8.41 17.42 16.69
CA PHE C 364 9.25 18.08 15.69
C PHE C 364 8.52 19.26 15.08
N ASP C 365 7.38 18.99 14.44
CA ASP C 365 6.64 20.06 13.79
C ASP C 365 6.33 21.18 14.78
N LEU C 366 5.81 20.82 15.95
CA LEU C 366 5.52 21.83 16.95
C LEU C 366 6.75 22.68 17.21
N LEU C 367 7.89 22.04 17.41
CA LEU C 367 9.11 22.79 17.68
C LEU C 367 9.44 23.71 16.52
N GLN C 368 9.27 23.23 15.28
CA GLN C 368 9.48 24.12 14.15
C GLN C 368 8.55 25.32 14.22
N ALA C 369 7.29 25.09 14.57
CA ALA C 369 6.37 26.20 14.75
C ALA C 369 6.88 27.14 15.83
N MET C 370 7.47 26.60 16.88
CA MET C 370 8.01 27.45 17.94
C MET C 370 9.20 28.25 17.43
N ASN C 371 9.93 27.73 16.46
CA ASN C 371 11.13 28.38 15.93
C ASN C 371 10.86 29.18 14.67
N THR C 372 9.84 28.80 13.90
CA THR C 372 9.57 29.47 12.63
C THR C 372 9.04 30.89 12.82
N GLY C 373 8.64 31.26 14.03
CA GLY C 373 8.20 32.62 14.26
C GLY C 373 6.88 32.72 15.00
N HIS C 374 6.23 31.58 15.24
CA HIS C 374 4.98 31.55 16.01
C HIS C 374 5.26 31.46 17.49
N ASP C 375 6.12 32.34 17.99
CA ASP C 375 6.48 32.29 19.41
C ASP C 375 5.24 32.52 20.26
N GLY C 376 5.18 31.80 21.38
CA GLY C 376 4.00 31.73 22.21
C GLY C 376 3.28 30.40 22.14
N SER C 377 3.68 29.52 21.23
CA SER C 377 3.04 28.22 21.11
C SER C 377 3.21 27.42 22.39
N MET C 378 2.19 26.66 22.74
CA MET C 378 2.17 25.83 23.93
C MET C 378 2.02 24.38 23.53
N GLY C 379 2.13 23.50 24.52
CA GLY C 379 1.93 22.07 24.29
C GLY C 379 2.18 21.26 25.54
N THR C 380 1.29 20.32 25.84
CA THR C 380 1.44 19.47 27.00
C THR C 380 2.28 18.24 26.64
N LEU C 381 2.75 17.56 27.67
CA LEU C 381 3.72 16.49 27.50
C LEU C 381 3.69 15.61 28.74
N HIS C 382 3.89 14.31 28.55
CA HIS C 382 3.90 13.36 29.64
C HIS C 382 5.33 13.14 30.10
N ALA C 383 5.67 13.68 31.27
CA ALA C 383 7.01 13.52 31.83
C ALA C 383 6.95 13.92 33.29
N ASN C 384 7.82 13.32 34.09
CA ASN C 384 7.83 13.54 35.53
C ASN C 384 8.85 14.57 35.98
N SER C 385 9.56 15.20 35.07
CA SER C 385 10.49 16.26 35.42
C SER C 385 10.91 17.00 34.16
N PRO C 386 11.28 18.28 34.25
CA PRO C 386 11.67 19.00 33.04
C PRO C 386 12.76 18.30 32.25
N ARG C 387 13.75 17.73 32.92
CA ARG C 387 14.78 16.99 32.22
C ARG C 387 14.18 15.78 31.49
N GLU C 388 13.28 15.06 32.16
CA GLU C 388 12.60 13.96 31.49
C GLU C 388 11.75 14.47 30.34
N ALA C 389 11.17 15.67 30.47
CA ALA C 389 10.40 16.23 29.36
C ALA C 389 11.30 16.48 28.16
N ILE C 390 12.48 17.04 28.40
CA ILE C 390 13.42 17.28 27.30
C ILE C 390 13.83 15.96 26.65
N SER C 391 14.11 14.95 27.48
CA SER C 391 14.46 13.65 26.94
C SER C 391 13.33 13.09 26.08
N ARG C 392 12.09 13.23 26.55
CA ARG C 392 10.95 12.73 25.79
C ARG C 392 10.83 13.47 24.46
N ILE C 393 11.02 14.78 24.46
CA ILE C 393 10.94 15.54 23.22
C ILE C 393 11.99 15.04 22.24
N GLU C 394 13.22 14.83 22.73
CA GLU C 394 14.25 14.30 21.87
C GLU C 394 13.85 12.94 21.31
N SER C 395 13.25 12.10 22.15
CA SER C 395 12.86 10.78 21.69
C SER C 395 11.81 10.86 20.59
N MET C 396 10.82 11.73 20.74
CA MET C 396 9.82 11.86 19.70
C MET C 396 10.41 12.41 18.42
N ILE C 397 11.27 13.43 18.51
CA ILE C 397 11.88 13.99 17.31
C ILE C 397 12.69 12.91 16.61
N THR C 398 13.42 12.09 17.35
CA THR C 398 14.15 10.99 16.75
C THR C 398 13.19 9.99 16.10
N MET C 399 12.08 9.70 16.77
CA MET C 399 11.06 8.85 16.18
C MET C 399 10.52 9.45 14.89
N GLY C 400 10.69 10.76 14.69
CA GLY C 400 10.21 11.37 13.47
C GLY C 400 10.75 10.70 12.22
N GLY C 401 11.94 10.11 12.31
CA GLY C 401 12.53 9.38 11.21
C GLY C 401 13.55 10.15 10.40
N TYR C 402 13.72 11.44 10.67
CA TYR C 402 14.73 12.20 9.96
C TYR C 402 16.11 11.86 10.50
N GLY C 403 17.12 12.02 9.64
CA GLY C 403 18.48 11.67 10.02
C GLY C 403 19.15 12.76 10.83
N LEU C 404 18.45 13.26 11.84
CA LEU C 404 18.95 14.38 12.62
C LEU C 404 19.83 13.86 13.76
N PRO C 405 21.08 14.28 13.86
CA PRO C 405 21.91 13.84 15.00
C PRO C 405 21.40 14.43 16.30
N SER C 406 21.69 13.72 17.39
CA SER C 406 21.19 14.13 18.69
C SER C 406 21.53 15.58 19.00
N LYS C 407 22.73 16.02 18.62
CA LYS C 407 23.11 17.41 18.90
C LYS C 407 22.23 18.38 18.15
N THR C 408 21.85 18.05 16.91
CA THR C 408 20.96 18.91 16.16
C THR C 408 19.60 19.03 16.85
N ILE C 409 19.08 17.91 17.34
CA ILE C 409 17.79 17.94 18.03
C ILE C 409 17.90 18.75 19.31
N LYS C 410 19.00 18.60 20.04
CA LYS C 410 19.17 19.38 21.27
C LYS C 410 19.23 20.87 20.96
N GLU C 411 19.94 21.25 19.89
CA GLU C 411 19.99 22.65 19.51
C GLU C 411 18.61 23.16 19.13
N MET C 412 17.85 22.33 18.41
CA MET C 412 16.50 22.73 18.04
C MET C 412 15.63 22.95 19.26
N ILE C 413 15.73 22.05 20.24
CA ILE C 413 14.94 22.19 21.47
C ILE C 413 15.34 23.47 22.19
N VAL C 414 16.64 23.72 22.31
CA VAL C 414 17.08 24.91 23.03
C VAL C 414 16.59 26.16 22.32
N GLY C 415 16.63 26.16 20.99
CA GLY C 415 16.17 27.33 20.25
C GLY C 415 14.68 27.54 20.39
N SER C 416 13.90 26.47 20.38
CA SER C 416 12.44 26.59 20.37
C SER C 416 11.88 26.84 21.76
N VAL C 417 12.05 25.88 22.66
CA VAL C 417 11.37 25.93 23.96
C VAL C 417 11.98 27.03 24.81
N ASP C 418 11.13 27.79 25.49
CA ASP C 418 11.55 28.85 26.39
C ASP C 418 11.41 28.46 27.85
N VAL C 419 10.21 28.03 28.26
CA VAL C 419 9.91 27.71 29.64
C VAL C 419 9.23 26.34 29.68
N ILE C 420 9.57 25.55 30.69
CA ILE C 420 8.93 24.27 30.94
C ILE C 420 8.28 24.33 32.31
N ILE C 421 7.01 23.96 32.37
CA ILE C 421 6.24 23.95 33.60
C ILE C 421 5.91 22.50 33.93
N GLN C 422 6.47 22.02 35.03
CA GLN C 422 6.25 20.66 35.50
C GLN C 422 5.19 20.69 36.59
N ALA C 423 4.04 20.10 36.29
CA ALA C 423 2.95 19.93 37.23
C ALA C 423 2.83 18.46 37.58
N ALA C 424 2.70 18.15 38.86
CA ALA C 424 2.68 16.77 39.33
C ALA C 424 1.59 16.58 40.36
N ARG C 425 0.99 15.40 40.38
CA ARG C 425 0.08 15.00 41.44
C ARG C 425 0.88 14.38 42.56
N LEU C 426 0.88 15.02 43.73
CA LEU C 426 1.72 14.58 44.82
C LEU C 426 1.18 13.30 45.44
N ARG C 427 1.83 12.86 46.51
CA ARG C 427 1.47 11.60 47.15
C ARG C 427 0.02 11.62 47.62
N ASP C 428 -0.42 12.73 48.22
CA ASP C 428 -1.76 12.83 48.77
C ASP C 428 -2.81 13.15 47.72
N GLY C 429 -2.51 12.96 46.44
CA GLY C 429 -3.47 13.18 45.38
C GLY C 429 -3.68 14.62 45.01
N SER C 430 -2.96 15.55 45.64
CA SER C 430 -3.10 16.97 45.34
C SER C 430 -2.20 17.35 44.17
N ARG C 431 -2.68 18.28 43.37
CA ARG C 431 -1.96 18.75 42.20
C ARG C 431 -1.11 19.96 42.56
N ARG C 432 0.12 19.98 42.05
CA ARG C 432 1.02 21.10 42.26
C ARG C 432 1.77 21.38 40.97
N ILE C 433 2.19 22.63 40.81
CA ILE C 433 3.11 23.02 39.75
C ILE C 433 4.50 22.92 40.36
N THR C 434 5.10 21.74 40.25
CA THR C 434 6.33 21.48 40.97
C THR C 434 7.46 22.39 40.49
N HIS C 435 7.59 22.58 39.18
CA HIS C 435 8.71 23.36 38.64
C HIS C 435 8.22 24.37 37.62
N ILE C 436 8.81 25.56 37.67
CA ILE C 436 8.80 26.49 36.54
C ILE C 436 10.26 26.73 36.21
N THR C 437 10.71 26.16 35.09
CA THR C 437 12.12 26.15 34.76
C THR C 437 12.32 26.70 33.37
N GLU C 438 13.56 27.07 33.08
CA GLU C 438 13.91 27.75 31.84
C GLU C 438 15.01 26.97 31.14
N VAL C 439 14.89 26.83 29.82
CA VAL C 439 15.92 26.16 29.03
C VAL C 439 17.03 27.17 28.73
N VAL C 440 18.03 27.22 29.59
CA VAL C 440 19.05 28.27 29.49
C VAL C 440 19.83 28.12 28.19
N GLY C 441 20.28 26.92 27.87
CA GLY C 441 21.06 26.74 26.66
C GLY C 441 21.53 25.32 26.50
N LEU C 442 22.57 25.15 25.67
CA LEU C 442 23.15 23.84 25.41
C LEU C 442 24.65 23.93 25.64
N GLU C 443 25.15 23.21 26.65
CA GLU C 443 26.58 23.13 26.93
C GLU C 443 27.10 21.86 26.28
N GLY C 444 27.62 22.00 25.06
CA GLY C 444 28.31 20.92 24.41
C GLY C 444 27.37 19.81 23.97
N ASP C 445 26.82 19.10 24.96
CA ASP C 445 25.85 18.06 24.69
C ASP C 445 24.74 18.00 25.73
N VAL C 446 24.76 18.84 26.75
CA VAL C 446 23.79 18.79 27.83
C VAL C 446 22.95 20.06 27.80
N ILE C 447 21.64 19.91 27.75
CA ILE C 447 20.75 21.06 27.75
C ILE C 447 20.69 21.58 29.18
N VAL C 448 21.26 22.76 29.41
CA VAL C 448 21.31 23.37 30.73
C VAL C 448 20.03 24.18 30.93
N THR C 449 19.33 23.86 32.01
CA THR C 449 18.09 24.53 32.38
C THR C 449 18.21 25.05 33.81
N GLN C 450 17.59 26.19 34.06
CA GLN C 450 17.56 26.80 35.38
C GLN C 450 16.13 26.90 35.86
N ASP C 451 15.91 26.62 37.14
CA ASP C 451 14.58 26.58 37.71
C ASP C 451 14.25 27.93 38.33
N LEU C 452 13.23 28.61 37.80
CA LEU C 452 12.76 29.83 38.42
C LEU C 452 12.01 29.54 39.71
N PHE C 453 11.12 28.56 39.68
CA PHE C 453 10.31 28.22 40.84
C PHE C 453 10.36 26.72 41.06
N VAL C 454 10.45 26.31 42.33
CA VAL C 454 10.44 24.90 42.69
C VAL C 454 9.50 24.70 43.86
N TYR C 455 9.05 23.47 44.02
CA TYR C 455 8.22 23.06 45.15
C TYR C 455 9.09 22.22 46.09
N GLU C 456 9.26 22.70 47.31
CA GLU C 456 10.03 22.01 48.33
C GLU C 456 9.07 21.35 49.31
N ILE C 457 9.14 20.03 49.40
CA ILE C 457 8.33 19.27 50.34
C ILE C 457 9.10 19.15 51.64
N THR C 458 8.49 19.59 52.74
CA THR C 458 9.16 19.62 54.04
C THR C 458 8.52 18.72 55.07
N GLY C 459 7.43 18.02 54.73
CA GLY C 459 6.79 17.14 55.66
C GLY C 459 5.36 16.86 55.25
N GLU C 460 4.60 16.32 56.21
CA GLU C 460 3.22 15.95 55.98
C GLU C 460 2.41 16.23 57.23
N ASP C 461 1.10 16.40 57.04
CA ASP C 461 0.20 16.60 58.15
C ASP C 461 -0.12 15.26 58.83
N GLU C 462 -0.74 15.35 60.01
CA GLU C 462 -1.21 14.16 60.69
C GLU C 462 -2.30 13.45 59.88
N HIS C 463 -2.91 14.15 58.92
CA HIS C 463 -3.90 13.54 58.04
C HIS C 463 -3.26 12.76 56.91
N GLY C 464 -1.94 12.80 56.77
CA GLY C 464 -1.26 12.25 55.62
C GLY C 464 -1.06 13.23 54.50
N LYS C 465 -1.67 14.41 54.58
CA LYS C 465 -1.49 15.42 53.54
C LYS C 465 -0.04 15.89 53.50
N VAL C 466 0.44 16.15 52.29
CA VAL C 466 1.82 16.57 52.09
C VAL C 466 1.94 18.06 52.38
N VAL C 467 3.07 18.43 52.98
CA VAL C 467 3.35 19.82 53.34
C VAL C 467 4.54 20.30 52.53
N GLY C 468 4.36 21.41 51.83
CA GLY C 468 5.43 21.95 51.01
C GLY C 468 5.18 23.42 50.74
N LYS C 469 6.21 24.06 50.18
CA LYS C 469 6.16 25.48 49.87
C LYS C 469 6.80 25.73 48.53
N HIS C 470 6.30 26.74 47.83
CA HIS C 470 6.86 27.15 46.55
C HIS C 470 7.95 28.19 46.81
N ARG C 471 9.16 27.89 46.36
CA ARG C 471 10.32 28.75 46.59
C ARG C 471 10.88 29.18 45.25
N SER C 472 11.15 30.48 45.12
CA SER C 472 11.84 30.99 43.95
C SER C 472 13.33 30.76 44.10
N THR C 473 13.96 30.26 43.04
CA THR C 473 15.38 29.97 43.09
C THR C 473 16.23 31.22 43.26
N GLY C 474 15.65 32.39 43.05
CA GLY C 474 16.37 33.64 43.19
C GLY C 474 16.98 34.19 41.91
N ILE C 475 16.77 33.52 40.78
CA ILE C 475 17.30 34.02 39.51
C ILE C 475 16.59 35.32 39.19
N ALA C 476 17.31 36.43 39.28
CA ALA C 476 16.70 37.74 39.06
C ALA C 476 16.49 38.06 37.58
N ARG C 477 17.23 37.40 36.68
CA ARG C 477 17.17 37.68 35.25
C ARG C 477 17.00 36.37 34.48
N PRO C 478 15.78 35.86 34.40
CA PRO C 478 15.54 34.69 33.55
C PRO C 478 15.79 35.02 32.08
N ARG C 479 16.11 33.98 31.31
CA ARG C 479 16.52 34.19 29.93
C ARG C 479 15.48 34.96 29.13
N PHE C 480 14.21 34.88 29.53
CA PHE C 480 13.14 35.59 28.83
C PHE C 480 12.91 36.99 29.37
N TRP C 481 13.78 37.48 30.24
CA TRP C 481 13.60 38.83 30.78
C TRP C 481 13.49 39.87 29.67
N ASP C 482 14.21 39.67 28.56
CA ASP C 482 14.15 40.62 27.46
C ASP C 482 12.75 40.69 26.88
N ARG C 483 12.07 39.54 26.75
CA ARG C 483 10.71 39.56 26.22
C ARG C 483 9.79 40.36 27.13
N ALA C 484 9.92 40.18 28.44
CA ALA C 484 9.11 40.95 29.37
C ALA C 484 9.39 42.43 29.25
N ARG C 485 10.67 42.80 29.16
CA ARG C 485 11.01 44.21 28.99
C ARG C 485 10.37 44.76 27.72
N TYR C 486 10.44 43.99 26.63
CA TYR C 486 9.84 44.44 25.38
C TYR C 486 8.34 44.62 25.52
N TYR C 487 7.67 43.71 26.23
CA TYR C 487 6.24 43.81 26.43
C TYR C 487 5.87 44.70 27.61
N GLY C 488 6.85 45.22 28.34
CA GLY C 488 6.58 46.10 29.46
C GLY C 488 6.20 45.41 30.74
N LEU C 489 6.39 44.10 30.83
CA LEU C 489 6.06 43.34 32.03
C LEU C 489 7.28 43.08 32.91
N GLU C 490 8.41 43.71 32.61
CA GLU C 490 9.61 43.48 33.39
C GLU C 490 9.39 43.80 34.85
N ARG C 491 8.68 44.90 35.13
CA ARG C 491 8.49 45.31 36.51
C ARG C 491 7.68 44.29 37.28
N GLU C 492 6.59 43.78 36.68
CA GLU C 492 5.80 42.76 37.33
C GLU C 492 6.63 41.50 37.59
N LEU C 493 7.42 41.09 36.59
CA LEU C 493 8.25 39.90 36.75
C LEU C 493 9.23 40.07 37.90
N ALA C 494 9.90 41.22 37.97
CA ALA C 494 10.86 41.45 39.03
C ALA C 494 10.18 41.46 40.38
N GLU C 495 9.01 42.10 40.48
CA GLU C 495 8.30 42.14 41.75
C GLU C 495 7.92 40.73 42.20
N ALA C 496 7.40 39.93 41.28
CA ALA C 496 7.00 38.57 41.65
C ALA C 496 8.20 37.75 42.09
N LEU C 497 9.31 37.85 41.35
CA LEU C 497 10.49 37.07 41.71
C LEU C 497 11.02 37.49 43.08
N ASP C 498 11.05 38.79 43.36
CA ASP C 498 11.52 39.26 44.66
C ASP C 498 10.59 38.80 45.78
N ALA C 499 9.28 38.90 45.57
CA ALA C 499 8.35 38.51 46.62
C ALA C 499 8.42 37.01 46.90
N ALA C 500 8.61 36.20 45.86
CA ALA C 500 8.67 34.76 46.07
C ALA C 500 9.82 34.37 46.98
N GLU C 501 10.98 34.99 46.77
CA GLU C 501 12.17 34.69 47.56
C GLU C 501 12.57 33.22 47.42
N ASP D 80 -32.67 45.83 8.17
CA ASP D 80 -33.35 44.56 8.32
C ASP D 80 -34.22 44.26 7.11
N TYR D 81 -34.89 45.29 6.59
CA TYR D 81 -35.76 45.10 5.43
C TYR D 81 -34.97 44.59 4.23
N TYR D 82 -33.79 45.16 3.98
CA TYR D 82 -32.98 44.70 2.85
C TYR D 82 -32.56 43.25 3.05
N HIS D 83 -32.10 42.90 4.25
CA HIS D 83 -31.66 41.53 4.50
C HIS D 83 -32.81 40.54 4.39
N ALA D 84 -33.97 40.88 4.96
CA ALA D 84 -35.12 39.99 4.87
C ALA D 84 -35.57 39.82 3.43
N THR D 85 -35.60 40.91 2.67
CA THR D 85 -35.98 40.83 1.26
C THR D 85 -34.99 39.97 0.49
N LYS D 86 -33.69 40.13 0.77
CA LYS D 86 -32.68 39.32 0.09
C LYS D 86 -32.87 37.84 0.41
N THR D 87 -33.13 37.53 1.68
CA THR D 87 -33.34 36.14 2.07
C THR D 87 -34.56 35.56 1.37
N THR D 88 -35.66 36.32 1.33
CA THR D 88 -36.86 35.84 0.67
C THR D 88 -36.63 35.64 -0.81
N ILE D 89 -35.92 36.56 -1.46
CA ILE D 89 -35.66 36.44 -2.89
C ILE D 89 -34.77 35.24 -3.16
N PHE D 90 -33.76 35.01 -2.31
CA PHE D 90 -32.91 33.84 -2.49
C PHE D 90 -33.71 32.55 -2.33
N ASN D 91 -34.59 32.50 -1.34
CA ASN D 91 -35.41 31.31 -1.16
C ASN D 91 -36.32 31.08 -2.38
N ALA D 92 -36.92 32.16 -2.88
CA ALA D 92 -37.77 32.03 -4.06
C ALA D 92 -36.98 31.55 -5.27
N LEU D 93 -35.78 32.10 -5.47
CA LEU D 93 -34.94 31.66 -6.58
C LEU D 93 -34.56 30.19 -6.45
N LEU D 94 -34.21 29.77 -5.23
CA LEU D 94 -33.87 28.37 -5.00
C LEU D 94 -35.06 27.47 -5.32
N ASN D 95 -36.25 27.86 -4.89
CA ASN D 95 -37.45 27.09 -5.18
C ASN D 95 -37.90 27.21 -6.64
N THR D 96 -37.33 28.15 -7.39
CA THR D 96 -37.74 28.41 -8.76
C THR D 96 -36.84 27.75 -9.80
N ILE D 97 -35.53 27.70 -9.57
CA ILE D 97 -34.58 27.16 -10.54
C ILE D 97 -33.62 26.22 -9.82
N ASP D 98 -32.99 25.35 -10.61
CA ASP D 98 -32.00 24.41 -10.11
C ASP D 98 -30.61 24.95 -10.44
N LEU D 99 -29.76 25.04 -9.42
CA LEU D 99 -28.42 25.61 -9.62
C LEU D 99 -27.59 24.82 -10.62
N SER D 100 -27.88 23.52 -10.80
CA SER D 100 -27.12 22.72 -11.75
C SER D 100 -27.29 23.26 -13.17
N GLN D 101 -28.52 23.62 -13.55
CA GLN D 101 -28.76 24.14 -14.89
C GLN D 101 -27.97 25.42 -15.13
N LEU D 102 -27.98 26.34 -14.15
CA LEU D 102 -27.21 27.56 -14.29
C LEU D 102 -25.71 27.26 -14.38
N ALA D 103 -25.24 26.33 -13.54
CA ALA D 103 -23.83 25.95 -13.60
C ALA D 103 -23.45 25.43 -14.98
N GLN D 104 -24.37 24.70 -15.62
CA GLN D 104 -24.12 24.24 -16.98
C GLN D 104 -23.93 25.42 -17.93
N LEU D 105 -24.57 26.54 -17.66
CA LEU D 105 -24.45 27.72 -18.50
C LEU D 105 -23.20 28.51 -18.13
N ASP D 106 -22.83 29.43 -19.02
CA ASP D 106 -21.66 30.27 -18.79
C ASP D 106 -21.96 31.31 -17.71
N LEU D 107 -20.90 31.97 -17.24
CA LEU D 107 -21.06 32.94 -16.17
C LEU D 107 -21.96 34.10 -16.59
N LYS D 108 -21.77 34.62 -17.79
CA LYS D 108 -22.56 35.76 -18.24
C LYS D 108 -24.02 35.37 -18.42
N GLN D 109 -24.27 34.26 -19.12
CA GLN D 109 -25.64 33.82 -19.34
C GLN D 109 -26.33 33.46 -18.02
N ALA D 110 -25.62 32.76 -17.14
CA ALA D 110 -26.19 32.41 -15.85
C ALA D 110 -26.51 33.66 -15.03
N GLY D 111 -25.62 34.64 -15.05
CA GLY D 111 -25.87 35.88 -14.33
C GLY D 111 -27.06 36.65 -14.88
N GLU D 112 -27.17 36.72 -16.21
CA GLU D 112 -28.31 37.40 -16.80
C GLU D 112 -29.61 36.70 -16.45
N GLU D 113 -29.62 35.37 -16.52
CA GLU D 113 -30.81 34.61 -16.16
C GLU D 113 -31.16 34.82 -14.69
N ILE D 114 -30.15 34.83 -13.82
CA ILE D 114 -30.40 35.04 -12.39
C ILE D 114 -30.98 36.42 -12.15
N ARG D 115 -30.43 37.44 -12.82
CA ARG D 115 -30.97 38.80 -12.66
C ARG D 115 -32.41 38.87 -13.13
N ASP D 116 -32.71 38.26 -14.27
CA ASP D 116 -34.08 38.27 -14.78
C ASP D 116 -35.02 37.57 -13.80
N ILE D 117 -34.60 36.41 -13.29
CA ILE D 117 -35.45 35.67 -12.36
C ILE D 117 -35.65 36.44 -11.07
N VAL D 118 -34.60 37.12 -10.58
CA VAL D 118 -34.73 37.90 -9.36
C VAL D 118 -35.69 39.06 -9.57
N ALA D 119 -35.59 39.74 -10.71
CA ALA D 119 -36.52 40.82 -10.99
C ALA D 119 -37.95 40.30 -11.08
N GLU D 120 -38.15 39.16 -11.73
CA GLU D 120 -39.48 38.58 -11.84
C GLU D 120 -40.03 38.23 -10.46
N LEU D 121 -39.20 37.64 -9.60
CA LEU D 121 -39.64 37.29 -8.26
C LEU D 121 -39.98 38.53 -7.45
N VAL D 122 -39.16 39.57 -7.57
CA VAL D 122 -39.43 40.81 -6.85
C VAL D 122 -40.76 41.39 -7.30
N ALA D 123 -41.02 41.38 -8.60
CA ALA D 123 -42.32 41.84 -9.09
C ALA D 123 -43.44 40.97 -8.53
N ILE D 124 -43.26 39.66 -8.53
CA ILE D 124 -44.28 38.76 -8.00
C ILE D 124 -44.45 38.98 -6.49
N LYS D 125 -43.34 39.11 -5.78
CA LYS D 125 -43.38 39.35 -4.33
C LYS D 125 -43.84 40.75 -3.96
N ASN D 126 -43.99 41.65 -4.95
CA ASN D 126 -44.40 43.03 -4.69
C ASN D 126 -43.40 43.72 -3.76
N VAL D 127 -42.12 43.39 -3.93
CA VAL D 127 -41.07 44.00 -3.11
C VAL D 127 -40.76 45.39 -3.65
N SER D 128 -40.84 46.38 -2.78
CA SER D 128 -40.57 47.77 -3.15
C SER D 128 -39.16 48.12 -2.72
N MET D 129 -38.34 48.57 -3.66
CA MET D 129 -36.97 48.95 -3.37
C MET D 129 -36.46 49.85 -4.50
N SER D 130 -35.38 50.57 -4.20
CA SER D 130 -34.79 51.45 -5.19
C SER D 130 -34.06 50.64 -6.26
N VAL D 131 -33.74 51.31 -7.36
CA VAL D 131 -33.00 50.65 -8.44
C VAL D 131 -31.64 50.18 -7.93
N ALA D 132 -30.96 51.02 -7.14
CA ALA D 132 -29.67 50.62 -6.58
C ALA D 132 -29.83 49.43 -5.65
N GLU D 133 -30.86 49.43 -4.82
CA GLU D 133 -31.09 48.30 -3.92
C GLU D 133 -31.37 47.03 -4.71
N GLN D 134 -32.18 47.13 -5.76
CA GLN D 134 -32.47 45.96 -6.58
C GLN D 134 -31.21 45.43 -7.26
N GLU D 135 -30.38 46.34 -7.78
CA GLU D 135 -29.12 45.92 -8.40
C GLU D 135 -28.21 45.24 -7.40
N HIS D 136 -28.11 45.80 -6.19
CA HIS D 136 -27.28 45.19 -5.15
C HIS D 136 -27.80 43.81 -4.78
N LEU D 137 -29.12 43.66 -4.65
CA LEU D 137 -29.69 42.35 -4.33
C LEU D 137 -29.41 41.35 -5.44
N VAL D 138 -29.55 41.77 -6.70
CA VAL D 138 -29.29 40.87 -7.82
C VAL D 138 -27.82 40.46 -7.83
N GLN D 139 -26.92 41.41 -7.61
CA GLN D 139 -25.50 41.09 -7.58
C GLN D 139 -25.18 40.13 -6.46
N ASP D 140 -25.75 40.34 -5.28
CA ASP D 140 -25.51 39.44 -4.15
C ASP D 140 -26.03 38.04 -4.46
N ILE D 141 -27.22 37.94 -5.06
CA ILE D 141 -27.77 36.64 -5.40
C ILE D 141 -26.88 35.94 -6.41
N ILE D 142 -26.40 36.68 -7.41
CA ILE D 142 -25.54 36.07 -8.43
C ILE D 142 -24.25 35.58 -7.81
N ASN D 143 -23.66 36.40 -6.92
CA ASN D 143 -22.41 36.00 -6.27
C ASN D 143 -22.63 34.75 -5.42
N ASP D 144 -23.72 34.70 -4.67
CA ASP D 144 -24.00 33.53 -3.84
C ASP D 144 -24.22 32.30 -4.71
N VAL D 145 -24.91 32.45 -5.84
CA VAL D 145 -25.21 31.29 -6.68
C VAL D 145 -23.94 30.76 -7.33
N LEU D 146 -23.12 31.66 -7.89
CA LEU D 146 -21.94 31.26 -8.64
C LEU D 146 -20.65 31.95 -8.21
N GLY D 147 -20.72 33.10 -7.55
CA GLY D 147 -19.53 33.79 -7.11
C GLY D 147 -18.98 33.20 -5.83
N TYR D 148 -18.18 33.99 -5.12
CA TYR D 148 -17.58 33.59 -3.86
C TYR D 148 -18.30 34.18 -2.66
N GLY D 149 -19.58 34.54 -2.81
CA GLY D 149 -20.37 34.99 -1.70
C GLY D 149 -19.82 36.25 -1.07
N PRO D 150 -20.02 36.41 0.24
CA PRO D 150 -19.60 37.66 0.89
C PRO D 150 -18.13 37.97 0.73
N LEU D 151 -17.29 36.99 0.35
CA LEU D 151 -15.88 37.26 0.15
C LEU D 151 -15.63 38.19 -1.02
N GLU D 152 -16.58 38.34 -1.93
CA GLU D 152 -16.33 39.13 -3.13
C GLU D 152 -15.88 40.55 -2.80
N PRO D 153 -16.59 41.31 -1.96
CA PRO D 153 -16.07 42.64 -1.60
C PRO D 153 -14.69 42.59 -0.96
N LEU D 154 -14.44 41.58 -0.13
CA LEU D 154 -13.13 41.49 0.52
C LEU D 154 -12.05 41.12 -0.48
N LEU D 155 -12.33 40.15 -1.35
CA LEU D 155 -11.34 39.78 -2.37
C LEU D 155 -11.03 40.95 -3.28
N ALA D 156 -12.06 41.70 -3.67
CA ALA D 156 -11.85 42.83 -4.56
C ALA D 156 -10.96 43.88 -3.91
N ARG D 157 -11.17 44.15 -2.62
CA ARG D 157 -10.37 45.14 -1.92
C ARG D 157 -8.89 44.78 -2.00
N ASP D 158 -8.05 45.79 -2.22
CA ASP D 158 -6.62 45.58 -2.39
C ASP D 158 -5.85 45.68 -1.08
N ASP D 159 -6.24 46.60 -0.20
CA ASP D 159 -5.52 46.77 1.05
C ASP D 159 -5.58 45.52 1.92
N ILE D 160 -6.64 44.73 1.78
CA ILE D 160 -6.79 43.51 2.57
C ILE D 160 -5.72 42.52 2.12
N ALA D 161 -4.77 42.23 3.00
CA ALA D 161 -3.69 41.31 2.67
C ALA D 161 -4.09 39.86 2.87
N ASP D 162 -4.83 39.57 3.93
CA ASP D 162 -5.23 38.21 4.26
C ASP D 162 -6.67 38.19 4.74
N ILE D 163 -7.36 37.10 4.44
CA ILE D 163 -8.74 36.88 4.88
C ILE D 163 -8.81 35.55 5.58
N MET D 164 -9.32 35.53 6.81
CA MET D 164 -9.38 34.33 7.63
C MET D 164 -10.82 34.12 8.06
N VAL D 165 -11.44 33.07 7.55
CA VAL D 165 -12.82 32.72 7.88
C VAL D 165 -12.77 31.51 8.80
N ASN D 166 -13.00 31.75 10.09
CA ASN D 166 -13.03 30.69 11.09
C ASN D 166 -14.47 30.27 11.33
N GLY D 167 -15.02 29.58 10.34
CA GLY D 167 -16.42 29.20 10.36
C GLY D 167 -17.29 30.28 9.76
N ALA D 168 -18.57 29.94 9.60
CA ALA D 168 -19.47 30.78 8.82
C ALA D 168 -19.69 32.16 9.43
N HIS D 169 -19.44 32.32 10.73
CA HIS D 169 -19.83 33.53 11.44
C HIS D 169 -18.66 34.38 11.91
N ARG D 170 -17.43 34.04 11.54
CA ARG D 170 -16.26 34.79 11.96
C ARG D 170 -15.37 35.02 10.76
N VAL D 171 -15.19 36.29 10.38
CA VAL D 171 -14.34 36.66 9.25
C VAL D 171 -13.44 37.79 9.71
N PHE D 172 -12.13 37.56 9.62
CA PHE D 172 -11.13 38.55 9.97
C PHE D 172 -10.36 38.93 8.71
N ILE D 173 -9.92 40.18 8.65
CA ILE D 173 -9.14 40.68 7.52
C ILE D 173 -7.91 41.39 8.06
N GLU D 174 -6.78 41.16 7.39
CA GLU D 174 -5.53 41.80 7.78
C GLU D 174 -5.37 43.07 6.95
N VAL D 175 -5.51 44.22 7.60
CA VAL D 175 -5.37 45.52 6.95
C VAL D 175 -4.21 46.24 7.63
N GLY D 176 -3.28 46.74 6.83
CA GLY D 176 -2.13 47.44 7.38
C GLY D 176 -1.33 46.61 8.35
N GLY D 177 -1.31 45.29 8.18
CA GLY D 177 -0.59 44.42 9.08
C GLY D 177 -1.30 44.14 10.39
N LYS D 178 -2.54 44.58 10.55
CA LYS D 178 -3.31 44.36 11.77
C LYS D 178 -4.56 43.59 11.43
N VAL D 179 -4.84 42.55 12.21
CA VAL D 179 -6.02 41.72 11.99
C VAL D 179 -7.22 42.40 12.64
N GLN D 180 -8.30 42.56 11.88
CA GLN D 180 -9.52 43.19 12.35
C GLN D 180 -10.70 42.30 12.05
N LEU D 181 -11.62 42.21 13.00
CA LEU D 181 -12.85 41.48 12.78
C LEU D 181 -13.76 42.26 11.83
N THR D 182 -14.51 41.53 11.01
CA THR D 182 -15.41 42.13 10.04
C THR D 182 -16.84 41.64 10.30
N ASN D 183 -17.81 42.50 9.99
CA ASN D 183 -19.21 42.14 10.13
C ASN D 183 -19.64 41.13 9.08
N VAL D 184 -18.81 40.83 8.09
CA VAL D 184 -19.18 39.87 7.06
C VAL D 184 -19.53 38.54 7.71
N ARG D 185 -20.54 37.88 7.18
CA ARG D 185 -20.97 36.59 7.70
C ARG D 185 -21.53 35.75 6.57
N PHE D 186 -21.44 34.44 6.72
CA PHE D 186 -22.05 33.49 5.81
C PHE D 186 -23.37 32.99 6.38
N ARG D 187 -24.23 32.49 5.50
CA ARG D 187 -25.51 31.99 5.95
C ARG D 187 -25.32 30.84 6.93
N ASP D 188 -24.40 29.93 6.65
CA ASP D 188 -24.16 28.79 7.52
C ASP D 188 -22.89 28.10 7.04
N ASN D 189 -22.46 27.09 7.79
CA ASN D 189 -21.28 26.35 7.42
C ASN D 189 -21.43 25.62 6.11
N LEU D 190 -22.67 25.32 5.69
CA LEU D 190 -22.85 24.66 4.40
C LEU D 190 -22.53 25.61 3.25
N GLN D 191 -23.01 26.84 3.32
CA GLN D 191 -22.66 27.83 2.31
C GLN D 191 -21.16 28.07 2.28
N LEU D 192 -20.55 28.18 3.46
CA LEU D 192 -19.10 28.38 3.51
C LEU D 192 -18.37 27.21 2.89
N MET D 193 -18.83 25.98 3.16
CA MET D 193 -18.17 24.82 2.58
C MET D 193 -18.33 24.81 1.07
N ASN D 194 -19.49 25.21 0.56
CA ASN D 194 -19.67 25.30 -0.88
C ASN D 194 -18.72 26.33 -1.49
N ILE D 195 -18.58 27.49 -0.84
CA ILE D 195 -17.67 28.51 -1.34
C ILE D 195 -16.25 27.97 -1.35
N CYS D 196 -15.84 27.30 -0.27
CA CYS D 196 -14.50 26.75 -0.20
C CYS D 196 -14.27 25.72 -1.31
N GLN D 197 -15.25 24.86 -1.54
CA GLN D 197 -15.11 23.86 -2.60
C GLN D 197 -14.99 24.53 -3.96
N ARG D 198 -15.77 25.57 -4.20
CA ARG D 198 -15.63 26.30 -5.46
C ARG D 198 -14.21 26.86 -5.60
N ILE D 199 -13.71 27.50 -4.55
CA ILE D 199 -12.41 28.15 -4.64
C ILE D 199 -11.31 27.12 -4.89
N VAL D 200 -11.37 25.99 -4.20
CA VAL D 200 -10.33 24.99 -4.38
C VAL D 200 -10.44 24.33 -5.76
N SER D 201 -11.67 24.06 -6.22
CA SER D 201 -11.83 23.48 -7.54
C SER D 201 -11.39 24.43 -8.64
N GLN D 202 -11.41 25.74 -8.38
CA GLN D 202 -10.95 26.68 -9.39
C GLN D 202 -9.55 26.34 -9.89
N VAL D 203 -8.77 25.60 -9.10
CA VAL D 203 -7.46 25.13 -9.53
C VAL D 203 -7.42 23.62 -9.49
N GLY D 204 -8.57 22.99 -9.71
CA GLY D 204 -8.64 21.55 -9.84
C GLY D 204 -8.52 20.78 -8.55
N ARG D 205 -8.46 21.46 -7.41
CA ARG D 205 -8.36 20.80 -6.12
C ARG D 205 -9.74 20.58 -5.53
N ARG D 206 -9.87 19.49 -4.76
CA ARG D 206 -11.14 19.10 -4.18
C ARG D 206 -10.97 18.89 -2.68
N VAL D 207 -11.86 19.49 -1.90
CA VAL D 207 -11.84 19.39 -0.44
C VAL D 207 -13.20 18.91 0.03
N ASP D 208 -13.22 17.90 0.89
CA ASP D 208 -14.45 17.34 1.40
C ASP D 208 -14.13 16.53 2.64
N GLU D 209 -15.12 15.76 3.11
CA GLU D 209 -14.93 14.94 4.31
C GLU D 209 -13.79 13.95 4.12
N SER D 210 -13.71 13.31 2.96
CA SER D 210 -12.65 12.35 2.72
C SER D 210 -11.29 13.03 2.67
N SER D 211 -11.23 14.27 2.21
CA SER D 211 -10.00 15.04 2.10
C SER D 211 -10.20 16.38 2.79
N PRO D 212 -10.26 16.40 4.11
CA PRO D 212 -10.61 17.64 4.82
C PRO D 212 -9.65 18.78 4.57
N ILE D 213 -8.36 18.51 4.41
CA ILE D 213 -7.35 19.54 4.30
C ILE D 213 -7.02 19.74 2.83
N CYS D 214 -6.93 21.00 2.41
CA CYS D 214 -6.58 21.31 1.03
C CYS D 214 -5.83 22.64 0.99
N ASP D 215 -4.60 22.60 0.51
CA ASP D 215 -3.81 23.80 0.28
C ASP D 215 -3.55 23.95 -1.21
N ALA D 216 -3.67 25.17 -1.71
CA ALA D 216 -3.51 25.42 -3.13
C ALA D 216 -3.05 26.85 -3.33
N ARG D 217 -2.62 27.15 -4.56
CA ARG D 217 -2.24 28.50 -4.95
C ARG D 217 -3.10 28.89 -6.14
N LEU D 218 -3.86 29.97 -5.99
CA LEU D 218 -4.74 30.40 -7.06
C LEU D 218 -3.95 31.06 -8.17
N PRO D 219 -4.53 31.13 -9.38
CA PRO D 219 -3.77 31.70 -10.51
C PRO D 219 -3.31 33.12 -10.26
N ASP D 220 -4.09 33.92 -9.56
CA ASP D 220 -3.72 35.30 -9.29
C ASP D 220 -2.61 35.42 -8.27
N GLY D 221 -2.03 34.32 -7.81
CA GLY D 221 -0.91 34.35 -6.89
C GLY D 221 -1.29 34.17 -5.44
N SER D 222 -2.55 34.37 -5.08
CA SER D 222 -2.98 34.14 -3.71
C SER D 222 -2.93 32.65 -3.39
N ARG D 223 -2.74 32.34 -2.12
CA ARG D 223 -2.69 30.98 -1.64
C ARG D 223 -3.84 30.73 -0.68
N VAL D 224 -4.51 29.59 -0.84
CA VAL D 224 -5.73 29.27 -0.13
C VAL D 224 -5.51 27.98 0.65
N ASN D 225 -5.85 28.02 1.93
CA ASN D 225 -5.82 26.85 2.81
C ASN D 225 -7.23 26.62 3.34
N VAL D 226 -7.67 25.36 3.33
CA VAL D 226 -9.02 25.03 3.73
C VAL D 226 -9.00 23.77 4.58
N ILE D 227 -9.76 23.77 5.67
CA ILE D 227 -9.97 22.60 6.51
C ILE D 227 -11.47 22.38 6.66
N ALA D 228 -11.88 21.13 6.56
CA ALA D 228 -13.28 20.74 6.53
C ALA D 228 -13.81 20.54 7.93
N PRO D 229 -15.13 20.48 8.09
CA PRO D 229 -15.73 20.39 9.43
C PRO D 229 -15.22 19.22 10.23
N PRO D 230 -14.96 18.06 9.61
CA PRO D 230 -14.51 16.92 10.42
C PRO D 230 -13.32 17.23 11.29
N LEU D 231 -12.38 18.03 10.79
CA LEU D 231 -11.26 18.50 11.58
C LEU D 231 -11.56 19.86 12.19
N ALA D 232 -12.01 20.81 11.39
CA ALA D 232 -12.35 22.13 11.89
C ALA D 232 -13.64 22.02 12.69
N LEU D 233 -13.51 21.99 14.01
CA LEU D 233 -14.66 21.74 14.87
C LEU D 233 -15.71 22.83 14.74
N ASP D 234 -15.28 24.09 14.70
CA ASP D 234 -16.22 25.20 14.68
C ASP D 234 -16.77 25.50 13.30
N GLY D 235 -16.43 24.69 12.30
CA GLY D 235 -16.90 24.91 10.96
C GLY D 235 -15.74 24.99 9.98
N PRO D 236 -16.03 25.00 8.68
CA PRO D 236 -14.95 25.06 7.70
C PRO D 236 -14.06 26.26 7.96
N THR D 237 -12.75 26.05 7.88
CA THR D 237 -11.77 27.09 8.12
C THR D 237 -11.07 27.42 6.81
N LEU D 238 -11.09 28.70 6.44
CA LEU D 238 -10.54 29.16 5.17
C LEU D 238 -9.54 30.26 5.44
N THR D 239 -8.42 30.22 4.71
CA THR D 239 -7.38 31.24 4.84
C THR D 239 -6.90 31.60 3.45
N ILE D 240 -7.09 32.86 3.07
CA ILE D 240 -6.65 33.38 1.78
C ILE D 240 -5.55 34.40 2.04
N ARG D 241 -4.36 34.11 1.55
CA ARG D 241 -3.23 35.04 1.64
C ARG D 241 -2.98 35.57 0.24
N LYS D 242 -3.27 36.85 0.03
CA LYS D 242 -3.28 37.40 -1.31
C LYS D 242 -1.86 37.70 -1.79
N PHE D 243 -1.71 37.71 -3.11
CA PHE D 243 -0.40 37.79 -3.73
C PHE D 243 0.26 39.15 -3.47
N LYS D 244 1.58 39.15 -3.48
CA LYS D 244 2.38 40.36 -3.39
C LYS D 244 2.87 40.73 -4.78
N LYS D 245 2.69 42.00 -5.15
CA LYS D 245 2.91 42.42 -6.53
C LYS D 245 4.39 42.45 -6.91
N ASP D 246 5.30 42.31 -5.96
CA ASP D 246 6.72 42.50 -6.22
C ASP D 246 7.52 41.28 -5.74
N LYS D 247 8.67 41.07 -6.36
CA LYS D 247 9.59 40.01 -5.99
C LYS D 247 10.97 40.60 -5.76
N LEU D 248 11.70 39.98 -4.84
CA LEU D 248 12.99 40.49 -4.40
C LEU D 248 14.10 40.03 -5.33
N THR D 249 15.26 40.66 -5.18
CA THR D 249 16.46 40.33 -5.94
C THR D 249 17.61 40.11 -4.97
N MET D 250 18.70 39.53 -5.47
CA MET D 250 19.84 39.24 -4.61
C MET D 250 20.32 40.50 -3.92
N LYS D 251 20.24 41.65 -4.60
CA LYS D 251 20.61 42.90 -3.96
C LYS D 251 19.70 43.19 -2.77
N ASN D 252 18.40 42.94 -2.93
CA ASN D 252 17.49 43.13 -1.80
C ASN D 252 17.81 42.19 -0.66
N LEU D 253 18.09 40.92 -0.97
CA LEU D 253 18.41 39.96 0.09
C LEU D 253 19.66 40.40 0.84
N VAL D 254 20.69 40.85 0.13
CA VAL D 254 21.86 41.39 0.82
C VAL D 254 21.46 42.60 1.66
N GLU D 255 20.57 43.43 1.13
CA GLU D 255 20.11 44.60 1.87
C GLU D 255 19.34 44.19 3.12
N PHE D 256 18.46 43.20 3.00
CA PHE D 256 17.68 42.72 4.13
C PHE D 256 18.49 41.87 5.09
N ALA D 257 19.81 41.80 4.90
CA ALA D 257 20.70 41.01 5.75
C ALA D 257 20.42 39.52 5.66
N SER D 258 19.59 39.09 4.72
CA SER D 258 19.32 37.66 4.58
C SER D 258 20.57 36.88 4.25
N ILE D 259 21.58 37.53 3.70
CA ILE D 259 22.84 36.87 3.36
C ILE D 259 23.90 37.95 3.22
N SER D 260 25.08 37.69 3.76
CA SER D 260 26.15 38.66 3.71
C SER D 260 26.63 38.83 2.27
N PRO D 261 27.28 39.96 1.96
CA PRO D 261 27.77 40.15 0.59
C PRO D 261 28.67 39.02 0.13
N GLU D 262 29.51 38.50 1.01
CA GLU D 262 30.33 37.35 0.64
C GLU D 262 29.46 36.13 0.36
N GLY D 263 28.40 35.94 1.14
CA GLY D 263 27.46 34.88 0.83
C GLY D 263 26.81 35.08 -0.52
N ALA D 264 26.48 36.33 -0.86
CA ALA D 264 25.90 36.60 -2.17
C ALA D 264 26.88 36.25 -3.27
N ARG D 265 28.16 36.59 -3.09
CA ARG D 265 29.16 36.25 -4.10
C ARG D 265 29.30 34.75 -4.25
N VAL D 266 29.34 34.03 -3.13
CA VAL D 266 29.46 32.58 -3.20
C VAL D 266 28.25 31.98 -3.89
N LEU D 267 27.06 32.52 -3.63
CA LEU D 267 25.87 32.03 -4.30
C LEU D 267 25.93 32.32 -5.79
N GLY D 268 26.44 33.47 -6.17
CA GLY D 268 26.62 33.75 -7.58
C GLY D 268 27.54 32.77 -8.25
N VAL D 269 28.65 32.43 -7.57
CA VAL D 269 29.56 31.44 -8.13
C VAL D 269 28.87 30.09 -8.24
N ILE D 270 28.11 29.69 -7.22
CA ILE D 270 27.46 28.39 -7.24
C ILE D 270 26.46 28.32 -8.39
N GLY D 271 25.65 29.37 -8.55
CA GLY D 271 24.67 29.36 -9.61
C GLY D 271 25.30 29.39 -10.99
N ALA D 272 26.31 30.23 -11.17
CA ALA D 272 26.91 30.39 -12.50
C ALA D 272 27.63 29.13 -12.94
N CYS D 273 28.32 28.46 -12.01
CA CYS D 273 29.17 27.33 -12.35
C CYS D 273 28.42 26.02 -12.48
N ARG D 274 27.09 26.05 -12.66
CA ARG D 274 26.31 24.86 -12.93
C ARG D 274 26.50 23.81 -11.84
N CYS D 275 26.10 24.17 -10.62
CA CYS D 275 26.12 23.26 -9.49
C CYS D 275 24.71 22.75 -9.27
N ASN D 276 24.54 21.43 -9.25
CA ASN D 276 23.25 20.85 -8.90
C ASN D 276 22.81 21.36 -7.54
N LEU D 277 21.70 22.09 -7.53
CA LEU D 277 21.32 22.92 -6.41
C LEU D 277 20.01 22.43 -5.81
N VAL D 278 19.88 22.57 -4.49
CA VAL D 278 18.64 22.27 -3.80
C VAL D 278 18.38 23.40 -2.81
N ILE D 279 17.24 24.07 -2.94
CA ILE D 279 16.84 25.13 -2.03
C ILE D 279 15.85 24.50 -1.05
N SER D 280 16.25 24.36 0.20
CA SER D 280 15.38 23.83 1.23
C SER D 280 14.94 24.96 2.16
N GLY D 281 13.88 24.69 2.89
CA GLY D 281 13.37 25.66 3.84
C GLY D 281 12.02 25.24 4.35
N GLY D 282 11.54 25.98 5.35
CA GLY D 282 10.23 25.76 5.90
C GLY D 282 9.17 26.55 5.16
N THR D 283 7.95 26.46 5.69
CA THR D 283 6.85 27.21 5.10
C THR D 283 7.16 28.69 5.12
N GLY D 284 6.90 29.37 3.99
CA GLY D 284 7.14 30.79 3.93
C GLY D 284 8.58 31.18 4.14
N SER D 285 9.50 30.23 3.99
CA SER D 285 10.91 30.51 4.23
C SER D 285 11.50 31.44 3.18
N GLY D 286 10.87 31.56 2.02
CA GLY D 286 11.46 32.25 0.91
C GLY D 286 12.15 31.35 -0.09
N LYS D 287 11.79 30.07 -0.15
CA LYS D 287 12.46 29.16 -1.08
C LYS D 287 12.30 29.62 -2.51
N THR D 288 11.08 29.99 -2.90
CA THR D 288 10.86 30.36 -4.29
C THR D 288 11.56 31.66 -4.65
N THR D 289 11.53 32.65 -3.75
CA THR D 289 12.26 33.89 -4.02
C THR D 289 13.75 33.64 -4.16
N LEU D 290 14.30 32.82 -3.26
CA LEU D 290 15.71 32.50 -3.35
C LEU D 290 16.02 31.75 -4.63
N LEU D 291 15.12 30.84 -5.04
CA LEU D 291 15.33 30.10 -6.28
C LEU D 291 15.34 31.05 -7.47
N ASN D 292 14.44 32.03 -7.48
CA ASN D 292 14.42 33.01 -8.56
C ASN D 292 15.72 33.79 -8.60
N THR D 293 16.19 34.24 -7.44
CA THR D 293 17.45 34.97 -7.41
C THR D 293 18.60 34.11 -7.91
N MET D 294 18.60 32.83 -7.54
CA MET D 294 19.65 31.93 -8.03
C MET D 294 19.57 31.77 -9.53
N THR D 295 18.37 31.56 -10.07
CA THR D 295 18.24 31.46 -11.52
C THR D 295 18.71 32.72 -12.21
N ALA D 296 18.72 33.85 -11.50
CA ALA D 296 19.24 35.07 -12.11
C ALA D 296 20.67 34.93 -12.58
N PHE D 297 21.43 33.96 -12.05
CA PHE D 297 22.84 33.79 -12.39
C PHE D 297 23.09 32.92 -13.61
N ILE D 298 22.07 32.23 -14.12
CA ILE D 298 22.29 31.33 -15.25
C ILE D 298 22.70 32.14 -16.47
N ASP D 299 23.53 31.53 -17.31
CA ASP D 299 23.96 32.18 -18.54
C ASP D 299 22.79 32.32 -19.50
N PRO D 300 22.66 33.45 -20.19
CA PRO D 300 21.53 33.60 -21.13
C PRO D 300 21.51 32.54 -22.22
N THR D 301 22.68 32.06 -22.66
CA THR D 301 22.72 31.09 -23.74
C THR D 301 22.08 29.77 -23.35
N GLU D 302 22.15 29.39 -22.08
CA GLU D 302 21.69 28.08 -21.67
C GLU D 302 20.19 27.95 -21.87
N ARG D 303 19.77 26.79 -22.36
CA ARG D 303 18.36 26.47 -22.52
C ARG D 303 17.84 25.92 -21.20
N VAL D 304 17.08 26.75 -20.49
CA VAL D 304 16.56 26.40 -19.17
C VAL D 304 15.10 26.02 -19.31
N VAL D 305 14.72 24.91 -18.68
CA VAL D 305 13.34 24.43 -18.66
C VAL D 305 12.87 24.44 -17.23
N THR D 306 11.80 25.16 -16.96
CA THR D 306 11.27 25.32 -15.61
C THR D 306 9.92 24.63 -15.50
N CYS D 307 9.80 23.72 -14.53
CA CYS D 307 8.55 23.06 -14.23
C CYS D 307 8.00 23.60 -12.92
N GLU D 308 6.75 24.05 -12.93
CA GLU D 308 6.18 24.72 -11.78
C GLU D 308 4.72 24.34 -11.63
N ASP D 309 4.14 24.78 -10.52
CA ASP D 309 2.69 24.81 -10.32
C ASP D 309 2.31 26.24 -9.99
N ALA D 310 1.48 26.85 -10.82
CA ALA D 310 1.03 28.24 -10.71
C ALA D 310 2.08 29.21 -11.25
N ALA D 311 3.25 28.75 -11.68
CA ALA D 311 4.22 29.60 -12.35
C ALA D 311 4.62 30.78 -11.47
N GLU D 312 5.27 30.46 -10.36
CA GLU D 312 5.79 31.51 -9.49
C GLU D 312 7.00 32.20 -10.10
N LEU D 313 7.94 31.43 -10.65
CA LEU D 313 9.22 31.97 -11.06
C LEU D 313 9.06 32.94 -12.23
N GLN D 314 9.98 33.90 -12.30
CA GLN D 314 10.05 34.86 -13.41
C GLN D 314 11.52 34.95 -13.80
N LEU D 315 11.95 34.09 -14.72
CA LEU D 315 13.33 34.11 -15.17
C LEU D 315 13.53 35.16 -16.25
N GLN D 316 14.65 35.87 -16.18
CA GLN D 316 14.95 36.93 -17.12
C GLN D 316 15.71 36.45 -18.35
N GLN D 317 16.15 35.20 -18.37
CA GLN D 317 16.92 34.70 -19.49
C GLN D 317 16.03 34.60 -20.73
N PRO D 318 16.62 34.70 -21.93
CA PRO D 318 15.82 34.66 -23.15
C PRO D 318 15.35 33.27 -23.52
N HIS D 319 16.20 32.27 -23.29
CA HIS D 319 15.92 30.90 -23.69
C HIS D 319 15.43 30.11 -22.47
N VAL D 320 14.18 30.35 -22.11
CA VAL D 320 13.55 29.68 -20.98
C VAL D 320 12.23 29.09 -21.44
N VAL D 321 11.98 27.84 -21.07
CA VAL D 321 10.73 27.15 -21.39
C VAL D 321 9.98 26.94 -20.08
N ARG D 322 8.78 27.48 -20.01
CA ARG D 322 7.97 27.44 -18.80
C ARG D 322 6.90 26.36 -18.95
N LEU D 323 6.94 25.37 -18.07
CA LEU D 323 5.98 24.29 -18.07
C LEU D 323 5.25 24.27 -16.73
N GLU D 324 4.00 23.81 -16.76
CA GLU D 324 3.18 23.73 -15.57
C GLU D 324 2.42 22.42 -15.57
N THR D 325 2.35 21.79 -14.40
CA THR D 325 1.62 20.54 -14.29
C THR D 325 0.12 20.77 -14.41
N ARG D 326 -0.60 19.72 -14.77
CA ARG D 326 -2.06 19.77 -14.90
C ARG D 326 -2.68 18.82 -13.89
N PRO D 327 -3.40 19.31 -12.87
CA PRO D 327 -3.98 18.40 -11.89
C PRO D 327 -5.09 17.59 -12.53
N PRO D 328 -5.36 16.38 -12.03
CA PRO D 328 -6.44 15.58 -12.59
C PRO D 328 -7.77 16.29 -12.50
N ASN D 329 -8.59 16.13 -13.52
CA ASN D 329 -9.94 16.67 -13.50
C ASN D 329 -10.77 15.90 -12.47
N LEU D 330 -12.02 16.34 -12.30
CA LEU D 330 -12.90 15.69 -11.33
C LEU D 330 -13.11 14.22 -11.66
N GLU D 331 -12.92 13.82 -12.91
CA GLU D 331 -13.03 12.43 -13.30
C GLU D 331 -11.77 11.64 -13.00
N GLY D 332 -10.70 12.30 -12.56
CA GLY D 332 -9.46 11.60 -12.29
C GLY D 332 -8.64 11.27 -13.52
N SER D 333 -8.76 12.08 -14.57
CA SER D 333 -8.07 11.83 -15.82
C SER D 333 -7.40 13.12 -16.30
N GLY D 334 -6.40 12.96 -17.15
CA GLY D 334 -5.67 14.10 -17.67
C GLY D 334 -4.57 14.61 -16.77
N ALA D 335 -4.26 13.90 -15.70
CA ALA D 335 -3.21 14.35 -14.79
C ALA D 335 -1.86 14.34 -15.49
N VAL D 336 -1.11 15.40 -15.28
CA VAL D 336 0.28 15.50 -15.77
C VAL D 336 1.12 15.86 -14.55
N THR D 337 1.61 14.85 -13.85
CA THR D 337 2.40 15.09 -12.66
C THR D 337 3.75 15.69 -13.04
N MET D 338 4.42 16.28 -12.05
CA MET D 338 5.73 16.87 -12.31
C MET D 338 6.72 15.81 -12.76
N ARG D 339 6.51 14.55 -12.37
CA ARG D 339 7.39 13.49 -12.85
C ARG D 339 7.36 13.39 -14.36
N ASP D 340 6.15 13.46 -14.95
CA ASP D 340 6.06 13.41 -16.40
C ASP D 340 6.73 14.61 -17.04
N LEU D 341 6.57 15.79 -16.44
CA LEU D 341 7.21 16.98 -16.98
C LEU D 341 8.73 16.82 -16.97
N VAL D 342 9.29 16.30 -15.89
CA VAL D 342 10.73 16.11 -15.83
C VAL D 342 11.18 15.05 -16.82
N LYS D 343 10.43 13.96 -16.94
CA LYS D 343 10.79 12.92 -17.89
C LYS D 343 10.83 13.46 -19.30
N ASN D 344 9.84 14.29 -19.67
CA ASN D 344 9.89 14.92 -20.97
C ASN D 344 11.05 15.91 -21.08
N CYS D 345 11.27 16.69 -20.02
CA CYS D 345 12.38 17.65 -20.02
C CYS D 345 13.68 16.96 -20.36
N LEU D 346 13.84 15.71 -19.94
CA LEU D 346 15.02 14.96 -20.33
C LEU D 346 15.13 14.82 -21.85
N ARG D 347 14.03 14.98 -22.58
CA ARG D 347 14.01 14.78 -24.02
C ARG D 347 13.84 16.08 -24.81
N MET D 348 13.87 17.23 -24.15
CA MET D 348 13.79 18.51 -24.83
C MET D 348 15.15 19.19 -24.97
N ARG D 349 16.23 18.47 -24.72
CA ARG D 349 17.56 19.02 -24.91
C ARG D 349 17.78 20.27 -24.06
N PRO D 350 17.51 20.24 -22.77
CA PRO D 350 17.81 21.40 -21.92
C PRO D 350 19.21 21.30 -21.32
N GLU D 351 19.67 22.45 -20.82
CA GLU D 351 20.90 22.48 -20.04
C GLU D 351 20.60 22.35 -18.56
N ARG D 352 19.64 23.14 -18.08
CA ARG D 352 19.20 23.10 -16.69
C ARG D 352 17.72 22.82 -16.63
N ILE D 353 17.33 21.94 -15.72
CA ILE D 353 15.93 21.69 -15.39
C ILE D 353 15.69 22.28 -14.02
N ILE D 354 14.70 23.15 -13.91
CA ILE D 354 14.41 23.86 -12.68
C ILE D 354 13.01 23.45 -12.23
N VAL D 355 12.94 22.67 -11.16
CA VAL D 355 11.67 22.19 -10.64
C VAL D 355 11.17 23.20 -9.61
N GLY D 356 9.92 23.65 -9.79
CA GLY D 356 9.40 24.66 -8.89
C GLY D 356 9.42 24.23 -7.44
N GLU D 357 9.07 22.96 -7.18
CA GLU D 357 9.17 22.41 -5.84
C GLU D 357 9.09 20.90 -5.94
N VAL D 358 10.08 20.23 -5.37
CA VAL D 358 10.09 18.77 -5.34
C VAL D 358 9.19 18.32 -4.18
N ARG D 359 8.18 17.53 -4.50
CA ARG D 359 7.27 17.03 -3.49
C ARG D 359 6.90 15.56 -3.65
N GLY D 360 7.43 14.88 -4.66
CA GLY D 360 7.02 13.51 -4.93
C GLY D 360 8.08 12.72 -5.66
N PRO D 361 7.64 11.75 -6.47
CA PRO D 361 8.62 10.90 -7.17
C PRO D 361 9.56 11.67 -8.07
N GLU D 362 9.13 12.83 -8.59
CA GLU D 362 9.97 13.58 -9.51
C GLU D 362 11.38 13.74 -8.97
N ALA D 363 11.53 13.78 -7.64
CA ALA D 363 12.84 13.86 -7.03
C ALA D 363 13.82 12.91 -7.72
N PHE D 364 13.49 11.61 -7.69
CA PHE D 364 14.34 10.63 -8.36
C PHE D 364 14.71 11.10 -9.76
N ASP D 365 13.70 11.35 -10.60
CA ASP D 365 13.97 11.79 -11.97
C ASP D 365 14.86 13.01 -11.96
N LEU D 366 14.53 14.00 -11.14
CA LEU D 366 15.35 15.20 -11.08
C LEU D 366 16.80 14.84 -10.77
N LEU D 367 17.01 13.98 -9.77
CA LEU D 367 18.37 13.57 -9.45
C LEU D 367 19.00 12.87 -10.64
N GLN D 368 18.25 12.00 -11.30
CA GLN D 368 18.77 11.38 -12.52
C GLN D 368 19.17 12.44 -13.53
N ALA D 369 18.37 13.51 -13.64
CA ALA D 369 18.74 14.60 -14.53
C ALA D 369 20.04 15.26 -14.07
N MET D 370 20.18 15.46 -12.76
CA MET D 370 21.38 16.12 -12.25
C MET D 370 22.62 15.30 -12.54
N ASN D 371 22.51 13.98 -12.45
CA ASN D 371 23.66 13.09 -12.55
C ASN D 371 23.88 12.55 -13.95
N THR D 372 23.11 12.99 -14.94
CA THR D 372 23.24 12.49 -16.30
C THR D 372 23.24 13.64 -17.31
N GLY D 373 24.04 14.66 -17.05
CA GLY D 373 24.38 15.65 -18.04
C GLY D 373 23.64 16.96 -17.93
N HIS D 374 22.56 17.03 -17.15
CA HIS D 374 21.82 18.27 -16.98
C HIS D 374 22.30 19.00 -15.72
N ASP D 375 23.60 19.28 -15.71
CA ASP D 375 24.20 19.97 -14.57
C ASP D 375 23.59 21.36 -14.42
N GLY D 376 23.48 21.80 -13.17
CA GLY D 376 22.86 23.05 -12.85
C GLY D 376 21.39 22.97 -12.55
N SER D 377 20.78 21.80 -12.68
CA SER D 377 19.37 21.65 -12.34
C SER D 377 19.16 22.02 -10.88
N MET D 378 18.15 22.84 -10.62
CA MET D 378 17.82 23.27 -9.27
C MET D 378 16.43 22.74 -8.91
N GLY D 379 16.14 22.76 -7.61
CA GLY D 379 14.84 22.32 -7.15
C GLY D 379 14.57 22.78 -5.74
N THR D 380 13.39 23.35 -5.52
CA THR D 380 13.00 23.76 -4.18
C THR D 380 12.47 22.56 -3.40
N LEU D 381 12.79 22.51 -2.12
CA LEU D 381 12.37 21.42 -1.25
C LEU D 381 11.86 21.99 0.05
N HIS D 382 10.99 21.25 0.72
CA HIS D 382 10.44 21.65 2.01
C HIS D 382 11.18 20.88 3.10
N ALA D 383 12.05 21.56 3.82
CA ALA D 383 12.81 20.95 4.90
C ALA D 383 13.41 22.05 5.74
N ASN D 384 13.54 21.80 7.03
CA ASN D 384 14.01 22.81 7.97
C ASN D 384 15.51 22.75 8.21
N SER D 385 16.21 21.79 7.63
CA SER D 385 17.66 21.73 7.75
C SER D 385 18.20 20.88 6.62
N PRO D 386 19.46 21.08 6.22
CA PRO D 386 20.01 20.25 5.13
C PRO D 386 19.94 18.76 5.42
N ARG D 387 20.16 18.34 6.66
CA ARG D 387 20.01 16.93 7.00
C ARG D 387 18.58 16.47 6.73
N GLU D 388 17.61 17.25 7.17
CA GLU D 388 16.22 16.92 6.91
C GLU D 388 15.91 16.96 5.42
N ALA D 389 16.54 17.88 4.69
CA ALA D 389 16.34 17.91 3.25
C ALA D 389 16.83 16.63 2.60
N ILE D 390 18.01 16.17 2.99
CA ILE D 390 18.54 14.92 2.44
C ILE D 390 17.63 13.76 2.78
N SER D 391 17.18 13.69 4.03
CA SER D 391 16.28 12.61 4.42
C SER D 391 14.99 12.65 3.63
N ARG D 392 14.43 13.85 3.42
CA ARG D 392 13.20 13.98 2.67
C ARG D 392 13.40 13.55 1.22
N ILE D 393 14.52 13.93 0.62
CA ILE D 393 14.81 13.49 -0.75
C ILE D 393 14.87 11.98 -0.81
N GLU D 394 15.56 11.38 0.16
CA GLU D 394 15.68 9.93 0.18
C GLU D 394 14.32 9.27 0.29
N SER D 395 13.47 9.78 1.18
CA SER D 395 12.14 9.19 1.36
C SER D 395 11.31 9.36 0.09
N MET D 396 11.40 10.52 -0.56
CA MET D 396 10.67 10.76 -1.79
C MET D 396 11.08 9.77 -2.86
N ILE D 397 12.38 9.54 -3.01
CA ILE D 397 12.84 8.52 -3.95
C ILE D 397 12.30 7.15 -3.55
N THR D 398 12.36 6.83 -2.26
CA THR D 398 11.93 5.53 -1.79
C THR D 398 10.48 5.26 -2.19
N MET D 399 9.59 6.21 -1.89
CA MET D 399 8.18 5.99 -2.18
C MET D 399 7.85 6.21 -3.64
N GLY D 400 8.82 6.62 -4.46
CA GLY D 400 8.57 6.87 -5.86
C GLY D 400 8.50 5.60 -6.69
N GLY D 401 7.68 4.64 -6.23
CA GLY D 401 7.43 3.43 -6.98
C GLY D 401 8.59 2.46 -6.97
N TYR D 402 9.68 2.83 -7.63
CA TYR D 402 10.82 1.93 -7.75
C TYR D 402 11.33 1.52 -6.38
N GLY D 403 11.57 0.22 -6.21
CA GLY D 403 12.17 -0.28 -5.00
C GLY D 403 13.67 -0.36 -5.11
N LEU D 404 14.37 0.49 -4.38
CA LEU D 404 15.83 0.55 -4.43
C LEU D 404 16.39 0.39 -3.02
N PRO D 405 17.61 -0.11 -2.89
CA PRO D 405 18.26 -0.13 -1.58
C PRO D 405 18.46 1.28 -1.05
N SER D 406 18.41 1.41 0.28
CA SER D 406 18.62 2.71 0.89
C SER D 406 19.99 3.27 0.52
N LYS D 407 21.02 2.43 0.52
CA LYS D 407 22.34 2.90 0.13
C LYS D 407 22.38 3.32 -1.33
N THR D 408 21.61 2.64 -2.19
CA THR D 408 21.53 3.07 -3.59
C THR D 408 21.01 4.50 -3.68
N ILE D 409 19.92 4.79 -2.96
CA ILE D 409 19.36 6.14 -2.99
C ILE D 409 20.35 7.13 -2.38
N LYS D 410 21.03 6.72 -1.31
CA LYS D 410 21.97 7.63 -0.66
C LYS D 410 23.10 8.02 -1.61
N GLU D 411 23.68 7.05 -2.30
CA GLU D 411 24.78 7.38 -3.20
C GLU D 411 24.27 8.09 -4.45
N MET D 412 23.05 7.81 -4.87
CA MET D 412 22.46 8.61 -5.96
C MET D 412 22.35 10.08 -5.53
N ILE D 413 21.88 10.33 -4.32
CA ILE D 413 21.78 11.69 -3.82
C ILE D 413 23.15 12.33 -3.75
N VAL D 414 24.13 11.59 -3.23
CA VAL D 414 25.48 12.15 -3.09
C VAL D 414 26.03 12.53 -4.45
N GLY D 415 25.87 11.64 -5.44
CA GLY D 415 26.37 11.94 -6.78
C GLY D 415 25.65 13.11 -7.42
N SER D 416 24.33 13.19 -7.23
CA SER D 416 23.54 14.20 -7.94
C SER D 416 23.68 15.57 -7.31
N VAL D 417 23.26 15.71 -6.06
CA VAL D 417 23.18 17.02 -5.42
C VAL D 417 24.57 17.49 -5.07
N ASP D 418 24.87 18.75 -5.39
CA ASP D 418 26.16 19.35 -5.09
C ASP D 418 26.10 20.32 -3.92
N VAL D 419 25.04 21.13 -3.83
CA VAL D 419 24.91 22.14 -2.80
C VAL D 419 23.49 22.17 -2.30
N ILE D 420 23.33 22.48 -1.01
CA ILE D 420 22.03 22.68 -0.39
C ILE D 420 22.04 24.05 0.26
N ILE D 421 21.00 24.84 -0.01
CA ILE D 421 20.86 26.17 0.56
C ILE D 421 19.61 26.17 1.41
N GLN D 422 19.75 26.55 2.68
CA GLN D 422 18.70 26.45 3.67
C GLN D 422 18.16 27.85 3.94
N ALA D 423 17.04 28.18 3.32
CA ALA D 423 16.29 29.37 3.70
C ALA D 423 15.41 29.04 4.89
N ALA D 424 15.40 29.93 5.87
CA ALA D 424 14.64 29.67 7.08
C ALA D 424 14.13 30.97 7.67
N ARG D 425 13.06 30.87 8.43
CA ARG D 425 12.54 31.98 9.22
C ARG D 425 13.08 31.92 10.63
N LEU D 426 13.34 33.08 11.20
CA LEU D 426 13.81 33.15 12.57
C LEU D 426 12.64 33.36 13.52
N ARG D 427 12.91 33.25 14.81
CA ARG D 427 11.86 33.36 15.81
C ARG D 427 11.14 34.70 15.74
N ASP D 428 11.77 35.72 15.19
CA ASP D 428 11.14 37.03 15.05
C ASP D 428 10.37 37.17 13.75
N GLY D 429 10.30 36.11 12.94
CA GLY D 429 9.61 36.17 11.67
C GLY D 429 10.45 36.62 10.50
N SER D 430 11.66 37.10 10.75
CA SER D 430 12.55 37.48 9.67
C SER D 430 13.05 36.24 8.94
N ARG D 431 13.57 36.45 7.74
CA ARG D 431 14.04 35.37 6.89
C ARG D 431 15.54 35.50 6.67
N ARG D 432 16.22 34.36 6.62
CA ARG D 432 17.66 34.32 6.45
C ARG D 432 18.02 33.10 5.63
N ILE D 433 19.24 33.10 5.10
CA ILE D 433 19.81 31.93 4.44
C ILE D 433 20.75 31.33 5.47
N THR D 434 20.24 30.36 6.22
CA THR D 434 20.98 29.87 7.38
C THR D 434 22.18 29.04 6.98
N HIS D 435 22.03 28.15 6.00
CA HIS D 435 23.10 27.23 5.63
C HIS D 435 23.36 27.29 4.14
N ILE D 436 24.64 27.27 3.79
CA ILE D 436 25.09 26.88 2.46
C ILE D 436 26.02 25.70 2.67
N THR D 437 25.62 24.54 2.17
CA THR D 437 26.21 23.27 2.57
C THR D 437 26.57 22.46 1.33
N GLU D 438 27.61 21.64 1.46
CA GLU D 438 28.08 20.78 0.40
C GLU D 438 27.85 19.33 0.79
N VAL D 439 27.41 18.52 -0.17
CA VAL D 439 27.21 17.09 0.06
C VAL D 439 28.56 16.42 -0.21
N VAL D 440 29.34 16.25 0.86
CA VAL D 440 30.73 15.83 0.70
C VAL D 440 30.81 14.40 0.18
N GLY D 441 30.03 13.49 0.76
CA GLY D 441 30.11 12.11 0.33
C GLY D 441 29.22 11.21 1.15
N LEU D 442 29.53 9.91 1.09
CA LEU D 442 28.76 8.90 1.81
C LEU D 442 29.73 8.00 2.57
N GLU D 443 29.66 8.02 3.89
CA GLU D 443 30.48 7.15 4.74
C GLU D 443 29.58 6.07 5.31
N GLY D 444 29.85 4.82 4.91
CA GLY D 444 28.98 3.73 5.31
C GLY D 444 27.57 3.94 4.78
N ASP D 445 26.64 4.27 5.67
CA ASP D 445 25.27 4.58 5.29
C ASP D 445 24.85 5.96 5.76
N VAL D 446 25.81 6.85 6.04
CA VAL D 446 25.54 8.20 6.51
C VAL D 446 26.12 9.17 5.49
N ILE D 447 25.28 10.09 5.01
CA ILE D 447 25.73 11.11 4.07
C ILE D 447 26.44 12.19 4.86
N VAL D 448 27.69 12.46 4.50
CA VAL D 448 28.51 13.46 5.16
C VAL D 448 28.48 14.73 4.33
N THR D 449 28.17 15.84 4.99
CA THR D 449 28.08 17.14 4.35
C THR D 449 28.94 18.13 5.12
N GLN D 450 29.33 19.21 4.44
CA GLN D 450 30.11 20.26 5.07
C GLN D 450 29.45 21.60 4.78
N ASP D 451 29.37 22.44 5.81
CA ASP D 451 28.71 23.73 5.69
C ASP D 451 29.73 24.77 5.27
N LEU D 452 29.54 25.33 4.07
CA LEU D 452 30.41 26.43 3.64
C LEU D 452 30.06 27.72 4.34
N PHE D 453 28.76 27.95 4.59
CA PHE D 453 28.32 29.16 5.25
C PHE D 453 27.27 28.80 6.28
N VAL D 454 27.35 29.42 7.46
CA VAL D 454 26.40 29.17 8.53
C VAL D 454 26.03 30.49 9.19
N TYR D 455 24.76 30.61 9.56
CA TYR D 455 24.24 31.78 10.24
C TYR D 455 24.19 31.50 11.74
N GLU D 456 24.97 32.24 12.51
CA GLU D 456 25.01 32.09 13.96
C GLU D 456 24.20 33.21 14.60
N ILE D 457 23.24 32.84 15.43
CA ILE D 457 22.42 33.81 16.16
C ILE D 457 23.13 34.13 17.47
N THR D 458 23.41 35.41 17.69
CA THR D 458 24.22 35.84 18.83
C THR D 458 23.42 36.58 19.88
N GLY D 459 22.11 36.67 19.75
CA GLY D 459 21.31 37.33 20.76
C GLY D 459 20.05 37.92 20.15
N GLU D 460 19.63 39.04 20.74
CA GLU D 460 18.40 39.70 20.35
C GLU D 460 18.53 41.19 20.65
N ASP D 461 17.87 42.01 19.85
CA ASP D 461 17.95 43.45 20.00
C ASP D 461 16.84 43.96 20.92
N GLU D 462 16.79 45.28 21.10
CA GLU D 462 15.81 45.87 21.99
C GLU D 462 14.40 45.85 21.40
N HIS D 463 14.28 45.75 20.09
CA HIS D 463 12.98 45.71 19.43
C HIS D 463 12.45 44.30 19.26
N GLY D 464 13.14 43.29 19.78
CA GLY D 464 12.73 41.92 19.65
C GLY D 464 13.21 41.21 18.41
N LYS D 465 13.92 41.91 17.52
CA LYS D 465 14.41 41.28 16.31
C LYS D 465 15.65 40.45 16.60
N VAL D 466 15.69 39.25 16.01
CA VAL D 466 16.85 38.39 16.20
C VAL D 466 18.09 39.06 15.62
N VAL D 467 19.23 38.77 16.23
CA VAL D 467 20.52 39.32 15.82
C VAL D 467 21.47 38.16 15.58
N GLY D 468 22.15 38.18 14.44
CA GLY D 468 23.09 37.14 14.12
C GLY D 468 24.03 37.59 13.03
N LYS D 469 24.83 36.65 12.54
CA LYS D 469 25.78 36.96 11.48
C LYS D 469 26.09 35.70 10.70
N HIS D 470 26.38 35.88 9.41
CA HIS D 470 26.80 34.79 8.55
C HIS D 470 28.31 34.67 8.60
N ARG D 471 28.79 33.45 8.80
CA ARG D 471 30.22 33.19 8.86
C ARG D 471 30.55 32.00 7.97
N SER D 472 31.70 32.09 7.30
CA SER D 472 32.20 30.99 6.49
C SER D 472 32.92 29.99 7.37
N THR D 473 32.70 28.71 7.11
CA THR D 473 33.36 27.67 7.87
C THR D 473 34.86 27.63 7.63
N GLY D 474 35.36 28.36 6.63
CA GLY D 474 36.78 28.38 6.33
C GLY D 474 37.23 27.35 5.33
N ILE D 475 36.33 26.52 4.82
CA ILE D 475 36.70 25.53 3.81
C ILE D 475 37.08 26.26 2.54
N ALA D 476 38.38 26.28 2.22
CA ALA D 476 38.87 27.01 1.07
C ALA D 476 38.75 26.23 -0.23
N ARG D 477 38.49 24.93 -0.17
CA ARG D 477 38.42 24.07 -1.36
C ARG D 477 37.13 23.26 -1.31
N PRO D 478 35.99 23.89 -1.57
CA PRO D 478 34.72 23.14 -1.55
C PRO D 478 34.70 22.08 -2.63
N ARG D 479 33.86 21.07 -2.40
CA ARG D 479 33.80 19.93 -3.32
C ARG D 479 33.56 20.39 -4.75
N PHE D 480 32.80 21.46 -4.94
CA PHE D 480 32.49 21.96 -6.28
C PHE D 480 33.58 22.87 -6.82
N TRP D 481 34.73 22.97 -6.15
CA TRP D 481 35.79 23.84 -6.62
C TRP D 481 36.10 23.58 -8.08
N ASP D 482 36.16 22.31 -8.48
CA ASP D 482 36.46 21.98 -9.87
C ASP D 482 35.52 22.71 -10.81
N ARG D 483 34.22 22.65 -10.53
CA ARG D 483 33.26 23.38 -11.36
C ARG D 483 33.63 24.85 -11.44
N ALA D 484 33.92 25.46 -10.29
CA ALA D 484 34.34 26.85 -10.29
C ALA D 484 35.56 27.04 -11.17
N ARG D 485 36.51 26.11 -11.08
CA ARG D 485 37.67 26.18 -11.96
C ARG D 485 37.26 26.06 -13.42
N TYR D 486 36.33 25.16 -13.71
CA TYR D 486 35.92 24.93 -15.09
C TYR D 486 35.43 26.21 -15.75
N TYR D 487 34.78 27.09 -15.00
CA TYR D 487 34.22 28.33 -15.53
C TYR D 487 35.07 29.54 -15.19
N GLY D 488 36.28 29.34 -14.69
CA GLY D 488 37.12 30.47 -14.34
C GLY D 488 36.62 31.26 -13.16
N LEU D 489 35.71 30.71 -12.37
CA LEU D 489 35.17 31.39 -11.20
C LEU D 489 35.90 31.04 -9.91
N GLU D 490 36.96 30.23 -9.99
CA GLU D 490 37.61 29.76 -8.77
C GLU D 490 38.21 30.91 -7.98
N ARG D 491 38.76 31.91 -8.67
CA ARG D 491 39.38 33.03 -7.96
C ARG D 491 38.35 33.79 -7.13
N GLU D 492 37.18 34.07 -7.70
CA GLU D 492 36.16 34.77 -6.93
C GLU D 492 35.65 33.90 -5.80
N LEU D 493 35.56 32.58 -6.02
CA LEU D 493 35.14 31.69 -4.95
C LEU D 493 36.11 31.76 -3.78
N ALA D 494 37.41 31.73 -4.07
CA ALA D 494 38.40 31.85 -3.00
C ALA D 494 38.30 33.20 -2.30
N GLU D 495 38.15 34.27 -3.08
CA GLU D 495 38.05 35.60 -2.50
C GLU D 495 36.86 35.69 -1.55
N ALA D 496 35.71 35.16 -1.97
CA ALA D 496 34.53 35.22 -1.12
C ALA D 496 34.68 34.34 0.12
N LEU D 497 35.21 33.12 -0.06
CA LEU D 497 35.36 32.24 1.09
C LEU D 497 36.37 32.78 2.10
N ASP D 498 37.30 33.63 1.64
CA ASP D 498 38.28 34.21 2.55
C ASP D 498 37.79 35.51 3.20
N ALA D 499 37.07 36.34 2.44
CA ALA D 499 36.70 37.66 2.94
C ALA D 499 35.81 37.56 4.17
N ALA D 500 34.84 36.65 4.14
CA ALA D 500 33.91 36.48 5.25
C ALA D 500 34.27 35.23 6.03
N GLU D 501 34.44 35.38 7.34
CA GLU D 501 34.81 34.26 8.20
C GLU D 501 34.33 34.49 9.63
N ASP E 80 7.24 46.07 -45.40
CA ASP E 80 5.89 46.29 -44.94
C ASP E 80 4.88 45.92 -46.02
N TYR E 81 5.10 46.43 -47.23
CA TYR E 81 4.19 46.15 -48.33
C TYR E 81 4.16 44.65 -48.62
N TYR E 82 5.32 44.00 -48.61
CA TYR E 82 5.36 42.56 -48.86
C TYR E 82 4.58 41.80 -47.79
N HIS E 83 4.74 42.18 -46.52
CA HIS E 83 4.03 41.50 -45.45
C HIS E 83 2.52 41.69 -45.57
N ALA E 84 2.08 42.92 -45.85
CA ALA E 84 0.66 43.17 -46.01
C ALA E 84 0.09 42.40 -47.19
N THR E 85 0.82 42.38 -48.31
CA THR E 85 0.36 41.62 -49.47
C THR E 85 0.26 40.13 -49.15
N LYS E 86 1.25 39.60 -48.43
CA LYS E 86 1.21 38.19 -48.05
C LYS E 86 0.02 37.91 -47.15
N THR E 87 -0.25 38.78 -46.18
CA THR E 87 -1.39 38.58 -45.29
C THR E 87 -2.69 38.60 -46.06
N THR E 88 -2.84 39.57 -46.97
CA THR E 88 -4.06 39.66 -47.78
C THR E 88 -4.22 38.42 -48.65
N ILE E 89 -3.13 37.96 -49.27
CA ILE E 89 -3.21 36.79 -50.13
C ILE E 89 -3.59 35.56 -49.31
N PHE E 90 -3.02 35.43 -48.11
CA PHE E 90 -3.35 34.29 -47.25
C PHE E 90 -4.81 34.33 -46.85
N ASN E 91 -5.32 35.51 -46.48
CA ASN E 91 -6.73 35.62 -46.13
C ASN E 91 -7.62 35.26 -47.31
N ALA E 92 -7.28 35.76 -48.50
CA ALA E 92 -8.08 35.46 -49.69
C ALA E 92 -8.06 33.98 -50.00
N LEU E 93 -6.89 33.34 -49.90
CA LEU E 93 -6.81 31.90 -50.16
C LEU E 93 -7.62 31.11 -49.15
N LEU E 94 -7.54 31.49 -47.87
CA LEU E 94 -8.31 30.81 -46.84
C LEU E 94 -9.80 30.94 -47.09
N ASN E 95 -10.25 32.13 -47.49
CA ASN E 95 -11.67 32.35 -47.77
C ASN E 95 -12.09 31.78 -49.11
N THR E 96 -11.15 31.40 -49.97
CA THR E 96 -11.48 30.94 -51.32
C THR E 96 -11.57 29.42 -51.41
N ILE E 97 -10.62 28.69 -50.84
CA ILE E 97 -10.54 27.25 -50.95
C ILE E 97 -10.79 26.65 -49.57
N ASP E 98 -11.69 25.67 -49.49
CA ASP E 98 -11.98 25.02 -48.23
C ASP E 98 -10.81 24.14 -47.81
N LEU E 99 -10.42 24.24 -46.54
CA LEU E 99 -9.29 23.47 -46.03
C LEU E 99 -9.60 21.97 -46.08
N SER E 100 -10.82 21.57 -45.74
CA SER E 100 -11.17 20.16 -45.75
C SER E 100 -11.04 19.57 -47.15
N GLN E 101 -11.54 20.27 -48.15
CA GLN E 101 -11.43 19.78 -49.53
C GLN E 101 -9.98 19.68 -49.96
N LEU E 102 -9.17 20.68 -49.61
CA LEU E 102 -7.76 20.64 -49.98
C LEU E 102 -7.05 19.47 -49.32
N ALA E 103 -7.38 19.18 -48.07
CA ALA E 103 -6.73 18.08 -47.36
C ALA E 103 -6.89 16.76 -48.11
N GLN E 104 -7.99 16.60 -48.84
CA GLN E 104 -8.22 15.38 -49.60
C GLN E 104 -7.38 15.33 -50.88
N LEU E 105 -6.85 16.46 -51.34
CA LEU E 105 -6.06 16.51 -52.56
C LEU E 105 -4.60 16.18 -52.26
N ASP E 106 -3.94 15.61 -53.26
CA ASP E 106 -2.53 15.27 -53.13
C ASP E 106 -1.68 16.54 -53.05
N LEU E 107 -0.42 16.35 -52.68
CA LEU E 107 0.48 17.49 -52.51
C LEU E 107 0.65 18.25 -53.81
N LYS E 108 0.87 17.54 -54.92
CA LYS E 108 1.11 18.20 -56.20
C LYS E 108 -0.13 18.95 -56.67
N GLN E 109 -1.29 18.28 -56.68
CA GLN E 109 -2.51 18.92 -57.13
C GLN E 109 -2.89 20.10 -56.24
N ALA E 110 -2.78 19.91 -54.93
CA ALA E 110 -3.09 21.01 -54.01
C ALA E 110 -2.17 22.18 -54.22
N GLY E 111 -0.87 21.92 -54.39
CA GLY E 111 0.08 23.00 -54.61
C GLY E 111 -0.20 23.76 -55.90
N GLU E 112 -0.49 23.01 -56.97
CA GLU E 112 -0.80 23.66 -58.25
C GLU E 112 -2.05 24.52 -58.14
N GLU E 113 -3.10 23.98 -57.51
CA GLU E 113 -4.33 24.75 -57.34
C GLU E 113 -4.09 25.99 -56.49
N ILE E 114 -3.30 25.86 -55.42
CA ILE E 114 -3.01 27.00 -54.56
C ILE E 114 -2.23 28.05 -55.33
N ARG E 115 -1.24 27.64 -56.12
CA ARG E 115 -0.47 28.60 -56.91
C ARG E 115 -1.36 29.32 -57.91
N ASP E 116 -2.23 28.57 -58.59
CA ASP E 116 -3.14 29.21 -59.54
C ASP E 116 -4.07 30.21 -58.85
N ILE E 117 -4.61 29.82 -57.70
CA ILE E 117 -5.52 30.72 -56.97
C ILE E 117 -4.78 31.96 -56.50
N VAL E 118 -3.53 31.79 -56.04
CA VAL E 118 -2.75 32.93 -55.58
C VAL E 118 -2.46 33.87 -56.74
N ALA E 119 -2.10 33.33 -57.91
CA ALA E 119 -1.86 34.19 -59.07
C ALA E 119 -3.13 34.94 -59.46
N GLU E 120 -4.27 34.23 -59.46
CA GLU E 120 -5.53 34.89 -59.81
C GLU E 120 -5.87 35.99 -58.81
N LEU E 121 -5.66 35.73 -57.52
CA LEU E 121 -5.93 36.75 -56.51
C LEU E 121 -5.00 37.95 -56.68
N VAL E 122 -3.73 37.70 -56.96
CA VAL E 122 -2.79 38.79 -57.19
C VAL E 122 -3.23 39.64 -58.37
N ALA E 123 -3.66 38.99 -59.45
CA ALA E 123 -4.18 39.73 -60.60
C ALA E 123 -5.40 40.55 -60.21
N ILE E 124 -6.32 39.94 -59.45
CA ILE E 124 -7.52 40.65 -59.02
C ILE E 124 -7.17 41.73 -57.99
N LYS E 125 -6.26 41.41 -57.08
CA LYS E 125 -5.87 42.34 -56.03
C LYS E 125 -4.97 43.45 -56.51
N ASN E 126 -4.63 43.48 -57.80
CA ASN E 126 -3.75 44.51 -58.35
C ASN E 126 -2.41 44.53 -57.62
N VAL E 127 -1.91 43.35 -57.27
CA VAL E 127 -0.65 43.23 -56.55
C VAL E 127 0.47 43.09 -57.57
N SER E 128 1.44 44.00 -57.50
CA SER E 128 2.59 44.00 -58.39
C SER E 128 3.84 43.71 -57.59
N MET E 129 4.64 42.76 -58.07
CA MET E 129 5.87 42.37 -57.38
C MET E 129 6.82 41.76 -58.39
N SER E 130 8.08 41.66 -57.99
CA SER E 130 9.10 41.08 -58.86
C SER E 130 8.88 39.57 -59.00
N VAL E 131 9.51 39.00 -60.03
CA VAL E 131 9.38 37.57 -60.27
C VAL E 131 9.93 36.78 -59.08
N ALA E 132 11.10 37.18 -58.57
CA ALA E 132 11.65 36.51 -57.39
C ALA E 132 10.73 36.68 -56.18
N GLU E 133 10.21 37.89 -55.97
CA GLU E 133 9.30 38.13 -54.86
C GLU E 133 8.02 37.31 -55.03
N GLN E 134 7.49 37.24 -56.25
CA GLN E 134 6.29 36.45 -56.49
C GLN E 134 6.54 34.98 -56.19
N GLU E 135 7.68 34.45 -56.64
CA GLU E 135 8.00 33.05 -56.38
C GLU E 135 8.16 32.79 -54.89
N HIS E 136 8.84 33.69 -54.18
CA HIS E 136 9.02 33.52 -52.75
C HIS E 136 7.68 33.55 -52.02
N LEU E 137 6.80 34.48 -52.40
CA LEU E 137 5.49 34.56 -51.76
C LEU E 137 4.67 33.31 -52.05
N VAL E 138 4.73 32.81 -53.29
CA VAL E 138 3.99 31.61 -53.64
C VAL E 138 4.48 30.42 -52.82
N GLN E 139 5.81 30.28 -52.71
CA GLN E 139 6.37 29.18 -51.93
C GLN E 139 5.97 29.29 -50.46
N ASP E 140 6.03 30.50 -49.90
CA ASP E 140 5.66 30.69 -48.51
C ASP E 140 4.19 30.35 -48.29
N ILE E 141 3.32 30.79 -49.20
CA ILE E 141 1.90 30.51 -49.07
C ILE E 141 1.65 29.01 -49.16
N ILE E 142 2.33 28.33 -50.09
CA ILE E 142 2.16 26.89 -50.22
C ILE E 142 2.59 26.19 -48.95
N ASN E 143 3.75 26.58 -48.40
CA ASN E 143 4.22 25.97 -47.17
C ASN E 143 3.25 26.19 -46.03
N ASP E 144 2.73 27.41 -45.90
CA ASP E 144 1.77 27.70 -44.83
C ASP E 144 0.50 26.88 -45.00
N VAL E 145 0.00 26.75 -46.23
CA VAL E 145 -1.23 26.02 -46.47
C VAL E 145 -1.04 24.54 -46.15
N LEU E 146 0.09 23.95 -46.64
CA LEU E 146 0.29 22.49 -46.64
C LEU E 146 1.60 22.06 -46.01
N GLY E 147 2.62 22.91 -46.02
CA GLY E 147 3.91 22.59 -45.44
C GLY E 147 3.97 22.91 -43.96
N TYR E 148 5.19 23.03 -43.46
CA TYR E 148 5.45 23.32 -42.06
C TYR E 148 5.75 24.79 -41.82
N GLY E 149 5.31 25.68 -42.70
CA GLY E 149 5.49 27.09 -42.51
C GLY E 149 6.95 27.48 -42.41
N PRO E 150 7.28 28.44 -41.54
CA PRO E 150 8.66 28.94 -41.51
C PRO E 150 9.68 27.89 -41.18
N LEU E 151 9.28 26.75 -40.59
CA LEU E 151 10.24 25.69 -40.31
C LEU E 151 10.87 25.14 -41.58
N GLU E 152 10.19 25.27 -42.73
CA GLU E 152 10.70 24.62 -43.94
C GLU E 152 12.11 25.04 -44.28
N PRO E 153 12.44 26.34 -44.35
CA PRO E 153 13.84 26.69 -44.61
C PRO E 153 14.81 26.13 -43.58
N LEU E 154 14.41 26.07 -42.31
CA LEU E 154 15.28 25.52 -41.29
C LEU E 154 15.48 24.03 -41.47
N LEU E 155 14.39 23.29 -41.73
CA LEU E 155 14.51 21.85 -41.91
C LEU E 155 15.40 21.52 -43.10
N ALA E 156 15.25 22.26 -44.20
CA ALA E 156 16.04 21.98 -45.39
C ALA E 156 17.53 22.15 -45.11
N ARG E 157 17.90 23.18 -44.36
CA ARG E 157 19.31 23.46 -44.11
C ARG E 157 19.96 22.26 -43.42
N ASP E 158 21.09 21.83 -43.95
CA ASP E 158 21.81 20.70 -43.37
C ASP E 158 22.55 21.12 -42.10
N ASP E 159 23.17 22.30 -42.12
CA ASP E 159 24.01 22.70 -40.99
C ASP E 159 23.21 22.78 -39.69
N ILE E 160 21.91 23.02 -39.79
CA ILE E 160 21.09 23.12 -38.58
C ILE E 160 20.88 21.73 -38.00
N ALA E 161 21.27 21.56 -36.74
CA ALA E 161 21.15 20.25 -36.09
C ALA E 161 19.83 20.11 -35.35
N ASP E 162 19.53 21.03 -34.44
CA ASP E 162 18.31 21.01 -33.66
C ASP E 162 17.57 22.31 -33.83
N ILE E 163 16.25 22.23 -33.78
CA ILE E 163 15.36 23.38 -33.87
C ILE E 163 14.45 23.38 -32.66
N MET E 164 14.50 24.45 -31.88
CA MET E 164 13.72 24.55 -30.65
C MET E 164 12.84 25.78 -30.75
N VAL E 165 11.52 25.56 -30.71
CA VAL E 165 10.55 26.64 -30.80
C VAL E 165 9.85 26.73 -29.45
N ASN E 166 10.14 27.78 -28.70
CA ASN E 166 9.49 28.05 -27.41
C ASN E 166 8.44 29.13 -27.68
N GLY E 167 7.23 28.69 -28.01
CA GLY E 167 6.18 29.61 -28.37
C GLY E 167 6.34 30.10 -29.81
N ALA E 168 5.31 30.80 -30.26
CA ALA E 168 5.26 31.19 -31.67
C ALA E 168 6.24 32.29 -32.04
N HIS E 169 6.91 32.90 -31.06
CA HIS E 169 7.73 34.07 -31.33
C HIS E 169 9.23 33.84 -31.18
N ARG E 170 9.65 32.74 -30.56
CA ARG E 170 11.06 32.47 -30.33
C ARG E 170 11.44 31.15 -31.00
N VAL E 171 12.48 31.19 -31.82
CA VAL E 171 12.98 30.01 -32.52
C VAL E 171 14.50 30.02 -32.40
N PHE E 172 15.05 28.93 -31.88
CA PHE E 172 16.49 28.75 -31.74
C PHE E 172 16.93 27.58 -32.61
N ILE E 173 18.13 27.70 -33.15
CA ILE E 173 18.71 26.65 -33.98
C ILE E 173 20.10 26.34 -33.45
N GLU E 174 20.45 25.06 -33.42
CA GLU E 174 21.78 24.62 -33.00
C GLU E 174 22.62 24.46 -34.25
N VAL E 175 23.50 25.41 -34.49
CA VAL E 175 24.40 25.39 -35.64
C VAL E 175 25.82 25.21 -35.11
N GLY E 176 26.52 24.21 -35.64
CA GLY E 176 27.88 23.97 -35.21
C GLY E 176 28.02 23.76 -33.73
N GLY E 177 27.00 23.21 -33.08
CA GLY E 177 27.03 22.98 -31.65
C GLY E 177 26.67 24.17 -30.80
N LYS E 178 26.39 25.33 -31.40
CA LYS E 178 26.02 26.53 -30.67
C LYS E 178 24.55 26.84 -30.94
N VAL E 179 23.78 27.02 -29.86
CA VAL E 179 22.38 27.37 -29.97
C VAL E 179 22.28 28.87 -30.12
N GLN E 180 21.60 29.33 -31.17
CA GLN E 180 21.47 30.74 -31.45
C GLN E 180 20.03 31.07 -31.82
N LEU E 181 19.61 32.27 -31.45
CA LEU E 181 18.28 32.74 -31.78
C LEU E 181 18.19 33.05 -33.28
N THR E 182 16.97 32.95 -33.81
CA THR E 182 16.72 33.19 -35.22
C THR E 182 15.55 34.14 -35.39
N ASN E 183 15.58 34.90 -36.48
CA ASN E 183 14.51 35.82 -36.79
C ASN E 183 13.23 35.11 -37.22
N VAL E 184 13.27 33.80 -37.40
CA VAL E 184 12.07 33.06 -37.81
C VAL E 184 11.02 33.22 -36.73
N ARG E 185 9.85 33.70 -37.13
CA ARG E 185 8.73 33.88 -36.21
C ARG E 185 7.46 33.35 -36.85
N PHE E 186 6.61 32.75 -36.04
CA PHE E 186 5.33 32.26 -36.51
C PHE E 186 4.27 33.34 -36.42
N ARG E 187 3.19 33.15 -37.17
CA ARG E 187 2.09 34.11 -37.16
C ARG E 187 1.51 34.26 -35.76
N ASP E 188 1.31 33.15 -35.07
CA ASP E 188 0.71 33.16 -33.73
C ASP E 188 0.90 31.78 -33.13
N ASN E 189 0.33 31.59 -31.93
CA ASN E 189 0.43 30.29 -31.28
C ASN E 189 -0.53 29.29 -31.91
N LEU E 190 -1.65 29.74 -32.45
CA LEU E 190 -2.55 28.80 -33.12
C LEU E 190 -1.90 28.21 -34.36
N GLN E 191 -1.22 29.04 -35.16
CA GLN E 191 -0.51 28.53 -36.31
C GLN E 191 0.59 27.57 -35.90
N LEU E 192 1.33 27.91 -34.85
CA LEU E 192 2.39 27.03 -34.38
C LEU E 192 1.83 25.69 -33.93
N MET E 193 0.71 25.71 -33.20
CA MET E 193 0.12 24.46 -32.75
C MET E 193 -0.38 23.64 -33.93
N ASN E 194 -0.96 24.30 -34.95
CA ASN E 194 -1.39 23.58 -36.13
C ASN E 194 -0.21 22.91 -36.83
N ILE E 195 0.90 23.64 -36.97
CA ILE E 195 2.08 23.07 -37.60
C ILE E 195 2.59 21.90 -36.80
N CYS E 196 2.62 22.03 -35.47
CA CYS E 196 3.09 20.94 -34.64
C CYS E 196 2.19 19.72 -34.78
N GLN E 197 0.88 19.93 -34.82
CA GLN E 197 -0.04 18.81 -34.98
C GLN E 197 0.16 18.13 -36.32
N ARG E 198 0.33 18.91 -37.38
CA ARG E 198 0.53 18.32 -38.70
C ARG E 198 1.85 17.56 -38.76
N ILE E 199 2.90 18.07 -38.12
CA ILE E 199 4.17 17.36 -38.09
C ILE E 199 4.01 16.04 -37.33
N VAL E 200 3.38 16.09 -36.16
CA VAL E 200 3.29 14.89 -35.34
C VAL E 200 2.40 13.85 -36.00
N SER E 201 1.34 14.27 -36.68
CA SER E 201 0.46 13.33 -37.35
C SER E 201 1.14 12.57 -38.47
N GLN E 202 2.25 13.10 -38.99
CA GLN E 202 2.94 12.43 -40.08
C GLN E 202 3.41 11.04 -39.68
N VAL E 203 3.50 10.76 -38.39
CA VAL E 203 3.79 9.44 -37.88
C VAL E 203 2.60 8.84 -37.14
N GLY E 204 1.43 9.48 -37.22
CA GLY E 204 0.21 8.95 -36.66
C GLY E 204 -0.07 9.34 -35.23
N ARG E 205 0.88 9.96 -34.52
CA ARG E 205 0.65 10.34 -33.14
C ARG E 205 -0.27 11.56 -33.09
N ARG E 206 -0.87 11.77 -31.92
CA ARG E 206 -1.80 12.87 -31.71
C ARG E 206 -1.33 13.71 -30.53
N VAL E 207 -1.32 15.03 -30.70
CA VAL E 207 -0.98 15.97 -29.65
C VAL E 207 -2.10 17.00 -29.55
N ASP E 208 -2.65 17.17 -28.36
CA ASP E 208 -3.74 18.12 -28.12
C ASP E 208 -3.91 18.24 -26.61
N GLU E 209 -4.94 18.97 -26.18
CA GLU E 209 -5.17 19.15 -24.76
C GLU E 209 -5.32 17.81 -24.06
N SER E 210 -5.96 16.84 -24.72
CA SER E 210 -6.13 15.53 -24.10
C SER E 210 -4.79 14.85 -23.86
N SER E 211 -3.87 14.95 -24.82
CA SER E 211 -2.54 14.37 -24.72
C SER E 211 -1.53 15.46 -25.06
N PRO E 212 -1.29 16.39 -24.14
CA PRO E 212 -0.45 17.55 -24.47
C PRO E 212 0.97 17.19 -24.87
N ILE E 213 1.53 16.14 -24.30
CA ILE E 213 2.93 15.76 -24.53
C ILE E 213 2.98 14.67 -25.57
N CYS E 214 3.85 14.84 -26.57
CA CYS E 214 4.00 13.83 -27.60
C CYS E 214 5.45 13.78 -28.06
N ASP E 215 6.09 12.63 -27.88
CA ASP E 215 7.44 12.39 -28.37
C ASP E 215 7.40 11.31 -29.42
N ALA E 216 8.02 11.55 -30.56
CA ALA E 216 7.95 10.61 -31.68
C ALA E 216 9.22 10.72 -32.50
N ARG E 217 9.42 9.72 -33.36
CA ARG E 217 10.55 9.69 -34.28
C ARG E 217 10.03 9.79 -35.69
N LEU E 218 10.50 10.78 -36.43
CA LEU E 218 10.05 10.95 -37.80
C LEU E 218 10.65 9.87 -38.69
N PRO E 219 10.04 9.61 -39.85
CA PRO E 219 10.60 8.60 -40.75
C PRO E 219 12.03 8.87 -41.15
N ASP E 220 12.41 10.14 -41.30
CA ASP E 220 13.77 10.49 -41.71
C ASP E 220 14.76 10.41 -40.57
N GLY E 221 14.32 10.04 -39.37
CA GLY E 221 15.19 9.87 -38.23
C GLY E 221 15.17 11.00 -37.23
N SER E 222 14.67 12.17 -37.62
CA SER E 222 14.58 13.28 -36.69
C SER E 222 13.60 12.96 -35.58
N ARG E 223 13.92 13.39 -34.37
CA ARG E 223 13.07 13.17 -33.21
C ARG E 223 12.31 14.45 -32.91
N VAL E 224 10.99 14.33 -32.76
CA VAL E 224 10.12 15.47 -32.53
C VAL E 224 9.48 15.33 -31.17
N ASN E 225 9.61 16.37 -30.35
CA ASN E 225 8.95 16.44 -29.05
C ASN E 225 8.07 17.69 -29.03
N VAL E 226 6.82 17.52 -28.61
CA VAL E 226 5.85 18.60 -28.63
C VAL E 226 5.13 18.65 -27.30
N ILE E 227 4.95 19.86 -26.77
CA ILE E 227 4.17 20.10 -25.57
C ILE E 227 3.09 21.12 -25.91
N ALA E 228 1.86 20.82 -25.52
CA ALA E 228 0.70 21.61 -25.86
C ALA E 228 0.58 22.83 -24.94
N PRO E 229 -0.23 23.81 -25.33
CA PRO E 229 -0.30 25.05 -24.55
C PRO E 229 -0.76 24.85 -23.11
N PRO E 230 -1.67 23.91 -22.81
CA PRO E 230 -2.10 23.79 -21.41
C PRO E 230 -0.94 23.55 -20.46
N LEU E 231 0.06 22.79 -20.89
CA LEU E 231 1.26 22.60 -20.07
C LEU E 231 2.31 23.67 -20.34
N ALA E 232 2.54 24.01 -21.60
CA ALA E 232 3.53 25.03 -21.94
C ALA E 232 2.86 26.40 -21.82
N LEU E 233 3.24 27.16 -20.80
CA LEU E 233 2.56 28.44 -20.56
C LEU E 233 2.76 29.41 -21.72
N ASP E 234 3.98 29.51 -22.23
CA ASP E 234 4.30 30.50 -23.25
C ASP E 234 3.91 30.05 -24.66
N GLY E 235 3.05 29.04 -24.79
CA GLY E 235 2.66 28.53 -26.07
C GLY E 235 3.24 27.16 -26.32
N PRO E 236 2.79 26.48 -27.37
CA PRO E 236 3.27 25.13 -27.62
C PRO E 236 4.77 25.12 -27.84
N THR E 237 5.42 24.10 -27.29
CA THR E 237 6.88 23.96 -27.36
C THR E 237 7.22 22.82 -28.29
N LEU E 238 8.12 23.08 -29.23
CA LEU E 238 8.50 22.12 -30.26
C LEU E 238 10.01 21.92 -30.21
N THR E 239 10.44 20.68 -30.37
CA THR E 239 11.87 20.35 -30.36
C THR E 239 12.12 19.30 -31.43
N ILE E 240 12.83 19.67 -32.48
CA ILE E 240 13.16 18.77 -33.58
C ILE E 240 14.66 18.55 -33.55
N ARG E 241 15.08 17.33 -33.24
CA ARG E 241 16.49 16.96 -33.26
C ARG E 241 16.73 16.17 -34.54
N LYS E 242 17.35 16.82 -35.51
CA LYS E 242 17.59 16.17 -36.79
C LYS E 242 18.68 15.12 -36.66
N PHE E 243 18.55 14.06 -37.46
CA PHE E 243 19.56 13.02 -37.46
C PHE E 243 20.81 13.51 -38.18
N LYS E 244 21.95 13.40 -37.51
CA LYS E 244 23.20 13.86 -38.10
C LYS E 244 23.63 12.91 -39.21
N LYS E 245 23.68 13.41 -40.44
CA LYS E 245 24.00 12.54 -41.58
C LYS E 245 25.42 12.02 -41.49
N ASP E 246 26.39 12.90 -41.29
CA ASP E 246 27.80 12.55 -41.26
C ASP E 246 28.35 12.79 -39.87
N LYS E 247 29.14 11.84 -39.38
CA LYS E 247 29.67 11.91 -38.02
C LYS E 247 31.17 11.74 -38.06
N LEU E 248 31.83 12.28 -37.03
CA LEU E 248 33.28 12.25 -36.97
C LEU E 248 33.79 10.82 -36.97
N THR E 249 34.88 10.59 -37.68
CA THR E 249 35.57 9.32 -37.69
C THR E 249 36.82 9.40 -36.83
N MET E 250 37.45 8.25 -36.60
CA MET E 250 38.67 8.24 -35.80
C MET E 250 39.73 9.14 -36.41
N LYS E 251 39.74 9.28 -37.72
CA LYS E 251 40.67 10.19 -38.36
C LYS E 251 40.43 11.62 -37.89
N ASN E 252 39.16 12.04 -37.82
CA ASN E 252 38.86 13.37 -37.32
C ASN E 252 39.29 13.53 -35.87
N LEU E 253 39.02 12.53 -35.04
CA LEU E 253 39.42 12.63 -33.64
C LEU E 253 40.93 12.76 -33.52
N VAL E 254 41.68 12.04 -34.35
CA VAL E 254 43.13 12.21 -34.37
C VAL E 254 43.48 13.63 -34.80
N GLU E 255 42.78 14.16 -35.81
CA GLU E 255 43.06 15.51 -36.26
C GLU E 255 42.80 16.52 -35.15
N PHE E 256 41.71 16.36 -34.42
CA PHE E 256 41.39 17.25 -33.31
C PHE E 256 42.26 17.00 -32.11
N ALA E 257 43.28 16.15 -32.20
CA ALA E 257 44.17 15.85 -31.08
C ALA E 257 43.42 15.20 -29.92
N SER E 258 42.20 14.74 -30.14
CA SER E 258 41.45 14.10 -29.07
C SER E 258 42.17 12.84 -28.60
N ILE E 259 42.73 12.08 -29.53
CA ILE E 259 43.52 10.89 -29.23
C ILE E 259 44.71 10.87 -30.17
N SER E 260 45.88 10.57 -29.63
CA SER E 260 47.08 10.54 -30.44
C SER E 260 47.03 9.36 -31.41
N PRO E 261 47.80 9.43 -32.50
CA PRO E 261 47.74 8.33 -33.48
C PRO E 261 48.00 6.96 -32.87
N GLU E 262 48.93 6.86 -31.93
CA GLU E 262 49.13 5.61 -31.23
C GLU E 262 47.89 5.23 -30.43
N GLY E 263 47.26 6.22 -29.80
CA GLY E 263 46.00 5.95 -29.13
C GLY E 263 44.94 5.47 -30.11
N ALA E 264 44.93 6.03 -31.32
CA ALA E 264 43.98 5.58 -32.32
C ALA E 264 44.24 4.14 -32.71
N ARG E 265 45.51 3.77 -32.85
CA ARG E 265 45.84 2.38 -33.16
C ARG E 265 45.40 1.44 -32.04
N VAL E 266 45.65 1.85 -30.80
CA VAL E 266 45.25 1.01 -29.66
C VAL E 266 43.73 0.86 -29.62
N LEU E 267 43.00 1.95 -29.88
CA LEU E 267 41.55 1.86 -29.90
C LEU E 267 41.07 0.96 -31.03
N GLY E 268 41.72 1.03 -32.18
CA GLY E 268 41.36 0.12 -33.26
C GLY E 268 41.57 -1.32 -32.88
N VAL E 269 42.69 -1.62 -32.22
CA VAL E 269 42.94 -2.99 -31.77
C VAL E 269 41.88 -3.42 -30.76
N ILE E 270 41.54 -2.54 -29.82
CA ILE E 270 40.55 -2.88 -28.81
C ILE E 270 39.21 -3.19 -29.46
N GLY E 271 38.79 -2.33 -30.39
CA GLY E 271 37.51 -2.55 -31.04
C GLY E 271 37.48 -3.78 -31.90
N ALA E 272 38.53 -4.01 -32.68
CA ALA E 272 38.54 -5.11 -33.62
C ALA E 272 38.56 -6.46 -32.91
N CYS E 273 39.30 -6.55 -31.81
CA CYS E 273 39.53 -7.82 -31.14
C CYS E 273 38.42 -8.19 -30.17
N ARG E 274 37.22 -7.61 -30.32
CA ARG E 274 36.06 -8.02 -29.53
C ARG E 274 36.33 -7.90 -28.04
N CYS E 275 36.67 -6.69 -27.60
CA CYS E 275 36.85 -6.42 -26.17
C CYS E 275 35.58 -5.82 -25.61
N ASN E 276 35.11 -6.38 -24.50
CA ASN E 276 34.00 -5.78 -23.78
C ASN E 276 34.36 -4.36 -23.40
N LEU E 277 33.44 -3.43 -23.62
CA LEU E 277 33.77 -2.01 -23.58
C LEU E 277 32.70 -1.22 -22.85
N VAL E 278 33.14 -0.13 -22.22
CA VAL E 278 32.25 0.84 -21.58
C VAL E 278 32.86 2.21 -21.82
N ILE E 279 32.22 3.02 -22.65
CA ILE E 279 32.74 4.33 -23.00
C ILE E 279 32.09 5.33 -22.06
N SER E 280 32.78 5.62 -20.97
CA SER E 280 32.30 6.63 -20.03
C SER E 280 32.67 8.01 -20.52
N GLY E 281 32.15 9.02 -19.82
CA GLY E 281 32.46 10.39 -20.19
C GLY E 281 31.56 11.35 -19.44
N GLY E 282 31.94 12.62 -19.50
CA GLY E 282 31.19 13.67 -18.86
C GLY E 282 30.13 14.24 -19.78
N THR E 283 29.52 15.34 -19.33
CA THR E 283 28.50 15.99 -20.13
C THR E 283 29.08 16.51 -21.43
N GLY E 284 28.41 16.20 -22.54
CA GLY E 284 28.84 16.71 -23.83
C GLY E 284 30.26 16.34 -24.18
N SER E 285 30.77 15.24 -23.64
CA SER E 285 32.15 14.84 -23.83
C SER E 285 32.37 14.00 -25.09
N GLY E 286 31.33 13.75 -25.86
CA GLY E 286 31.48 12.98 -27.07
C GLY E 286 31.39 11.48 -26.89
N LYS E 287 30.71 11.01 -25.84
CA LYS E 287 30.57 9.57 -25.64
C LYS E 287 29.97 8.91 -26.86
N THR E 288 28.83 9.43 -27.33
CA THR E 288 28.16 8.80 -28.46
C THR E 288 29.00 8.87 -29.72
N THR E 289 29.66 10.00 -29.95
CA THR E 289 30.54 10.10 -31.11
C THR E 289 31.69 9.11 -31.03
N LEU E 290 32.28 8.98 -29.85
CA LEU E 290 33.37 8.03 -29.68
C LEU E 290 32.88 6.61 -29.92
N LEU E 291 31.71 6.26 -29.41
CA LEU E 291 31.17 4.93 -29.62
C LEU E 291 30.91 4.67 -31.09
N ASN E 292 30.35 5.66 -31.79
CA ASN E 292 30.11 5.49 -33.22
C ASN E 292 31.42 5.31 -33.98
N THR E 293 32.46 6.04 -33.58
CA THR E 293 33.76 5.85 -34.20
C THR E 293 34.30 4.46 -33.96
N MET E 294 34.14 3.96 -32.73
CA MET E 294 34.72 2.67 -32.38
C MET E 294 33.98 1.52 -33.06
N THR E 295 32.68 1.68 -33.29
CA THR E 295 31.95 0.64 -34.00
C THR E 295 32.45 0.47 -35.42
N ALA E 296 33.22 1.43 -35.94
CA ALA E 296 33.80 1.27 -37.26
C ALA E 296 34.79 0.14 -37.34
N PHE E 297 35.29 -0.34 -36.20
CA PHE E 297 36.25 -1.44 -36.18
C PHE E 297 35.59 -2.80 -36.12
N ILE E 298 34.27 -2.86 -35.88
CA ILE E 298 33.59 -4.14 -35.84
C ILE E 298 33.71 -4.83 -37.18
N ASP E 299 33.98 -6.12 -37.15
CA ASP E 299 34.10 -6.88 -38.38
C ASP E 299 32.76 -6.88 -39.11
N PRO E 300 32.74 -6.77 -40.45
CA PRO E 300 31.46 -6.73 -41.15
C PRO E 300 30.60 -7.95 -40.93
N THR E 301 31.21 -9.13 -40.79
CA THR E 301 30.43 -10.36 -40.72
C THR E 301 29.70 -10.52 -39.38
N GLU E 302 30.07 -9.75 -38.37
CA GLU E 302 29.45 -9.90 -37.07
C GLU E 302 28.02 -9.37 -37.09
N ARG E 303 27.14 -10.06 -36.37
CA ARG E 303 25.75 -9.63 -36.23
C ARG E 303 25.66 -8.71 -35.03
N VAL E 304 25.46 -7.42 -35.29
CA VAL E 304 25.43 -6.40 -34.25
C VAL E 304 23.98 -6.01 -33.99
N VAL E 305 23.64 -5.80 -32.73
CA VAL E 305 22.32 -5.37 -32.33
C VAL E 305 22.47 -4.10 -31.50
N THR E 306 21.73 -3.06 -31.87
CA THR E 306 21.87 -1.74 -31.27
C THR E 306 20.60 -1.37 -30.50
N CYS E 307 20.75 -0.99 -29.25
CA CYS E 307 19.65 -0.50 -28.43
C CYS E 307 19.90 0.96 -28.11
N GLU E 308 18.89 1.80 -28.35
CA GLU E 308 19.06 3.24 -28.15
C GLU E 308 17.73 3.84 -27.71
N ASP E 309 17.80 4.72 -26.72
CA ASP E 309 16.64 5.54 -26.39
C ASP E 309 16.29 6.47 -27.55
N ALA E 310 17.30 7.04 -28.20
CA ALA E 310 17.11 7.90 -29.35
C ALA E 310 18.14 7.52 -30.40
N ALA E 311 17.68 7.17 -31.60
CA ALA E 311 18.59 6.70 -32.63
C ALA E 311 19.66 7.73 -32.94
N GLU E 312 20.90 7.42 -32.59
CA GLU E 312 22.04 8.28 -32.89
C GLU E 312 23.13 7.55 -33.66
N LEU E 313 23.42 6.30 -33.31
CA LEU E 313 24.50 5.58 -33.94
C LEU E 313 24.19 5.28 -35.39
N GLN E 314 25.22 5.35 -36.23
CA GLN E 314 25.12 5.01 -37.64
C GLN E 314 26.26 4.05 -37.94
N LEU E 315 25.99 2.75 -37.77
CA LEU E 315 26.97 1.73 -38.09
C LEU E 315 26.96 1.44 -39.58
N GLN E 316 28.14 1.28 -40.15
CA GLN E 316 28.27 1.02 -41.58
C GLN E 316 28.23 -0.45 -41.93
N GLN E 317 28.22 -1.34 -40.94
CA GLN E 317 28.30 -2.76 -41.22
C GLN E 317 27.00 -3.25 -41.86
N PRO E 318 27.06 -4.35 -42.61
CA PRO E 318 25.83 -4.85 -43.26
C PRO E 318 24.86 -5.49 -42.30
N HIS E 319 25.37 -6.29 -41.36
CA HIS E 319 24.51 -7.09 -40.48
C HIS E 319 24.34 -6.36 -39.14
N VAL E 320 23.50 -5.33 -39.16
CA VAL E 320 23.21 -4.52 -37.98
C VAL E 320 21.71 -4.47 -37.79
N VAL E 321 21.28 -4.65 -36.54
CA VAL E 321 19.88 -4.57 -36.16
C VAL E 321 19.73 -3.41 -35.19
N ARG E 322 18.85 -2.47 -35.52
CA ARG E 322 18.67 -1.25 -34.75
C ARG E 322 17.35 -1.32 -34.01
N LEU E 323 17.40 -1.18 -32.70
CA LEU E 323 16.22 -1.23 -31.85
C LEU E 323 16.08 0.09 -31.11
N GLU E 324 14.84 0.44 -30.77
CA GLU E 324 14.54 1.69 -30.09
C GLU E 324 13.55 1.43 -28.98
N THR E 325 13.80 2.02 -27.81
CA THR E 325 12.85 1.92 -26.72
C THR E 325 11.61 2.74 -27.02
N ARG E 326 10.50 2.36 -26.40
CA ARG E 326 9.24 3.07 -26.56
C ARG E 326 8.79 3.61 -25.21
N PRO E 327 8.88 4.91 -24.95
CA PRO E 327 8.48 5.41 -23.64
C PRO E 327 6.98 5.27 -23.44
N PRO E 328 6.53 5.11 -22.19
CA PRO E 328 5.09 4.96 -21.96
C PRO E 328 4.34 6.19 -22.44
N ASN E 329 3.17 5.95 -23.03
CA ASN E 329 2.29 7.05 -23.39
C ASN E 329 1.76 7.71 -22.11
N LEU E 330 1.03 8.81 -22.29
CA LEU E 330 0.46 9.50 -21.15
C LEU E 330 -0.47 8.60 -20.33
N GLU E 331 -0.98 7.53 -20.96
CA GLU E 331 -1.78 6.55 -20.25
C GLU E 331 -0.93 5.61 -19.42
N GLY E 332 0.40 5.70 -19.51
CA GLY E 332 1.28 4.80 -18.79
C GLY E 332 1.20 3.37 -19.25
N SER E 333 1.18 3.13 -20.56
CA SER E 333 1.05 1.79 -21.09
C SER E 333 1.96 1.63 -22.29
N GLY E 334 2.31 0.38 -22.59
CA GLY E 334 3.11 0.08 -23.76
C GLY E 334 4.56 0.48 -23.66
N ALA E 335 5.08 0.61 -22.45
CA ALA E 335 6.48 0.99 -22.27
C ALA E 335 7.38 -0.20 -22.57
N VAL E 336 8.40 0.04 -23.38
CA VAL E 336 9.43 -0.96 -23.68
C VAL E 336 10.76 -0.35 -23.25
N THR E 337 11.16 -0.62 -22.02
CA THR E 337 12.39 -0.05 -21.50
C THR E 337 13.60 -0.70 -22.16
N MET E 338 14.75 -0.03 -22.03
CA MET E 338 15.97 -0.56 -22.61
C MET E 338 16.33 -1.90 -21.98
N ARG E 339 15.96 -2.12 -20.73
CA ARG E 339 16.20 -3.42 -20.13
C ARG E 339 15.51 -4.52 -20.92
N ASP E 340 14.27 -4.28 -21.34
CA ASP E 340 13.56 -5.25 -22.16
C ASP E 340 14.26 -5.46 -23.50
N LEU E 341 14.75 -4.38 -24.10
CA LEU E 341 15.44 -4.51 -25.36
C LEU E 341 16.68 -5.39 -25.22
N VAL E 342 17.48 -5.18 -24.18
CA VAL E 342 18.68 -5.98 -24.00
C VAL E 342 18.31 -7.42 -23.65
N LYS E 343 17.28 -7.60 -22.83
CA LYS E 343 16.82 -8.93 -22.49
C LYS E 343 16.48 -9.72 -23.76
N ASN E 344 15.76 -9.08 -24.68
CA ASN E 344 15.48 -9.74 -25.96
C ASN E 344 16.76 -9.94 -26.76
N CYS E 345 17.63 -8.93 -26.81
CA CYS E 345 18.85 -9.05 -27.60
C CYS E 345 19.64 -10.28 -27.21
N LEU E 346 19.60 -10.64 -25.93
CA LEU E 346 20.22 -11.89 -25.52
C LEU E 346 19.60 -13.07 -26.27
N ARG E 347 18.36 -12.93 -26.73
CA ARG E 347 17.67 -13.99 -27.45
C ARG E 347 17.84 -13.89 -28.96
N MET E 348 18.38 -12.80 -29.47
CA MET E 348 18.44 -12.57 -30.91
C MET E 348 19.72 -13.10 -31.54
N ARG E 349 20.52 -13.82 -30.77
CA ARG E 349 21.74 -14.43 -31.30
C ARG E 349 22.67 -13.41 -31.92
N PRO E 350 23.08 -12.36 -31.20
CA PRO E 350 24.01 -11.39 -31.77
C PRO E 350 25.46 -11.74 -31.46
N GLU E 351 26.35 -11.13 -32.23
CA GLU E 351 27.78 -11.19 -31.92
C GLU E 351 28.17 -10.09 -30.96
N ARG E 352 27.59 -8.90 -31.11
CA ARG E 352 27.81 -7.79 -30.21
C ARG E 352 26.49 -7.11 -29.93
N ILE E 353 26.37 -6.54 -28.74
CA ILE E 353 25.23 -5.72 -28.35
C ILE E 353 25.76 -4.34 -28.04
N ILE E 354 25.27 -3.34 -28.77
CA ILE E 354 25.68 -1.95 -28.59
C ILE E 354 24.53 -1.22 -27.93
N VAL E 355 24.73 -0.82 -26.67
CA VAL E 355 23.72 -0.10 -25.92
C VAL E 355 24.04 1.39 -26.01
N GLY E 356 23.07 2.18 -26.46
CA GLY E 356 23.32 3.59 -26.70
C GLY E 356 23.83 4.29 -25.47
N GLU E 357 23.19 4.06 -24.32
CA GLU E 357 23.66 4.62 -23.06
C GLU E 357 23.05 3.83 -21.93
N VAL E 358 23.90 3.31 -21.05
CA VAL E 358 23.46 2.55 -19.88
C VAL E 358 23.15 3.55 -18.78
N ARG E 359 21.87 3.65 -18.41
CA ARG E 359 21.48 4.58 -17.36
C ARG E 359 20.48 3.96 -16.39
N GLY E 360 20.29 2.64 -16.42
CA GLY E 360 19.35 2.00 -15.54
C GLY E 360 19.71 0.56 -15.29
N PRO E 361 18.72 -0.26 -14.92
CA PRO E 361 19.00 -1.68 -14.68
C PRO E 361 19.53 -2.41 -15.90
N GLU E 362 19.32 -1.89 -17.10
CA GLU E 362 19.81 -2.58 -18.30
C GLU E 362 21.29 -2.93 -18.17
N ALA E 363 22.04 -2.14 -17.40
CA ALA E 363 23.43 -2.46 -17.13
C ALA E 363 23.60 -3.94 -16.88
N PHE E 364 22.90 -4.46 -15.87
CA PHE E 364 22.97 -5.87 -15.54
C PHE E 364 22.90 -6.73 -16.80
N ASP E 365 21.81 -6.59 -17.54
CA ASP E 365 21.64 -7.39 -18.75
C ASP E 365 22.81 -7.21 -19.69
N LEU E 366 23.21 -5.96 -19.94
CA LEU E 366 24.36 -5.72 -20.78
C LEU E 366 25.57 -6.50 -20.25
N LEU E 367 25.83 -6.37 -18.95
CA LEU E 367 26.95 -7.10 -18.37
C LEU E 367 26.78 -8.59 -18.59
N GLN E 368 25.56 -9.09 -18.45
CA GLN E 368 25.32 -10.51 -18.71
C GLN E 368 25.69 -10.85 -20.14
N ALA E 369 25.31 -10.01 -21.09
CA ALA E 369 25.68 -10.24 -22.48
C ALA E 369 27.19 -10.38 -22.63
N MET E 370 27.95 -9.67 -21.80
CA MET E 370 29.40 -9.74 -21.89
C MET E 370 29.94 -11.05 -21.35
N ASN E 371 29.28 -11.62 -20.33
CA ASN E 371 29.75 -12.89 -19.78
C ASN E 371 29.38 -14.06 -20.67
N THR E 372 28.23 -13.97 -21.35
CA THR E 372 27.61 -15.12 -22.01
C THR E 372 27.98 -15.23 -23.48
N GLY E 373 29.19 -14.83 -23.85
CA GLY E 373 29.69 -15.09 -25.17
C GLY E 373 29.45 -14.02 -26.20
N HIS E 374 28.73 -12.95 -25.85
CA HIS E 374 28.58 -11.82 -26.75
C HIS E 374 29.74 -10.84 -26.55
N ASP E 375 30.94 -11.38 -26.67
CA ASP E 375 32.14 -10.58 -26.51
C ASP E 375 32.15 -9.43 -27.50
N GLY E 376 32.54 -8.25 -27.03
CA GLY E 376 32.57 -7.06 -27.85
C GLY E 376 31.43 -6.11 -27.62
N SER E 377 30.52 -6.42 -26.71
CA SER E 377 29.42 -5.51 -26.43
C SER E 377 29.96 -4.18 -25.93
N MET E 378 29.37 -3.09 -26.39
CA MET E 378 29.77 -1.75 -26.02
C MET E 378 28.59 -1.02 -25.39
N GLY E 379 28.89 0.05 -24.67
CA GLY E 379 27.86 0.87 -24.09
C GLY E 379 28.40 2.14 -23.49
N THR E 380 27.78 3.28 -23.82
CA THR E 380 28.20 4.54 -23.25
C THR E 380 27.60 4.72 -21.87
N LEU E 381 28.28 5.49 -21.04
CA LEU E 381 27.90 5.67 -19.65
C LEU E 381 28.31 7.08 -19.24
N HIS E 382 27.52 7.69 -18.36
CA HIS E 382 27.82 9.04 -17.89
C HIS E 382 28.63 8.93 -16.60
N ALA E 383 29.87 9.40 -16.64
CA ALA E 383 30.74 9.39 -15.48
C ALA E 383 31.98 10.17 -15.82
N ASN E 384 32.59 10.78 -14.81
CA ASN E 384 33.73 11.66 -15.00
C ASN E 384 35.06 10.96 -14.80
N SER E 385 35.06 9.65 -14.55
CA SER E 385 36.30 8.91 -14.40
C SER E 385 35.96 7.42 -14.41
N PRO E 386 36.92 6.57 -14.79
CA PRO E 386 36.64 5.13 -14.79
C PRO E 386 36.19 4.60 -13.43
N ARG E 387 36.75 5.11 -12.34
CA ARG E 387 36.27 4.70 -11.01
C ARG E 387 34.81 5.08 -10.84
N GLU E 388 34.46 6.30 -11.23
CA GLU E 388 33.07 6.72 -11.15
C GLU E 388 32.20 5.90 -12.10
N ALA E 389 32.74 5.51 -13.26
CA ALA E 389 31.98 4.67 -14.16
C ALA E 389 31.66 3.32 -13.53
N ILE E 390 32.65 2.71 -12.87
CA ILE E 390 32.41 1.43 -12.22
C ILE E 390 31.41 1.58 -11.08
N SER E 391 31.54 2.65 -10.29
CA SER E 391 30.58 2.86 -9.22
C SER E 391 29.18 3.06 -9.77
N ARG E 392 29.05 3.79 -10.86
CA ARG E 392 27.76 3.98 -11.49
C ARG E 392 27.18 2.67 -11.99
N ILE E 393 28.03 1.80 -12.55
CA ILE E 393 27.56 0.51 -13.00
C ILE E 393 27.05 -0.31 -11.83
N GLU E 394 27.78 -0.29 -10.72
CA GLU E 394 27.32 -1.02 -9.53
C GLU E 394 25.96 -0.50 -9.09
N SER E 395 25.81 0.82 -9.01
CA SER E 395 24.54 1.39 -8.59
C SER E 395 23.43 1.00 -9.53
N MET E 396 23.68 1.07 -10.84
CA MET E 396 22.65 0.70 -11.81
C MET E 396 22.25 -0.75 -11.66
N ILE E 397 23.22 -1.64 -11.46
CA ILE E 397 22.87 -3.04 -11.24
C ILE E 397 22.01 -3.18 -10.00
N THR E 398 22.35 -2.45 -8.93
CA THR E 398 21.54 -2.52 -7.72
C THR E 398 20.11 -2.02 -7.97
N MET E 399 19.94 -1.08 -8.89
CA MET E 399 18.60 -0.58 -9.17
C MET E 399 17.71 -1.65 -9.79
N GLY E 400 18.25 -2.76 -10.24
CA GLY E 400 17.45 -3.74 -10.96
C GLY E 400 16.52 -4.56 -10.10
N GLY E 401 16.63 -4.47 -8.78
CA GLY E 401 15.75 -5.20 -7.90
C GLY E 401 16.24 -6.56 -7.48
N TYR E 402 17.29 -7.08 -8.10
CA TYR E 402 17.86 -8.33 -7.66
C TYR E 402 18.53 -8.14 -6.31
N GLY E 403 18.57 -9.20 -5.52
CA GLY E 403 19.15 -9.11 -4.20
C GLY E 403 20.66 -9.32 -4.21
N LEU E 404 21.30 -8.96 -5.30
CA LEU E 404 22.72 -9.25 -5.44
C LEU E 404 23.53 -8.48 -4.41
N PRO E 405 24.44 -9.12 -3.68
CA PRO E 405 25.34 -8.38 -2.80
C PRO E 405 26.29 -7.51 -3.60
N SER E 406 26.96 -6.59 -2.88
CA SER E 406 27.93 -5.73 -3.54
C SER E 406 29.08 -6.55 -4.11
N LYS E 407 29.57 -7.54 -3.36
CA LYS E 407 30.68 -8.34 -3.85
C LYS E 407 30.31 -9.07 -5.14
N THR E 408 29.09 -9.59 -5.21
CA THR E 408 28.65 -10.26 -6.42
C THR E 408 28.63 -9.31 -7.61
N ILE E 409 28.12 -8.09 -7.40
CA ILE E 409 28.07 -7.12 -8.49
C ILE E 409 29.47 -6.76 -8.94
N LYS E 410 30.39 -6.56 -7.99
CA LYS E 410 31.76 -6.24 -8.35
C LYS E 410 32.40 -7.38 -9.12
N GLU E 411 32.14 -8.62 -8.72
CA GLU E 411 32.66 -9.77 -9.46
C GLU E 411 32.10 -9.82 -10.87
N MET E 412 30.80 -9.53 -11.02
CA MET E 412 30.20 -9.50 -12.34
C MET E 412 30.84 -8.42 -13.20
N ILE E 413 31.08 -7.24 -12.63
CA ILE E 413 31.69 -6.16 -13.39
C ILE E 413 33.10 -6.55 -13.81
N VAL E 414 33.87 -7.14 -12.91
CA VAL E 414 35.24 -7.53 -13.24
C VAL E 414 35.24 -8.58 -14.34
N GLY E 415 34.37 -9.58 -14.23
CA GLY E 415 34.34 -10.64 -15.22
C GLY E 415 33.75 -10.21 -16.55
N SER E 416 32.96 -9.14 -16.57
CA SER E 416 32.30 -8.71 -17.79
C SER E 416 33.10 -7.64 -18.53
N VAL E 417 33.32 -6.51 -17.88
CA VAL E 417 33.96 -5.37 -18.53
C VAL E 417 35.44 -5.65 -18.70
N ASP E 418 35.98 -5.26 -19.85
CA ASP E 418 37.39 -5.46 -20.17
C ASP E 418 38.15 -4.14 -20.21
N VAL E 419 37.60 -3.14 -20.87
CA VAL E 419 38.26 -1.85 -21.06
C VAL E 419 37.24 -0.74 -20.86
N ILE E 420 37.69 0.36 -20.26
CA ILE E 420 36.87 1.55 -20.08
C ILE E 420 37.60 2.71 -20.75
N ILE E 421 36.89 3.45 -21.57
CA ILE E 421 37.42 4.61 -22.27
C ILE E 421 36.73 5.83 -21.70
N GLN E 422 37.51 6.69 -21.04
CA GLN E 422 36.99 7.91 -20.44
C GLN E 422 37.36 9.06 -21.35
N ALA E 423 36.34 9.67 -21.95
CA ALA E 423 36.48 10.86 -22.77
C ALA E 423 35.91 12.04 -22.01
N ALA E 424 36.68 13.12 -21.92
CA ALA E 424 36.28 14.29 -21.15
C ALA E 424 36.35 15.53 -22.03
N ARG E 425 35.50 16.50 -21.69
CA ARG E 425 35.53 17.82 -22.30
C ARG E 425 36.25 18.76 -21.37
N LEU E 426 37.31 19.40 -21.86
CA LEU E 426 38.15 20.22 -21.02
C LEU E 426 37.61 21.65 -20.96
N ARG E 427 38.31 22.50 -20.19
CA ARG E 427 37.82 23.85 -19.94
C ARG E 427 37.61 24.61 -21.25
N ASP E 428 38.56 24.52 -22.16
CA ASP E 428 38.52 25.29 -23.39
C ASP E 428 37.57 24.71 -24.43
N GLY E 429 36.71 23.78 -24.05
CA GLY E 429 35.80 23.17 -24.98
C GLY E 429 36.40 22.05 -25.82
N SER E 430 37.66 21.70 -25.58
CA SER E 430 38.29 20.62 -26.31
C SER E 430 37.81 19.28 -25.77
N ARG E 431 37.64 18.32 -26.68
CA ARG E 431 37.31 16.95 -26.32
C ARG E 431 38.60 16.12 -26.30
N ARG E 432 38.75 15.30 -25.28
CA ARG E 432 39.95 14.48 -25.13
C ARG E 432 39.57 13.12 -24.59
N ILE E 433 40.24 12.08 -25.09
CA ILE E 433 40.11 10.75 -24.53
C ILE E 433 41.06 10.63 -23.36
N THR E 434 40.56 10.97 -22.16
CA THR E 434 41.45 11.09 -21.02
C THR E 434 42.08 9.75 -20.65
N HIS E 435 41.29 8.68 -20.66
CA HIS E 435 41.79 7.40 -20.17
C HIS E 435 41.39 6.26 -21.09
N ILE E 436 42.28 5.30 -21.23
CA ILE E 436 41.98 3.96 -21.74
C ILE E 436 42.53 3.01 -20.69
N THR E 437 41.64 2.41 -19.91
CA THR E 437 42.04 1.71 -18.69
C THR E 437 41.37 0.34 -18.64
N GLU E 438 42.13 -0.69 -18.32
CA GLU E 438 41.55 -2.02 -18.20
C GLU E 438 40.98 -2.22 -16.80
N VAL E 439 40.20 -3.28 -16.65
CA VAL E 439 39.68 -3.70 -15.36
C VAL E 439 40.49 -4.93 -14.96
N VAL E 440 41.56 -4.70 -14.19
CA VAL E 440 42.51 -5.76 -13.91
C VAL E 440 41.85 -6.87 -13.09
N GLY E 441 41.12 -6.51 -12.04
CA GLY E 441 40.49 -7.53 -11.23
C GLY E 441 39.81 -6.97 -10.02
N LEU E 442 39.67 -7.81 -9.00
CA LEU E 442 39.02 -7.43 -7.74
C LEU E 442 39.91 -7.87 -6.59
N GLU E 443 40.13 -6.96 -5.63
CA GLU E 443 40.92 -7.25 -4.43
C GLU E 443 40.01 -6.98 -3.23
N GLY E 444 39.42 -8.03 -2.70
CA GLY E 444 38.65 -7.94 -1.47
C GLY E 444 37.37 -7.18 -1.68
N ASP E 445 37.50 -5.86 -1.89
CA ASP E 445 36.35 -5.00 -2.07
C ASP E 445 36.59 -4.08 -3.26
N VAL E 446 37.84 -3.76 -3.55
CA VAL E 446 38.18 -2.69 -4.48
C VAL E 446 38.46 -3.30 -5.85
N ILE E 447 37.83 -2.74 -6.88
CA ILE E 447 38.11 -3.15 -8.24
C ILE E 447 39.39 -2.47 -8.69
N VAL E 448 40.36 -3.26 -9.14
CA VAL E 448 41.67 -2.76 -9.53
C VAL E 448 41.70 -2.60 -11.03
N THR E 449 42.00 -1.38 -11.48
CA THR E 449 42.10 -1.03 -12.88
C THR E 449 43.48 -0.45 -13.14
N GLN E 450 43.99 -0.65 -14.36
CA GLN E 450 45.27 -0.11 -14.78
C GLN E 450 45.08 0.71 -16.05
N ASP E 451 45.59 1.94 -16.04
CA ASP E 451 45.42 2.85 -17.17
C ASP E 451 46.47 2.53 -18.22
N LEU E 452 46.05 1.91 -19.32
CA LEU E 452 46.96 1.72 -20.43
C LEU E 452 47.37 3.04 -21.05
N PHE E 453 46.41 3.95 -21.23
CA PHE E 453 46.63 5.20 -21.93
C PHE E 453 46.07 6.33 -21.08
N VAL E 454 46.84 7.40 -20.90
CA VAL E 454 46.40 8.53 -20.10
C VAL E 454 46.65 9.82 -20.87
N TYR E 455 45.90 10.84 -20.50
CA TYR E 455 46.10 12.19 -21.01
C TYR E 455 46.53 13.08 -19.85
N GLU E 456 47.70 13.70 -19.99
CA GLU E 456 48.28 14.51 -18.93
C GLU E 456 48.27 15.97 -19.35
N ILE E 457 47.69 16.82 -18.51
CA ILE E 457 47.65 18.26 -18.76
C ILE E 457 48.86 18.89 -18.11
N THR E 458 49.69 19.54 -18.92
CA THR E 458 50.90 20.20 -18.43
C THR E 458 50.67 21.65 -18.09
N GLY E 459 49.47 22.18 -18.31
CA GLY E 459 49.18 23.58 -18.05
C GLY E 459 48.25 24.16 -19.09
N GLU E 460 48.32 25.47 -19.28
CA GLU E 460 47.50 26.15 -20.28
C GLU E 460 48.35 27.17 -21.01
N ASP E 461 48.14 27.27 -22.32
CA ASP E 461 48.86 28.23 -23.13
C ASP E 461 48.30 29.64 -22.90
N GLU E 462 49.08 30.64 -23.32
CA GLU E 462 48.64 32.02 -23.17
C GLU E 462 47.32 32.30 -23.86
N HIS E 463 46.98 31.52 -24.90
CA HIS E 463 45.68 31.65 -25.53
C HIS E 463 44.55 31.13 -24.66
N GLY E 464 44.87 30.48 -23.54
CA GLY E 464 43.88 29.90 -22.66
C GLY E 464 43.55 28.45 -22.93
N LYS E 465 44.04 27.89 -24.04
CA LYS E 465 43.78 26.49 -24.33
C LYS E 465 44.63 25.60 -23.43
N VAL E 466 44.03 24.48 -23.01
CA VAL E 466 44.75 23.52 -22.18
C VAL E 466 45.74 22.76 -23.04
N VAL E 467 46.97 22.63 -22.55
CA VAL E 467 48.04 21.92 -23.24
C VAL E 467 48.27 20.61 -22.51
N GLY E 468 48.32 19.51 -23.28
CA GLY E 468 48.53 18.21 -22.69
C GLY E 468 49.00 17.23 -23.74
N LYS E 469 49.36 16.04 -23.28
CA LYS E 469 49.87 15.00 -24.15
C LYS E 469 49.29 13.65 -23.75
N HIS E 470 49.17 12.76 -24.73
CA HIS E 470 48.72 11.40 -24.52
C HIS E 470 49.93 10.50 -24.31
N ARG E 471 49.96 9.81 -23.17
CA ARG E 471 51.10 9.02 -22.76
C ARG E 471 50.66 7.59 -22.49
N SER E 472 51.45 6.63 -22.96
CA SER E 472 51.23 5.23 -22.64
C SER E 472 51.84 4.92 -21.29
N THR E 473 51.09 4.25 -20.43
CA THR E 473 51.58 3.93 -19.10
C THR E 473 52.74 2.97 -19.10
N GLY E 474 53.03 2.33 -20.24
CA GLY E 474 54.13 1.40 -20.33
C GLY E 474 53.76 -0.03 -20.02
N ILE E 475 52.49 -0.32 -19.78
CA ILE E 475 52.06 -1.70 -19.55
C ILE E 475 52.21 -2.47 -20.85
N ALA E 476 53.20 -3.37 -20.91
CA ALA E 476 53.52 -4.04 -22.17
C ALA E 476 52.49 -5.10 -22.53
N ARG E 477 51.86 -5.74 -21.53
CA ARG E 477 50.94 -6.84 -21.75
C ARG E 477 49.58 -6.49 -21.15
N PRO E 478 48.70 -5.84 -21.91
CA PRO E 478 47.36 -5.56 -21.41
C PRO E 478 46.62 -6.85 -21.08
N ARG E 479 45.70 -6.75 -20.12
CA ARG E 479 44.92 -7.92 -19.72
C ARG E 479 44.25 -8.58 -20.91
N PHE E 480 43.83 -7.79 -21.89
CA PHE E 480 43.21 -8.32 -23.10
C PHE E 480 44.23 -8.69 -24.16
N TRP E 481 45.49 -8.89 -23.78
CA TRP E 481 46.52 -9.22 -24.75
C TRP E 481 46.22 -10.54 -25.44
N ASP E 482 45.73 -11.53 -24.69
CA ASP E 482 45.44 -12.83 -25.28
C ASP E 482 44.39 -12.70 -26.37
N ARG E 483 43.35 -11.91 -26.12
CA ARG E 483 42.30 -11.75 -27.13
C ARG E 483 42.86 -11.10 -28.38
N ALA E 484 43.73 -10.10 -28.22
CA ALA E 484 44.34 -9.47 -29.39
C ALA E 484 45.18 -10.48 -30.16
N ARG E 485 45.93 -11.33 -29.44
CA ARG E 485 46.75 -12.33 -30.11
C ARG E 485 45.87 -13.30 -30.89
N TYR E 486 44.73 -13.69 -30.32
CA TYR E 486 43.86 -14.62 -31.01
C TYR E 486 43.42 -14.09 -32.37
N TYR E 487 43.28 -12.77 -32.50
CA TYR E 487 42.90 -12.16 -33.77
C TYR E 487 44.11 -11.76 -34.60
N GLY E 488 45.32 -12.04 -34.13
CA GLY E 488 46.50 -11.66 -34.88
C GLY E 488 46.80 -10.18 -34.86
N LEU E 489 46.28 -9.45 -33.87
CA LEU E 489 46.51 -8.02 -33.76
C LEU E 489 47.50 -7.66 -32.66
N GLU E 490 47.93 -8.63 -31.85
CA GLU E 490 48.75 -8.31 -30.70
C GLU E 490 50.01 -7.56 -31.10
N ARG E 491 50.56 -7.85 -32.28
CA ARG E 491 51.77 -7.15 -32.70
C ARG E 491 51.50 -5.67 -32.92
N GLU E 492 50.37 -5.33 -33.54
CA GLU E 492 50.00 -3.93 -33.67
C GLU E 492 49.81 -3.28 -32.31
N LEU E 493 49.18 -4.00 -31.38
CA LEU E 493 48.98 -3.48 -30.04
C LEU E 493 50.31 -3.15 -29.39
N ALA E 494 51.25 -4.09 -29.43
CA ALA E 494 52.55 -3.85 -28.80
C ALA E 494 53.28 -2.70 -29.48
N GLU E 495 53.23 -2.65 -30.81
CA GLU E 495 53.90 -1.57 -31.52
C GLU E 495 53.33 -0.21 -31.12
N ALA E 496 52.01 -0.10 -31.09
CA ALA E 496 51.38 1.18 -30.74
C ALA E 496 51.70 1.56 -29.30
N LEU E 497 51.60 0.60 -28.37
CA LEU E 497 51.89 0.92 -26.98
C LEU E 497 53.33 1.35 -26.79
N ASP E 498 54.27 0.68 -27.47
CA ASP E 498 55.66 1.10 -27.38
C ASP E 498 55.86 2.48 -27.97
N ALA E 499 55.25 2.76 -29.13
CA ALA E 499 55.45 4.06 -29.75
C ALA E 499 54.90 5.18 -28.87
N ALA E 500 53.72 4.98 -28.28
CA ALA E 500 53.18 5.99 -27.38
C ALA E 500 54.01 6.14 -26.11
N GLU E 501 54.77 5.12 -25.73
CA GLU E 501 55.57 5.16 -24.53
C GLU E 501 56.57 6.31 -24.59
N ASP F 80 12.48 -12.15 -65.03
CA ASP F 80 11.54 -11.03 -64.95
C ASP F 80 10.13 -11.48 -65.31
N TYR F 81 10.04 -12.29 -66.38
CA TYR F 81 8.74 -12.79 -66.81
C TYR F 81 8.09 -13.61 -65.71
N TYR F 82 8.86 -14.46 -65.05
CA TYR F 82 8.32 -15.26 -63.95
C TYR F 82 7.82 -14.37 -62.82
N HIS F 83 8.57 -13.33 -62.47
CA HIS F 83 8.14 -12.44 -61.39
C HIS F 83 6.85 -11.72 -61.75
N ALA F 84 6.75 -11.21 -62.98
CA ALA F 84 5.53 -10.52 -63.40
C ALA F 84 4.34 -11.48 -63.41
N THR F 85 4.55 -12.70 -63.91
CA THR F 85 3.48 -13.69 -63.93
C THR F 85 3.02 -14.01 -62.52
N LYS F 86 3.98 -14.17 -61.60
CA LYS F 86 3.64 -14.47 -60.22
C LYS F 86 2.85 -13.33 -59.60
N THR F 87 3.28 -12.09 -59.85
CA THR F 87 2.57 -10.95 -59.29
C THR F 87 1.15 -10.87 -59.82
N THR F 88 0.98 -11.06 -61.13
CA THR F 88 -0.35 -11.02 -61.72
C THR F 88 -1.23 -12.14 -61.16
N ILE F 89 -0.66 -13.34 -61.03
CA ILE F 89 -1.44 -14.47 -60.52
C ILE F 89 -1.85 -14.22 -59.09
N PHE F 90 -0.93 -13.70 -58.27
CA PHE F 90 -1.27 -13.41 -56.88
C PHE F 90 -2.36 -12.35 -56.79
N ASN F 91 -2.25 -11.30 -57.60
CA ASN F 91 -3.29 -10.27 -57.60
C ASN F 91 -4.63 -10.84 -58.00
N ALA F 92 -4.66 -11.68 -59.04
CA ALA F 92 -5.91 -12.29 -59.48
C ALA F 92 -6.49 -13.18 -58.40
N LEU F 93 -5.64 -13.99 -57.74
CA LEU F 93 -6.13 -14.85 -56.68
C LEU F 93 -6.70 -14.04 -55.52
N LEU F 94 -6.00 -12.96 -55.14
CA LEU F 94 -6.51 -12.11 -54.07
C LEU F 94 -7.86 -11.50 -54.44
N ASN F 95 -7.99 -11.03 -55.69
CA ASN F 95 -9.27 -10.52 -56.16
C ASN F 95 -10.33 -11.62 -56.23
N THR F 96 -9.92 -12.88 -56.34
CA THR F 96 -10.85 -13.99 -56.48
C THR F 96 -11.34 -14.53 -55.14
N ILE F 97 -10.43 -14.69 -54.18
CA ILE F 97 -10.77 -15.26 -52.87
C ILE F 97 -10.33 -14.27 -51.80
N ASP F 98 -11.24 -13.97 -50.88
CA ASP F 98 -10.94 -13.08 -49.78
C ASP F 98 -10.10 -13.79 -48.73
N LEU F 99 -9.38 -13.00 -47.93
CA LEU F 99 -8.54 -13.57 -46.89
C LEU F 99 -9.36 -14.34 -45.87
N SER F 100 -10.51 -13.80 -45.47
CA SER F 100 -11.36 -14.49 -44.51
C SER F 100 -11.87 -15.80 -45.07
N GLN F 101 -12.22 -15.83 -46.36
CA GLN F 101 -12.71 -17.07 -46.96
C GLN F 101 -11.64 -18.16 -46.89
N LEU F 102 -10.40 -17.82 -47.23
CA LEU F 102 -9.32 -18.79 -47.11
C LEU F 102 -9.09 -19.20 -45.66
N ALA F 103 -9.15 -18.23 -44.74
CA ALA F 103 -8.96 -18.55 -43.32
C ALA F 103 -10.01 -19.53 -42.84
N GLN F 104 -11.23 -19.45 -43.38
CA GLN F 104 -12.26 -20.41 -43.00
C GLN F 104 -11.86 -21.82 -43.38
N LEU F 105 -11.30 -22.00 -44.57
CA LEU F 105 -10.84 -23.32 -44.99
C LEU F 105 -9.64 -23.76 -44.15
N ASP F 106 -9.58 -25.07 -43.90
CA ASP F 106 -8.50 -25.63 -43.10
C ASP F 106 -7.18 -25.50 -43.85
N LEU F 107 -6.10 -25.91 -43.18
CA LEU F 107 -4.77 -25.80 -43.78
C LEU F 107 -4.66 -26.65 -45.05
N LYS F 108 -5.41 -27.75 -45.13
CA LYS F 108 -5.37 -28.63 -46.29
C LYS F 108 -6.40 -28.24 -47.35
N GLN F 109 -7.64 -27.99 -46.94
CA GLN F 109 -8.67 -27.62 -47.91
C GLN F 109 -8.32 -26.33 -48.63
N ALA F 110 -7.79 -25.34 -47.89
CA ALA F 110 -7.44 -24.08 -48.50
C ALA F 110 -6.40 -24.27 -49.59
N GLY F 111 -5.36 -25.07 -49.32
CA GLY F 111 -4.33 -25.31 -50.32
C GLY F 111 -4.86 -26.06 -51.53
N GLU F 112 -5.71 -27.07 -51.30
CA GLU F 112 -6.28 -27.81 -52.41
C GLU F 112 -7.10 -26.91 -53.31
N GLU F 113 -7.94 -26.05 -52.71
CA GLU F 113 -8.72 -25.11 -53.51
C GLU F 113 -7.82 -24.12 -54.22
N ILE F 114 -6.78 -23.65 -53.54
CA ILE F 114 -5.91 -22.62 -54.11
C ILE F 114 -5.15 -23.17 -55.31
N ARG F 115 -4.77 -24.45 -55.26
CA ARG F 115 -4.07 -25.04 -56.40
C ARG F 115 -4.92 -24.91 -57.67
N ASP F 116 -6.17 -25.35 -57.61
CA ASP F 116 -7.05 -25.26 -58.76
C ASP F 116 -7.33 -23.82 -59.13
N ILE F 117 -7.51 -22.94 -58.13
CA ILE F 117 -7.78 -21.55 -58.42
C ILE F 117 -6.63 -20.91 -59.18
N VAL F 118 -5.40 -21.20 -58.75
CA VAL F 118 -4.22 -20.63 -59.42
C VAL F 118 -4.06 -21.22 -60.81
N ALA F 119 -4.33 -22.52 -60.97
CA ALA F 119 -4.25 -23.11 -62.30
C ALA F 119 -5.25 -22.45 -63.24
N GLU F 120 -6.49 -22.25 -62.78
CA GLU F 120 -7.49 -21.59 -63.60
C GLU F 120 -7.10 -20.16 -63.92
N LEU F 121 -6.55 -19.44 -62.94
CA LEU F 121 -6.13 -18.06 -63.17
C LEU F 121 -5.01 -18.01 -64.21
N VAL F 122 -4.06 -18.94 -64.12
CA VAL F 122 -2.97 -18.98 -65.11
C VAL F 122 -3.53 -19.28 -66.48
N ALA F 123 -4.47 -20.23 -66.58
CA ALA F 123 -5.07 -20.52 -67.87
C ALA F 123 -5.79 -19.32 -68.45
N ILE F 124 -6.53 -18.59 -67.60
CA ILE F 124 -7.25 -17.40 -68.07
C ILE F 124 -6.26 -16.34 -68.55
N LYS F 125 -5.20 -16.12 -67.78
CA LYS F 125 -4.20 -15.13 -68.15
C LYS F 125 -3.42 -15.53 -69.39
N ASN F 126 -3.51 -16.79 -69.82
CA ASN F 126 -2.82 -17.27 -71.01
C ASN F 126 -1.32 -16.99 -70.92
N VAL F 127 -0.75 -17.28 -69.75
CA VAL F 127 0.68 -17.11 -69.51
C VAL F 127 1.38 -18.40 -69.91
N SER F 128 2.34 -18.28 -70.84
CA SER F 128 3.08 -19.45 -71.33
C SER F 128 4.23 -19.75 -70.38
N MET F 129 4.25 -20.96 -69.84
CA MET F 129 5.30 -21.39 -68.94
C MET F 129 5.33 -22.91 -68.94
N SER F 130 6.47 -23.46 -68.50
CA SER F 130 6.62 -24.90 -68.44
C SER F 130 5.80 -25.48 -67.29
N VAL F 131 5.58 -26.80 -67.35
CA VAL F 131 4.83 -27.46 -66.30
C VAL F 131 5.54 -27.31 -64.96
N ALA F 132 6.87 -27.48 -64.95
CA ALA F 132 7.64 -27.27 -63.73
C ALA F 132 7.52 -25.82 -63.27
N GLU F 133 7.58 -24.87 -64.21
CA GLU F 133 7.42 -23.47 -63.84
C GLU F 133 6.06 -23.21 -63.23
N GLN F 134 5.01 -23.78 -63.82
CA GLN F 134 3.66 -23.59 -63.28
C GLN F 134 3.55 -24.20 -61.87
N GLU F 135 4.11 -25.40 -61.68
CA GLU F 135 4.05 -26.01 -60.36
C GLU F 135 4.81 -25.19 -59.33
N HIS F 136 5.99 -24.68 -59.71
CA HIS F 136 6.74 -23.83 -58.80
C HIS F 136 5.99 -22.56 -58.46
N LEU F 137 5.36 -21.93 -59.45
CA LEU F 137 4.58 -20.72 -59.20
C LEU F 137 3.41 -21.01 -58.26
N VAL F 138 2.72 -22.13 -58.48
CA VAL F 138 1.59 -22.48 -57.62
C VAL F 138 2.08 -22.72 -56.19
N GLN F 139 3.18 -23.45 -56.04
CA GLN F 139 3.71 -23.71 -54.70
C GLN F 139 4.13 -22.41 -54.02
N ASP F 140 4.78 -21.52 -54.75
CA ASP F 140 5.19 -20.25 -54.17
C ASP F 140 3.99 -19.42 -53.76
N ILE F 141 2.94 -19.40 -54.59
CA ILE F 141 1.74 -18.65 -54.24
C ILE F 141 1.11 -19.21 -52.98
N ILE F 142 1.03 -20.54 -52.89
CA ILE F 142 0.47 -21.17 -51.70
C ILE F 142 1.30 -20.81 -50.47
N ASN F 143 2.62 -20.88 -50.60
CA ASN F 143 3.49 -20.59 -49.46
C ASN F 143 3.35 -19.14 -49.01
N ASP F 144 3.27 -18.21 -49.97
CA ASP F 144 3.22 -16.79 -49.65
C ASP F 144 1.81 -16.30 -49.35
N VAL F 145 0.80 -17.14 -49.50
CA VAL F 145 -0.57 -16.75 -49.25
C VAL F 145 -1.06 -17.27 -47.89
N LEU F 146 -0.87 -18.59 -47.64
CA LEU F 146 -1.14 -19.20 -46.32
C LEU F 146 0.10 -19.67 -45.58
N GLY F 147 1.20 -19.94 -46.28
CA GLY F 147 2.39 -20.50 -45.66
C GLY F 147 3.28 -19.44 -45.05
N TYR F 148 4.57 -19.75 -44.99
CA TYR F 148 5.56 -18.84 -44.41
C TYR F 148 6.33 -18.05 -45.47
N GLY F 149 5.88 -18.09 -46.72
CA GLY F 149 6.47 -17.28 -47.76
C GLY F 149 7.89 -17.70 -48.08
N PRO F 150 8.76 -16.72 -48.35
CA PRO F 150 10.14 -17.07 -48.78
C PRO F 150 10.91 -17.90 -47.78
N LEU F 151 10.55 -17.85 -46.50
CA LEU F 151 11.23 -18.67 -45.50
C LEU F 151 11.00 -20.16 -45.72
N GLU F 152 9.93 -20.54 -46.41
CA GLU F 152 9.58 -21.95 -46.53
C GLU F 152 10.74 -22.81 -47.03
N PRO F 153 11.43 -22.45 -48.11
CA PRO F 153 12.62 -23.25 -48.47
C PRO F 153 13.67 -23.28 -47.37
N LEU F 154 13.97 -22.13 -46.77
CA LEU F 154 15.01 -22.08 -45.75
C LEU F 154 14.66 -22.99 -44.58
N LEU F 155 13.41 -22.93 -44.12
CA LEU F 155 13.00 -23.83 -43.05
C LEU F 155 13.09 -25.28 -43.52
N ALA F 156 12.79 -25.53 -44.79
CA ALA F 156 12.87 -26.89 -45.31
C ALA F 156 14.29 -27.42 -45.24
N ARG F 157 15.27 -26.59 -45.58
CA ARG F 157 16.66 -27.02 -45.57
C ARG F 157 17.07 -27.40 -44.15
N ASP F 158 17.94 -28.41 -44.06
CA ASP F 158 18.41 -28.91 -42.76
C ASP F 158 19.80 -28.42 -42.41
N ASP F 159 20.64 -28.14 -43.41
CA ASP F 159 21.97 -27.59 -43.12
C ASP F 159 21.86 -26.25 -42.42
N ILE F 160 20.92 -25.41 -42.85
CA ILE F 160 20.72 -24.13 -42.20
C ILE F 160 20.38 -24.36 -40.74
N ALA F 161 21.06 -23.64 -39.86
CA ALA F 161 20.83 -23.74 -38.42
C ALA F 161 19.99 -22.59 -37.89
N ASP F 162 20.31 -21.37 -38.26
CA ASP F 162 19.60 -20.18 -37.82
C ASP F 162 19.21 -19.34 -39.02
N ILE F 163 18.09 -18.64 -38.90
CA ILE F 163 17.61 -17.72 -39.91
C ILE F 163 17.37 -16.38 -39.24
N MET F 164 17.95 -15.32 -39.80
CA MET F 164 17.85 -13.99 -39.22
C MET F 164 17.37 -13.04 -40.31
N VAL F 165 16.13 -12.58 -40.20
CA VAL F 165 15.55 -11.65 -41.14
C VAL F 165 15.55 -10.27 -40.47
N ASN F 166 16.36 -9.36 -41.00
CA ASN F 166 16.44 -7.99 -40.50
C ASN F 166 15.71 -7.10 -41.50
N GLY F 167 14.41 -6.94 -41.28
CA GLY F 167 13.59 -6.23 -42.22
C GLY F 167 13.23 -7.10 -43.41
N ALA F 168 12.50 -6.51 -44.33
CA ALA F 168 11.96 -7.26 -45.45
C ALA F 168 12.99 -7.59 -46.52
N HIS F 169 14.17 -6.98 -46.48
CA HIS F 169 15.13 -7.08 -47.57
C HIS F 169 16.42 -7.82 -47.22
N ARG F 170 16.73 -8.01 -45.95
CA ARG F 170 17.97 -8.65 -45.53
C ARG F 170 17.65 -9.94 -44.81
N VAL F 171 18.16 -11.06 -45.33
CA VAL F 171 17.94 -12.37 -44.75
C VAL F 171 19.28 -13.10 -44.70
N PHE F 172 19.72 -13.45 -43.51
CA PHE F 172 20.95 -14.20 -43.29
C PHE F 172 20.62 -15.60 -42.79
N ILE F 173 21.50 -16.55 -43.10
CA ILE F 173 21.34 -17.93 -42.68
C ILE F 173 22.67 -18.41 -42.12
N GLU F 174 22.60 -19.13 -41.01
CA GLU F 174 23.80 -19.69 -40.39
C GLU F 174 24.02 -21.08 -40.95
N VAL F 175 24.96 -21.20 -41.88
CA VAL F 175 25.29 -22.47 -42.51
C VAL F 175 26.72 -22.83 -42.12
N GLY F 176 26.91 -24.10 -41.76
CA GLY F 176 28.25 -24.55 -41.41
C GLY F 176 28.89 -23.76 -40.30
N GLY F 177 28.08 -23.17 -39.42
CA GLY F 177 28.61 -22.40 -38.31
C GLY F 177 28.97 -20.96 -38.65
N LYS F 178 28.72 -20.50 -39.87
CA LYS F 178 29.01 -19.13 -40.25
C LYS F 178 27.77 -18.51 -40.87
N VAL F 179 27.58 -17.22 -40.62
CA VAL F 179 26.40 -16.50 -41.09
C VAL F 179 26.68 -15.96 -42.48
N GLN F 180 25.77 -16.23 -43.42
CA GLN F 180 25.90 -15.78 -44.79
C GLN F 180 24.65 -15.02 -45.20
N LEU F 181 24.84 -13.94 -45.95
CA LEU F 181 23.70 -13.24 -46.52
C LEU F 181 23.08 -14.08 -47.63
N THR F 182 21.79 -13.89 -47.84
CA THR F 182 21.04 -14.64 -48.84
C THR F 182 20.28 -13.67 -49.74
N ASN F 183 20.01 -14.12 -50.96
CA ASN F 183 19.21 -13.35 -51.90
C ASN F 183 17.73 -13.40 -51.59
N VAL F 184 17.31 -14.22 -50.62
CA VAL F 184 15.90 -14.29 -50.27
C VAL F 184 15.44 -12.94 -49.75
N ARG F 185 14.34 -12.45 -50.30
CA ARG F 185 13.78 -11.17 -49.90
C ARG F 185 12.27 -11.29 -49.78
N PHE F 186 11.69 -10.44 -48.95
CA PHE F 186 10.26 -10.37 -48.79
C PHE F 186 9.68 -9.26 -49.67
N ARG F 187 8.38 -9.35 -49.92
CA ARG F 187 7.73 -8.32 -50.72
C ARG F 187 7.85 -6.96 -50.05
N ASP F 188 7.63 -6.90 -48.75
CA ASP F 188 7.72 -5.65 -48.00
C ASP F 188 7.55 -5.99 -46.52
N ASN F 189 7.67 -4.97 -45.67
CA ASN F 189 7.53 -5.19 -44.25
C ASN F 189 6.14 -5.70 -43.88
N LEU F 190 5.13 -5.45 -44.70
CA LEU F 190 3.79 -5.95 -44.40
C LEU F 190 3.74 -7.47 -44.52
N GLN F 191 4.26 -8.01 -45.63
CA GLN F 191 4.29 -9.45 -45.79
C GLN F 191 5.15 -10.08 -44.71
N LEU F 192 6.29 -9.48 -44.40
CA LEU F 192 7.16 -10.02 -43.36
C LEU F 192 6.44 -10.04 -42.02
N MET F 193 5.74 -8.97 -41.68
CA MET F 193 5.03 -8.93 -40.41
C MET F 193 3.92 -9.95 -40.38
N ASN F 194 3.21 -10.14 -41.49
CA ASN F 194 2.17 -11.17 -41.53
C ASN F 194 2.78 -12.54 -41.30
N ILE F 195 3.91 -12.83 -41.93
CA ILE F 195 4.55 -14.12 -41.77
C ILE F 195 4.99 -14.31 -40.32
N CYS F 196 5.56 -13.27 -39.72
CA CYS F 196 5.98 -13.36 -38.33
C CYS F 196 4.78 -13.63 -37.43
N GLN F 197 3.67 -12.93 -37.67
CA GLN F 197 2.49 -13.13 -36.85
C GLN F 197 1.96 -14.55 -36.99
N ARG F 198 1.97 -15.08 -38.21
CA ARG F 198 1.53 -16.47 -38.40
C ARG F 198 2.44 -17.43 -37.66
N ILE F 199 3.75 -17.21 -37.75
CA ILE F 199 4.69 -18.13 -37.12
C ILE F 199 4.50 -18.13 -35.61
N VAL F 200 4.32 -16.95 -35.02
CA VAL F 200 4.15 -16.91 -33.57
C VAL F 200 2.79 -17.48 -33.18
N SER F 201 1.74 -17.17 -33.94
CA SER F 201 0.42 -17.71 -33.62
C SER F 201 0.37 -19.21 -33.73
N GLN F 202 1.27 -19.81 -34.53
CA GLN F 202 1.34 -21.26 -34.58
C GLN F 202 1.44 -21.88 -33.20
N VAL F 203 1.84 -21.12 -32.18
CA VAL F 203 1.87 -21.61 -30.80
C VAL F 203 1.05 -20.69 -29.91
N GLY F 204 0.11 -19.96 -30.51
CA GLY F 204 -0.82 -19.15 -29.74
C GLY F 204 -0.30 -17.79 -29.32
N ARG F 205 0.93 -17.44 -29.66
CA ARG F 205 1.46 -16.13 -29.31
C ARG F 205 1.13 -15.12 -30.40
N ARG F 206 1.06 -13.85 -30.00
CA ARG F 206 0.71 -12.78 -30.90
C ARG F 206 1.71 -11.63 -30.75
N VAL F 207 2.12 -11.06 -31.88
CA VAL F 207 3.07 -9.95 -31.91
C VAL F 207 2.48 -8.84 -32.75
N ASP F 208 2.51 -7.62 -32.22
CA ASP F 208 2.01 -6.45 -32.93
C ASP F 208 2.52 -5.22 -32.20
N GLU F 209 2.09 -4.04 -32.66
CA GLU F 209 2.59 -2.81 -32.06
C GLU F 209 2.24 -2.71 -30.58
N SER F 210 1.14 -3.34 -30.16
CA SER F 210 0.81 -3.33 -28.74
C SER F 210 1.75 -4.23 -27.95
N SER F 211 2.16 -5.35 -28.55
CA SER F 211 3.11 -6.29 -27.94
C SER F 211 4.22 -6.55 -28.93
N PRO F 212 5.12 -5.58 -29.13
CA PRO F 212 6.09 -5.69 -30.21
C PRO F 212 7.04 -6.88 -30.07
N ILE F 213 7.43 -7.26 -28.87
CA ILE F 213 8.40 -8.32 -28.65
C ILE F 213 7.66 -9.63 -28.43
N CYS F 214 8.18 -10.70 -29.02
CA CYS F 214 7.56 -12.01 -28.83
C CYS F 214 8.60 -13.10 -29.00
N ASP F 215 8.86 -13.84 -27.92
CA ASP F 215 9.75 -14.99 -27.95
C ASP F 215 8.95 -16.24 -27.66
N ALA F 216 9.07 -17.25 -28.54
CA ALA F 216 8.29 -18.46 -28.43
C ALA F 216 9.17 -19.64 -28.81
N ARG F 217 8.73 -20.83 -28.44
CA ARG F 217 9.42 -22.07 -28.79
C ARG F 217 8.43 -22.95 -29.53
N LEU F 218 8.69 -23.20 -30.80
CA LEU F 218 7.81 -24.01 -31.61
C LEU F 218 7.82 -25.45 -31.10
N PRO F 219 6.77 -26.21 -31.39
CA PRO F 219 6.72 -27.59 -30.87
C PRO F 219 7.90 -28.44 -31.31
N ASP F 220 8.49 -28.16 -32.46
CA ASP F 220 9.65 -28.91 -32.93
C ASP F 220 10.95 -28.50 -32.25
N GLY F 221 10.88 -27.61 -31.26
CA GLY F 221 12.06 -27.19 -30.53
C GLY F 221 12.69 -25.91 -31.03
N SER F 222 12.37 -25.49 -32.24
CA SER F 222 12.93 -24.25 -32.77
C SER F 222 12.48 -23.08 -31.92
N ARG F 223 13.36 -22.09 -31.76
CA ARG F 223 13.06 -20.90 -31.00
C ARG F 223 12.87 -19.72 -31.95
N VAL F 224 11.76 -19.02 -31.81
CA VAL F 224 11.40 -17.94 -32.71
C VAL F 224 11.30 -16.65 -31.89
N ASN F 225 12.07 -15.64 -32.26
CA ASN F 225 12.04 -14.34 -31.63
C ASN F 225 11.64 -13.31 -32.68
N VAL F 226 10.71 -12.43 -32.32
CA VAL F 226 10.17 -11.44 -33.24
C VAL F 226 10.16 -10.08 -32.56
N ILE F 227 10.60 -9.06 -33.29
CA ILE F 227 10.56 -7.67 -32.84
C ILE F 227 9.79 -6.87 -33.89
N ALA F 228 8.87 -6.04 -33.42
CA ALA F 228 7.95 -5.32 -34.27
C ALA F 228 8.55 -4.00 -34.76
N PRO F 229 7.98 -3.42 -35.82
CA PRO F 229 8.56 -2.21 -36.41
C PRO F 229 8.70 -1.07 -35.41
N PRO F 230 7.74 -0.86 -34.50
CA PRO F 230 7.89 0.30 -33.60
C PRO F 230 9.19 0.27 -32.82
N LEU F 231 9.69 -0.91 -32.46
CA LEU F 231 10.98 -1.04 -31.80
C LEU F 231 12.10 -1.21 -32.81
N ALA F 232 11.92 -2.08 -33.79
CA ALA F 232 12.93 -2.30 -34.82
C ALA F 232 12.81 -1.21 -35.87
N LEU F 233 13.82 -0.34 -35.95
CA LEU F 233 13.75 0.78 -36.87
C LEU F 233 13.67 0.32 -38.31
N ASP F 234 14.48 -0.69 -38.67
CA ASP F 234 14.61 -1.13 -40.05
C ASP F 234 13.59 -2.19 -40.44
N GLY F 235 12.44 -2.22 -39.77
CA GLY F 235 11.41 -3.17 -40.08
C GLY F 235 11.37 -4.31 -39.08
N PRO F 236 10.35 -5.16 -39.18
CA PRO F 236 10.26 -6.29 -38.25
C PRO F 236 11.49 -7.18 -38.36
N THR F 237 11.95 -7.69 -37.23
CA THR F 237 13.10 -8.58 -37.20
C THR F 237 12.66 -9.95 -36.68
N LEU F 238 13.14 -10.99 -37.33
CA LEU F 238 12.76 -12.36 -37.00
C LEU F 238 14.02 -13.19 -36.84
N THR F 239 14.03 -14.08 -35.85
CA THR F 239 15.16 -14.96 -35.61
C THR F 239 14.63 -16.34 -35.30
N ILE F 240 14.93 -17.30 -36.16
CA ILE F 240 14.50 -18.67 -35.98
C ILE F 240 15.76 -19.50 -35.77
N ARG F 241 15.92 -20.03 -34.56
CA ARG F 241 17.04 -20.89 -34.22
C ARG F 241 16.54 -22.32 -34.18
N LYS F 242 16.89 -23.09 -35.20
CA LYS F 242 16.47 -24.48 -35.25
C LYS F 242 17.18 -25.28 -34.16
N PHE F 243 16.58 -26.40 -33.80
CA PHE F 243 17.02 -27.15 -32.62
C PHE F 243 18.34 -27.87 -32.93
N LYS F 244 19.41 -27.36 -32.33
CA LYS F 244 20.75 -27.95 -32.50
C LYS F 244 21.04 -28.74 -31.23
N LYS F 245 20.73 -30.04 -31.27
CA LYS F 245 20.69 -30.86 -30.06
C LYS F 245 22.07 -31.15 -29.49
N ASP F 246 23.02 -31.54 -30.34
CA ASP F 246 24.25 -32.15 -29.88
C ASP F 246 25.11 -31.23 -29.03
N LYS F 247 24.70 -29.99 -28.80
CA LYS F 247 25.45 -29.07 -27.96
C LYS F 247 25.05 -29.16 -26.49
N LEU F 248 24.01 -29.92 -26.16
CA LEU F 248 23.58 -30.08 -24.78
C LEU F 248 24.15 -31.32 -24.11
N THR F 249 25.09 -32.01 -24.76
CA THR F 249 25.57 -33.29 -24.26
C THR F 249 26.85 -33.10 -23.44
N MET F 250 27.06 -34.05 -22.52
CA MET F 250 28.29 -34.07 -21.73
C MET F 250 29.51 -34.32 -22.60
N LYS F 251 29.33 -34.86 -23.81
CA LYS F 251 30.47 -35.08 -24.69
C LYS F 251 31.23 -33.79 -24.93
N ASN F 252 30.51 -32.67 -25.07
CA ASN F 252 31.18 -31.39 -25.27
C ASN F 252 32.05 -31.05 -24.08
N LEU F 253 31.54 -31.23 -22.87
CA LEU F 253 32.36 -30.95 -21.69
C LEU F 253 33.57 -31.86 -21.64
N VAL F 254 33.39 -33.14 -21.96
CA VAL F 254 34.50 -34.07 -21.91
C VAL F 254 35.58 -33.68 -22.91
N GLU F 255 35.19 -33.32 -24.13
CA GLU F 255 36.17 -32.99 -25.15
C GLU F 255 36.82 -31.64 -24.88
N PHE F 256 36.08 -30.69 -24.34
CA PHE F 256 36.63 -29.38 -24.02
C PHE F 256 37.45 -29.38 -22.75
N ALA F 257 37.60 -30.53 -22.09
CA ALA F 257 38.37 -30.69 -20.86
C ALA F 257 37.72 -30.00 -19.68
N SER F 258 36.46 -29.58 -19.80
CA SER F 258 35.77 -29.02 -18.64
C SER F 258 35.68 -30.04 -17.52
N ILE F 259 35.62 -31.32 -17.85
CA ILE F 259 35.54 -32.39 -16.87
C ILE F 259 36.10 -33.64 -17.50
N SER F 260 36.92 -34.37 -16.74
CA SER F 260 37.50 -35.58 -17.24
C SER F 260 36.43 -36.65 -17.42
N PRO F 261 36.68 -37.66 -18.26
CA PRO F 261 35.64 -38.66 -18.51
C PRO F 261 35.13 -39.32 -17.24
N GLU F 262 36.01 -39.56 -16.26
CA GLU F 262 35.56 -40.11 -15.00
C GLU F 262 34.65 -39.13 -14.27
N GLY F 263 35.00 -37.85 -14.29
CA GLY F 263 34.11 -36.85 -13.73
C GLY F 263 32.77 -36.83 -14.45
N ALA F 264 32.79 -37.00 -15.77
CA ALA F 264 31.54 -37.05 -16.52
C ALA F 264 30.69 -38.23 -16.10
N ARG F 265 31.32 -39.40 -15.91
CA ARG F 265 30.57 -40.57 -15.46
C ARG F 265 29.97 -40.34 -14.08
N VAL F 266 30.76 -39.77 -13.17
CA VAL F 266 30.24 -39.51 -11.83
C VAL F 266 29.09 -38.52 -11.88
N LEU F 267 29.20 -37.51 -12.74
CA LEU F 267 28.12 -36.55 -12.89
C LEU F 267 26.87 -37.21 -13.45
N GLY F 268 27.03 -38.13 -14.40
CA GLY F 268 25.89 -38.88 -14.89
C GLY F 268 25.22 -39.68 -13.79
N VAL F 269 26.04 -40.33 -12.96
CA VAL F 269 25.49 -41.09 -11.83
C VAL F 269 24.73 -40.15 -10.90
N ILE F 270 25.30 -38.99 -10.60
CA ILE F 270 24.66 -38.05 -9.70
C ILE F 270 23.33 -37.59 -10.27
N GLY F 271 23.30 -37.30 -11.58
CA GLY F 271 22.06 -36.87 -12.18
C GLY F 271 21.00 -37.94 -12.18
N ALA F 272 21.38 -39.18 -12.51
CA ALA F 272 20.42 -40.27 -12.53
C ALA F 272 20.01 -40.72 -11.13
N CYS F 273 20.77 -40.35 -10.11
CA CYS F 273 20.48 -40.75 -8.74
C CYS F 273 19.49 -39.82 -8.06
N ARG F 274 18.99 -38.80 -8.75
CA ARG F 274 18.04 -37.86 -8.18
C ARG F 274 18.63 -37.13 -6.98
N CYS F 275 19.94 -36.98 -6.95
CA CYS F 275 20.58 -36.20 -5.89
C CYS F 275 20.23 -34.73 -6.05
N ASN F 276 19.96 -34.07 -4.94
CA ASN F 276 19.73 -32.63 -4.96
C ASN F 276 21.04 -31.93 -5.32
N LEU F 277 20.98 -31.06 -6.32
CA LEU F 277 22.17 -30.41 -6.85
C LEU F 277 22.08 -28.91 -6.67
N VAL F 278 23.24 -28.29 -6.47
CA VAL F 278 23.38 -26.85 -6.52
C VAL F 278 24.61 -26.57 -7.37
N ILE F 279 24.40 -26.01 -8.55
CA ILE F 279 25.49 -25.78 -9.51
C ILE F 279 25.92 -24.33 -9.30
N SER F 280 26.87 -24.12 -8.40
CA SER F 280 27.39 -22.79 -8.16
C SER F 280 28.50 -22.48 -9.16
N GLY F 281 28.67 -21.20 -9.45
CA GLY F 281 29.72 -20.79 -10.35
C GLY F 281 29.94 -19.31 -10.28
N GLY F 282 31.14 -18.90 -10.69
CA GLY F 282 31.47 -17.49 -10.77
C GLY F 282 30.93 -16.88 -12.03
N THR F 283 31.23 -15.60 -12.21
CA THR F 283 30.82 -14.90 -13.41
C THR F 283 31.52 -15.49 -14.63
N GLY F 284 30.76 -15.73 -15.68
CA GLY F 284 31.31 -16.28 -16.90
C GLY F 284 31.64 -17.75 -16.83
N SER F 285 31.25 -18.44 -15.77
CA SER F 285 31.52 -19.86 -15.64
C SER F 285 30.59 -20.71 -16.49
N GLY F 286 29.56 -20.12 -17.08
CA GLY F 286 28.66 -20.89 -17.91
C GLY F 286 27.96 -22.00 -17.15
N LYS F 287 27.48 -21.70 -15.94
CA LYS F 287 26.83 -22.73 -15.14
C LYS F 287 25.43 -23.05 -15.65
N THR F 288 24.85 -22.21 -16.51
CA THR F 288 23.57 -22.55 -17.10
C THR F 288 23.72 -23.65 -18.14
N THR F 289 24.79 -23.59 -18.94
CA THR F 289 25.08 -24.70 -19.83
C THR F 289 25.31 -25.98 -19.04
N LEU F 290 26.00 -25.87 -17.90
CA LEU F 290 26.20 -27.04 -17.07
C LEU F 290 24.88 -27.55 -16.51
N LEU F 291 23.97 -26.64 -16.17
CA LEU F 291 22.66 -27.08 -15.69
C LEU F 291 21.89 -27.81 -16.79
N ASN F 292 21.96 -27.31 -18.03
CA ASN F 292 21.37 -28.04 -19.14
C ASN F 292 21.98 -29.43 -19.26
N THR F 293 23.31 -29.51 -19.18
CA THR F 293 23.97 -30.80 -19.31
C THR F 293 23.51 -31.76 -18.22
N MET F 294 23.36 -31.25 -16.99
CA MET F 294 22.92 -32.11 -15.90
C MET F 294 21.47 -32.55 -16.10
N THR F 295 20.59 -31.63 -16.50
CA THR F 295 19.22 -32.01 -16.77
C THR F 295 19.11 -33.02 -17.89
N ALA F 296 20.14 -33.11 -18.72
CA ALA F 296 20.14 -34.15 -19.75
C ALA F 296 20.04 -35.55 -19.15
N PHE F 297 20.39 -35.73 -17.88
CA PHE F 297 20.38 -37.04 -17.24
C PHE F 297 19.05 -37.39 -16.59
N ILE F 298 18.12 -36.45 -16.50
CA ILE F 298 16.84 -36.72 -15.85
C ILE F 298 16.12 -37.84 -16.58
N ASP F 299 15.52 -38.75 -15.82
CA ASP F 299 14.74 -39.82 -16.42
C ASP F 299 13.55 -39.23 -17.17
N PRO F 300 13.24 -39.72 -18.37
CA PRO F 300 12.13 -39.12 -19.13
C PRO F 300 10.80 -39.15 -18.40
N THR F 301 10.55 -40.19 -17.60
CA THR F 301 9.25 -40.34 -16.95
C THR F 301 9.00 -39.28 -15.89
N GLU F 302 10.05 -38.69 -15.32
CA GLU F 302 9.88 -37.74 -14.24
C GLU F 302 9.22 -36.47 -14.73
N ARG F 303 8.32 -35.92 -13.92
CA ARG F 303 7.63 -34.67 -14.23
C ARG F 303 8.48 -33.52 -13.72
N VAL F 304 9.20 -32.89 -14.62
CA VAL F 304 10.11 -31.80 -14.25
C VAL F 304 9.38 -30.47 -14.39
N VAL F 305 9.75 -29.53 -13.54
CA VAL F 305 9.24 -28.17 -13.60
C VAL F 305 10.42 -27.21 -13.49
N THR F 306 10.54 -26.30 -14.45
CA THR F 306 11.67 -25.39 -14.52
C THR F 306 11.18 -23.97 -14.30
N CYS F 307 11.80 -23.27 -13.36
CA CYS F 307 11.54 -21.86 -13.13
C CYS F 307 12.74 -21.06 -13.57
N GLU F 308 12.52 -20.06 -14.41
CA GLU F 308 13.60 -19.25 -14.96
C GLU F 308 13.16 -17.80 -15.01
N ASP F 309 14.10 -16.88 -14.74
CA ASP F 309 13.80 -15.47 -14.92
C ASP F 309 13.63 -15.13 -16.39
N ALA F 310 14.45 -15.73 -17.25
CA ALA F 310 14.36 -15.54 -18.69
C ALA F 310 14.67 -16.90 -19.33
N ALA F 311 13.64 -17.57 -19.82
CA ALA F 311 13.75 -18.97 -20.23
C ALA F 311 14.95 -19.18 -21.14
N GLU F 312 15.86 -20.03 -20.69
CA GLU F 312 17.05 -20.37 -21.47
C GLU F 312 17.33 -21.86 -21.52
N LEU F 313 16.86 -22.64 -20.54
CA LEU F 313 17.04 -24.09 -20.59
C LEU F 313 16.19 -24.69 -21.69
N GLN F 314 16.63 -25.84 -22.19
CA GLN F 314 15.87 -26.60 -23.18
C GLN F 314 16.09 -28.08 -22.88
N LEU F 315 15.17 -28.64 -22.11
CA LEU F 315 15.27 -30.03 -21.70
C LEU F 315 14.68 -30.94 -22.77
N GLN F 316 15.35 -32.07 -22.99
CA GLN F 316 14.90 -33.05 -23.97
C GLN F 316 13.83 -33.99 -23.44
N GLN F 317 13.51 -33.93 -22.15
CA GLN F 317 12.50 -34.82 -21.61
C GLN F 317 11.11 -34.39 -22.08
N PRO F 318 10.17 -35.32 -22.17
CA PRO F 318 8.84 -35.00 -22.70
C PRO F 318 7.85 -34.46 -21.68
N HIS F 319 8.20 -34.46 -20.39
CA HIS F 319 7.27 -34.04 -19.35
C HIS F 319 7.80 -32.85 -18.57
N VAL F 320 8.29 -31.85 -19.27
CA VAL F 320 8.87 -30.67 -18.65
C VAL F 320 7.85 -29.54 -18.69
N VAL F 321 7.67 -28.87 -17.57
CA VAL F 321 6.79 -27.71 -17.45
C VAL F 321 7.68 -26.49 -17.28
N ARG F 322 7.52 -25.52 -18.17
CA ARG F 322 8.38 -24.35 -18.22
C ARG F 322 7.63 -23.15 -17.68
N LEU F 323 8.20 -22.49 -16.67
CA LEU F 323 7.61 -21.31 -16.07
C LEU F 323 8.60 -20.16 -16.15
N GLU F 324 8.08 -18.95 -16.05
CA GLU F 324 8.91 -17.75 -16.14
C GLU F 324 8.35 -16.68 -15.23
N THR F 325 9.22 -16.06 -14.45
CA THR F 325 8.81 -14.98 -13.57
C THR F 325 8.40 -13.76 -14.39
N ARG F 326 7.44 -13.00 -13.87
CA ARG F 326 6.98 -11.78 -14.49
C ARG F 326 7.50 -10.58 -13.72
N PRO F 327 8.32 -9.72 -14.30
CA PRO F 327 8.84 -8.59 -13.55
C PRO F 327 7.74 -7.60 -13.23
N PRO F 328 7.86 -6.83 -12.15
CA PRO F 328 6.85 -5.81 -11.86
C PRO F 328 6.76 -4.79 -12.98
N ASN F 329 5.54 -4.36 -13.27
CA ASN F 329 5.34 -3.32 -14.26
C ASN F 329 5.96 -2.01 -13.76
N LEU F 330 5.92 -0.98 -14.62
CA LEU F 330 6.54 0.29 -14.25
C LEU F 330 5.91 0.90 -13.01
N GLU F 331 4.71 0.47 -12.64
CA GLU F 331 4.07 0.91 -11.41
C GLU F 331 4.43 0.03 -10.22
N GLY F 332 5.30 -0.95 -10.40
CA GLY F 332 5.68 -1.84 -9.33
C GLY F 332 4.57 -2.75 -8.86
N SER F 333 3.80 -3.30 -9.79
CA SER F 333 2.69 -4.18 -9.45
C SER F 333 2.61 -5.33 -10.45
N GLY F 334 2.00 -6.43 -10.01
CA GLY F 334 1.81 -7.57 -10.87
C GLY F 334 2.99 -8.49 -10.99
N ALA F 335 4.03 -8.30 -10.20
CA ALA F 335 5.22 -9.14 -10.28
C ALA F 335 4.91 -10.54 -9.78
N VAL F 336 5.51 -11.53 -10.43
CA VAL F 336 5.45 -12.92 -9.99
C VAL F 336 6.90 -13.35 -9.76
N THR F 337 7.36 -13.22 -8.52
CA THR F 337 8.74 -13.50 -8.19
C THR F 337 9.03 -14.99 -8.28
N MET F 338 10.31 -15.32 -8.36
CA MET F 338 10.71 -16.72 -8.40
C MET F 338 10.21 -17.47 -7.18
N ARG F 339 10.13 -16.79 -6.04
CA ARG F 339 9.62 -17.45 -4.84
C ARG F 339 8.19 -17.91 -5.05
N ASP F 340 7.36 -17.07 -5.66
CA ASP F 340 5.98 -17.47 -5.94
C ASP F 340 5.95 -18.66 -6.90
N LEU F 341 6.81 -18.64 -7.92
CA LEU F 341 6.84 -19.75 -8.86
C LEU F 341 7.20 -21.05 -8.17
N VAL F 342 8.21 -21.02 -7.29
CA VAL F 342 8.61 -22.26 -6.62
C VAL F 342 7.53 -22.71 -5.64
N LYS F 343 6.92 -21.76 -4.94
CA LYS F 343 5.84 -22.11 -4.04
C LYS F 343 4.72 -22.80 -4.78
N ASN F 344 4.33 -22.28 -5.94
CA ASN F 344 3.31 -22.97 -6.73
C ASN F 344 3.82 -24.31 -7.22
N CYS F 345 5.07 -24.37 -7.67
CA CYS F 345 5.63 -25.64 -8.13
C CYS F 345 5.49 -26.71 -7.08
N LEU F 346 5.59 -26.34 -5.82
CA LEU F 346 5.40 -27.33 -4.75
C LEU F 346 4.02 -27.97 -4.81
N ARG F 347 3.04 -27.32 -5.45
CA ARG F 347 1.66 -27.80 -5.45
C ARG F 347 1.25 -28.40 -6.79
N MET F 348 2.20 -28.69 -7.68
CA MET F 348 1.90 -29.25 -8.99
C MET F 348 2.34 -30.70 -9.12
N ARG F 349 2.60 -31.36 -8.01
CA ARG F 349 2.99 -32.76 -8.05
C ARG F 349 4.20 -32.98 -8.95
N PRO F 350 5.24 -32.14 -8.89
CA PRO F 350 6.43 -32.41 -9.69
C PRO F 350 7.32 -33.44 -9.01
N GLU F 351 8.26 -33.97 -9.78
CA GLU F 351 9.28 -34.86 -9.24
C GLU F 351 10.63 -34.19 -9.13
N ARG F 352 10.93 -33.24 -10.01
CA ARG F 352 12.13 -32.43 -9.92
C ARG F 352 11.73 -30.98 -10.17
N ILE F 353 12.40 -30.06 -9.48
CA ILE F 353 12.21 -28.63 -9.69
C ILE F 353 13.57 -28.06 -10.07
N ILE F 354 13.63 -27.43 -11.23
CA ILE F 354 14.89 -26.89 -11.74
C ILE F 354 14.82 -25.38 -11.75
N VAL F 355 15.29 -24.75 -10.68
CA VAL F 355 15.29 -23.30 -10.59
C VAL F 355 16.47 -22.75 -11.41
N GLY F 356 16.18 -21.83 -12.30
CA GLY F 356 17.20 -21.26 -13.17
C GLY F 356 18.38 -20.74 -12.39
N GLU F 357 18.15 -19.73 -11.56
CA GLU F 357 19.19 -19.19 -10.69
C GLU F 357 18.56 -18.68 -9.42
N VAL F 358 19.21 -18.97 -8.30
CA VAL F 358 18.73 -18.56 -6.98
C VAL F 358 19.43 -17.28 -6.58
N ARG F 359 18.66 -16.24 -6.30
CA ARG F 359 19.22 -14.95 -5.92
C ARG F 359 18.59 -14.36 -4.67
N GLY F 360 17.50 -14.90 -4.16
CA GLY F 360 16.81 -14.30 -3.05
C GLY F 360 16.13 -15.33 -2.17
N PRO F 361 14.98 -14.97 -1.59
CA PRO F 361 14.31 -15.89 -0.68
C PRO F 361 13.90 -17.20 -1.33
N GLU F 362 13.81 -17.25 -2.66
CA GLU F 362 13.40 -18.50 -3.30
C GLU F 362 14.29 -19.64 -2.87
N ALA F 363 15.56 -19.36 -2.56
CA ALA F 363 16.45 -20.37 -2.02
C ALA F 363 15.74 -21.19 -0.97
N PHE F 364 15.25 -20.51 0.07
CA PHE F 364 14.48 -21.17 1.11
C PHE F 364 13.47 -22.13 0.51
N ASP F 365 12.56 -21.60 -0.30
CA ASP F 365 11.53 -22.45 -0.90
C ASP F 365 12.16 -23.59 -1.66
N LEU F 366 13.14 -23.29 -2.50
CA LEU F 366 13.82 -24.36 -3.23
C LEU F 366 14.31 -25.43 -2.28
N LEU F 367 14.97 -25.02 -1.20
CA LEU F 367 15.48 -25.99 -0.25
C LEU F 367 14.35 -26.81 0.34
N GLN F 368 13.22 -26.17 0.66
CA GLN F 368 12.07 -26.93 1.13
C GLN F 368 11.65 -27.95 0.10
N ALA F 369 11.61 -27.55 -1.18
CA ALA F 369 11.30 -28.51 -2.22
C ALA F 369 12.30 -29.65 -2.23
N MET F 370 13.57 -29.34 -1.97
CA MET F 370 14.58 -30.39 -1.93
C MET F 370 14.35 -31.31 -0.74
N ASN F 371 13.76 -30.81 0.33
CA ASN F 371 13.55 -31.59 1.54
C ASN F 371 12.15 -32.16 1.63
N THR F 372 11.17 -31.54 0.99
CA THR F 372 9.79 -31.97 1.09
C THR F 372 9.56 -33.30 0.37
N GLY F 373 10.49 -33.74 -0.47
CA GLY F 373 10.34 -35.03 -1.12
C GLY F 373 10.57 -34.99 -2.62
N HIS F 374 10.82 -33.80 -3.16
CA HIS F 374 11.14 -33.67 -4.58
C HIS F 374 12.63 -33.81 -4.83
N ASP F 375 13.21 -34.89 -4.30
CA ASP F 375 14.65 -35.08 -4.44
C ASP F 375 15.02 -35.19 -5.91
N GLY F 376 16.14 -34.59 -6.27
CA GLY F 376 16.55 -34.41 -7.65
C GLY F 376 16.49 -32.98 -8.13
N SER F 377 15.92 -32.08 -7.33
CA SER F 377 15.83 -30.69 -7.74
C SER F 377 17.22 -30.08 -7.90
N MET F 378 17.35 -29.21 -8.89
CA MET F 378 18.60 -28.54 -9.21
C MET F 378 18.43 -27.04 -9.03
N GLY F 379 19.53 -26.32 -9.16
CA GLY F 379 19.51 -24.88 -9.07
C GLY F 379 20.89 -24.27 -9.17
N THR F 380 21.03 -23.22 -9.96
CA THR F 380 22.31 -22.54 -10.11
C THR F 380 22.44 -21.42 -9.09
N LEU F 381 23.68 -21.04 -8.83
CA LEU F 381 23.97 -20.06 -7.80
C LEU F 381 25.28 -19.37 -8.15
N HIS F 382 25.42 -18.12 -7.72
CA HIS F 382 26.61 -17.33 -7.97
C HIS F 382 27.54 -17.43 -6.77
N ALA F 383 28.64 -18.15 -6.93
CA ALA F 383 29.62 -18.29 -5.88
C ALA F 383 30.91 -18.81 -6.50
N ASN F 384 32.02 -18.53 -5.85
CA ASN F 384 33.33 -18.91 -6.36
C ASN F 384 33.91 -20.14 -5.67
N SER F 385 33.14 -20.78 -4.79
CA SER F 385 33.59 -22.01 -4.17
C SER F 385 32.42 -22.65 -3.44
N PRO F 386 32.41 -23.97 -3.28
CA PRO F 386 31.27 -24.59 -2.60
C PRO F 386 31.00 -24.01 -1.22
N ARG F 387 32.05 -23.70 -0.46
CA ARG F 387 31.84 -23.06 0.83
C ARG F 387 31.17 -21.70 0.67
N GLU F 388 31.64 -20.92 -0.32
CA GLU F 388 30.99 -19.65 -0.59
C GLU F 388 29.56 -19.85 -1.06
N ALA F 389 29.29 -20.93 -1.79
CA ALA F 389 27.92 -21.21 -2.20
C ALA F 389 27.03 -21.47 -0.99
N ILE F 390 27.54 -22.24 -0.03
CA ILE F 390 26.77 -22.51 1.18
C ILE F 390 26.52 -21.22 1.95
N SER F 391 27.55 -20.38 2.05
CA SER F 391 27.37 -19.10 2.73
C SER F 391 26.33 -18.25 2.03
N ARG F 392 26.35 -18.23 0.70
CA ARG F 392 25.38 -17.46 -0.05
C ARG F 392 23.97 -17.99 0.19
N ILE F 393 23.82 -19.31 0.20
CA ILE F 393 22.49 -19.89 0.45
C ILE F 393 21.98 -19.46 1.82
N GLU F 394 22.86 -19.52 2.83
CA GLU F 394 22.46 -19.06 4.15
C GLU F 394 22.04 -17.61 4.11
N SER F 395 22.79 -16.78 3.38
CA SER F 395 22.47 -15.37 3.31
C SER F 395 21.10 -15.14 2.69
N MET F 396 20.79 -15.85 1.61
CA MET F 396 19.47 -15.66 1.00
C MET F 396 18.37 -16.15 1.91
N ILE F 397 18.55 -17.30 2.55
CA ILE F 397 17.53 -17.80 3.46
C ILE F 397 17.29 -16.80 4.58
N THR F 398 18.36 -16.22 5.13
CA THR F 398 18.21 -15.19 6.16
C THR F 398 17.48 -13.98 5.60
N MET F 399 17.81 -13.59 4.37
CA MET F 399 17.08 -12.51 3.71
C MET F 399 15.61 -12.86 3.58
N GLY F 400 15.25 -14.14 3.63
CA GLY F 400 13.86 -14.51 3.53
C GLY F 400 12.98 -13.80 4.55
N GLY F 401 13.54 -13.46 5.70
CA GLY F 401 12.83 -12.70 6.70
C GLY F 401 12.27 -13.52 7.85
N TYR F 402 12.33 -14.84 7.78
CA TYR F 402 11.85 -15.66 8.88
C TYR F 402 12.86 -15.63 10.02
N GLY F 403 12.35 -15.83 11.24
CA GLY F 403 13.21 -15.78 12.41
C GLY F 403 13.97 -17.06 12.63
N LEU F 404 14.62 -17.56 11.59
CA LEU F 404 15.31 -18.85 11.66
C LEU F 404 16.72 -18.63 12.16
N PRO F 405 17.14 -19.27 13.25
CA PRO F 405 18.53 -19.13 13.70
C PRO F 405 19.49 -19.76 12.71
N SER F 406 20.72 -19.24 12.70
CA SER F 406 21.71 -19.71 11.73
C SER F 406 21.86 -21.22 11.76
N LYS F 407 21.82 -21.81 12.95
CA LYS F 407 21.98 -23.26 13.04
C LYS F 407 20.83 -23.98 12.36
N THR F 408 19.62 -23.45 12.48
CA THR F 408 18.48 -24.04 11.80
C THR F 408 18.68 -24.01 10.29
N ILE F 409 19.16 -22.88 9.76
CA ILE F 409 19.38 -22.77 8.32
C ILE F 409 20.47 -23.74 7.89
N LYS F 410 21.52 -23.86 8.68
CA LYS F 410 22.59 -24.80 8.34
C LYS F 410 22.07 -26.24 8.31
N GLU F 411 21.24 -26.60 9.30
CA GLU F 411 20.66 -27.94 9.29
C GLU F 411 19.78 -28.15 8.08
N MET F 412 19.00 -27.13 7.71
CA MET F 412 18.15 -27.24 6.53
C MET F 412 19.00 -27.45 5.28
N ILE F 413 20.09 -26.70 5.15
CA ILE F 413 20.97 -26.86 3.99
C ILE F 413 21.55 -28.26 3.95
N VAL F 414 22.02 -28.74 5.09
CA VAL F 414 22.63 -30.07 5.13
C VAL F 414 21.60 -31.13 4.76
N GLY F 415 20.37 -30.98 5.24
CA GLY F 415 19.34 -31.94 4.92
C GLY F 415 18.96 -31.93 3.46
N SER F 416 18.89 -30.73 2.86
CA SER F 416 18.39 -30.61 1.50
C SER F 416 19.46 -30.92 0.47
N VAL F 417 20.52 -30.11 0.43
CA VAL F 417 21.51 -30.21 -0.63
C VAL F 417 22.31 -31.50 -0.48
N ASP F 418 22.56 -32.17 -1.60
CA ASP F 418 23.35 -33.39 -1.63
C ASP F 418 24.72 -33.17 -2.24
N VAL F 419 24.79 -32.59 -3.43
CA VAL F 419 26.05 -32.39 -4.14
C VAL F 419 26.10 -30.94 -4.62
N ILE F 420 27.29 -30.35 -4.56
CA ILE F 420 27.54 -29.01 -5.08
C ILE F 420 28.60 -29.13 -6.16
N ILE F 421 28.32 -28.57 -7.32
CA ILE F 421 29.22 -28.58 -8.45
C ILE F 421 29.67 -27.14 -8.70
N GLN F 422 30.97 -26.89 -8.49
CA GLN F 422 31.56 -25.58 -8.70
C GLN F 422 32.23 -25.56 -10.06
N ALA F 423 31.70 -24.73 -10.95
CA ALA F 423 32.27 -24.50 -12.26
C ALA F 423 32.81 -23.09 -12.31
N ALA F 424 34.02 -22.92 -12.85
CA ALA F 424 34.68 -21.63 -12.84
C ALA F 424 35.34 -21.39 -14.20
N ARG F 425 35.37 -20.12 -14.61
CA ARG F 425 36.13 -19.71 -15.78
C ARG F 425 37.55 -19.38 -15.33
N LEU F 426 38.51 -20.15 -15.82
CA LEU F 426 39.88 -20.00 -15.34
C LEU F 426 40.50 -18.73 -15.90
N ARG F 427 41.79 -18.55 -15.60
CA ARG F 427 42.49 -17.34 -16.00
C ARG F 427 42.48 -17.17 -17.51
N ASP F 428 42.71 -18.25 -18.25
CA ASP F 428 42.78 -18.19 -19.70
C ASP F 428 41.42 -18.18 -20.37
N GLY F 429 40.36 -17.87 -19.63
CA GLY F 429 39.03 -17.79 -20.21
C GLY F 429 38.36 -19.13 -20.44
N SER F 430 39.00 -20.23 -20.11
CA SER F 430 38.44 -21.55 -20.30
C SER F 430 37.55 -21.92 -19.12
N ARG F 431 36.50 -22.67 -19.41
CA ARG F 431 35.55 -23.11 -18.39
C ARG F 431 35.95 -24.48 -17.87
N ARG F 432 35.84 -24.66 -16.56
CA ARG F 432 36.14 -25.93 -15.93
C ARG F 432 35.13 -26.18 -14.83
N ILE F 433 34.91 -27.46 -14.51
CA ILE F 433 34.14 -27.86 -13.36
C ILE F 433 35.16 -28.08 -12.25
N THR F 434 35.44 -27.02 -11.50
CA THR F 434 36.56 -27.06 -10.55
C THR F 434 36.31 -28.09 -9.45
N HIS F 435 35.09 -28.15 -8.92
CA HIS F 435 34.80 -29.03 -7.80
C HIS F 435 33.52 -29.81 -8.01
N ILE F 436 33.55 -31.08 -7.64
CA ILE F 436 32.35 -31.85 -7.37
C ILE F 436 32.46 -32.30 -5.93
N THR F 437 31.64 -31.71 -5.06
CA THR F 437 31.78 -31.89 -3.63
C THR F 437 30.45 -32.29 -3.02
N GLU F 438 30.53 -32.84 -1.82
CA GLU F 438 29.37 -33.40 -1.13
C GLU F 438 29.19 -32.68 0.21
N VAL F 439 27.94 -32.40 0.56
CA VAL F 439 27.63 -31.82 1.86
C VAL F 439 27.53 -32.94 2.87
N VAL F 440 28.66 -33.28 3.51
CA VAL F 440 28.70 -34.46 4.36
C VAL F 440 27.76 -34.29 5.56
N GLY F 441 27.82 -33.14 6.21
CA GLY F 441 26.96 -32.94 7.36
C GLY F 441 27.21 -31.60 8.03
N LEU F 442 26.81 -31.52 9.29
CA LEU F 442 26.99 -30.31 10.09
C LEU F 442 27.65 -30.70 11.40
N GLU F 443 28.86 -30.19 11.63
CA GLU F 443 29.60 -30.49 12.86
C GLU F 443 29.38 -29.35 13.84
N GLY F 444 28.26 -29.42 14.55
CA GLY F 444 27.93 -28.42 15.54
C GLY F 444 27.48 -27.11 14.92
N ASP F 445 28.40 -26.40 14.28
CA ASP F 445 28.09 -25.11 13.66
C ASP F 445 28.63 -24.95 12.25
N VAL F 446 29.60 -25.74 11.83
CA VAL F 446 30.23 -25.61 10.52
C VAL F 446 29.76 -26.76 9.65
N ILE F 447 29.35 -26.45 8.43
CA ILE F 447 28.92 -27.48 7.49
C ILE F 447 30.15 -28.14 6.90
N VAL F 448 30.29 -29.44 7.13
CA VAL F 448 31.42 -30.19 6.66
C VAL F 448 31.08 -30.80 5.30
N THR F 449 31.92 -30.49 4.31
CA THR F 449 31.77 -30.97 2.95
C THR F 449 33.03 -31.70 2.53
N GLN F 450 32.87 -32.72 1.70
CA GLN F 450 33.99 -33.48 1.17
C GLN F 450 33.96 -33.41 -0.35
N ASP F 451 35.13 -33.24 -0.95
CA ASP F 451 35.26 -33.05 -2.39
C ASP F 451 35.50 -34.39 -3.07
N LEU F 452 34.56 -34.81 -3.92
CA LEU F 452 34.78 -36.02 -4.71
C LEU F 452 35.79 -35.76 -5.82
N PHE F 453 35.65 -34.65 -6.53
CA PHE F 453 36.54 -34.31 -7.63
C PHE F 453 37.02 -32.88 -7.48
N VAL F 454 38.30 -32.65 -7.78
CA VAL F 454 38.87 -31.32 -7.73
C VAL F 454 39.69 -31.10 -8.99
N TYR F 455 39.91 -29.83 -9.31
CA TYR F 455 40.78 -29.44 -10.41
C TYR F 455 42.08 -28.88 -9.83
N GLU F 456 43.19 -29.52 -10.14
CA GLU F 456 44.50 -29.10 -9.67
C GLU F 456 45.22 -28.41 -10.82
N ILE F 457 45.55 -27.13 -10.63
CA ILE F 457 46.29 -26.37 -11.61
C ILE F 457 47.78 -26.52 -11.31
N THR F 458 48.54 -26.96 -12.31
CA THR F 458 49.96 -27.24 -12.14
C THR F 458 50.86 -26.34 -12.97
N GLY F 459 50.31 -25.40 -13.70
CA GLY F 459 51.10 -24.50 -14.51
C GLY F 459 50.30 -23.97 -15.68
N GLU F 460 51.01 -23.60 -16.73
CA GLU F 460 50.38 -23.04 -17.92
C GLU F 460 51.30 -23.27 -19.11
N ASP F 461 50.72 -23.16 -20.30
CA ASP F 461 51.48 -23.31 -21.53
C ASP F 461 52.22 -22.01 -21.85
N GLU F 462 53.12 -22.11 -22.84
CA GLU F 462 53.79 -20.91 -23.34
C GLU F 462 52.80 -19.95 -24.00
N HIS F 463 51.60 -20.42 -24.34
CA HIS F 463 50.56 -19.56 -24.88
C HIS F 463 49.82 -18.79 -23.80
N GLY F 464 50.12 -19.04 -22.53
CA GLY F 464 49.34 -18.50 -21.44
C GLY F 464 48.18 -19.38 -21.01
N LYS F 465 47.89 -20.43 -21.76
CA LYS F 465 46.81 -21.33 -21.39
C LYS F 465 47.13 -22.05 -20.09
N VAL F 466 46.13 -22.17 -19.24
CA VAL F 466 46.31 -22.81 -17.94
C VAL F 466 46.39 -24.32 -18.10
N VAL F 467 47.24 -24.95 -17.30
CA VAL F 467 47.45 -26.38 -17.33
C VAL F 467 46.97 -26.96 -16.00
N GLY F 468 46.10 -27.96 -16.08
CA GLY F 468 45.57 -28.57 -14.87
C GLY F 468 44.99 -29.93 -15.19
N LYS F 469 44.68 -30.66 -14.12
CA LYS F 469 44.13 -32.00 -14.23
C LYS F 469 43.03 -32.20 -13.21
N HIS F 470 42.04 -33.01 -13.57
CA HIS F 470 40.96 -33.36 -12.67
C HIS F 470 41.37 -34.59 -11.87
N ARG F 471 41.40 -34.45 -10.55
CA ARG F 471 41.82 -35.51 -9.66
C ARG F 471 40.68 -35.87 -8.73
N SER F 472 40.42 -37.17 -8.59
CA SER F 472 39.46 -37.65 -7.61
C SER F 472 40.12 -37.70 -6.24
N THR F 473 39.39 -37.22 -5.23
CA THR F 473 39.94 -37.20 -3.88
C THR F 473 40.13 -38.59 -3.30
N GLY F 474 39.58 -39.62 -3.94
CA GLY F 474 39.72 -40.97 -3.48
C GLY F 474 38.65 -41.44 -2.52
N ILE F 475 37.63 -40.63 -2.27
CA ILE F 475 36.54 -41.03 -1.38
C ILE F 475 35.80 -42.18 -2.06
N ALA F 476 35.92 -43.38 -1.50
CA ALA F 476 35.32 -44.56 -2.12
C ALA F 476 33.82 -44.60 -1.92
N ARG F 477 33.31 -44.01 -0.84
CA ARG F 477 31.90 -44.09 -0.49
C ARG F 477 31.37 -42.68 -0.23
N PRO F 478 30.97 -41.96 -1.28
CA PRO F 478 30.32 -40.67 -1.06
C PRO F 478 28.99 -40.84 -0.35
N ARG F 479 28.54 -39.74 0.27
CA ARG F 479 27.36 -39.83 1.13
C ARG F 479 26.15 -40.36 0.37
N PHE F 480 26.10 -40.16 -0.95
CA PHE F 480 24.97 -40.62 -1.75
C PHE F 480 25.21 -41.98 -2.37
N TRP F 481 26.20 -42.74 -1.89
CA TRP F 481 26.39 -44.10 -2.40
C TRP F 481 25.12 -44.93 -2.27
N ASP F 482 24.35 -44.71 -1.20
CA ASP F 482 23.13 -45.49 -1.01
C ASP F 482 22.13 -45.24 -2.13
N ARG F 483 22.00 -43.99 -2.58
CA ARG F 483 21.08 -43.71 -3.68
C ARG F 483 21.50 -44.43 -4.94
N ALA F 484 22.80 -44.45 -5.24
CA ALA F 484 23.28 -45.17 -6.41
C ALA F 484 23.00 -46.65 -6.28
N ARG F 485 23.26 -47.23 -5.10
CA ARG F 485 22.96 -48.64 -4.90
C ARG F 485 21.49 -48.92 -5.13
N TYR F 486 20.62 -48.04 -4.62
CA TYR F 486 19.19 -48.22 -4.79
C TYR F 486 18.81 -48.16 -6.26
N TYR F 487 19.41 -47.25 -7.01
CA TYR F 487 19.14 -47.12 -8.44
C TYR F 487 19.98 -48.07 -9.28
N GLY F 488 20.89 -48.82 -8.67
CA GLY F 488 21.70 -49.76 -9.41
C GLY F 488 22.91 -49.19 -10.10
N LEU F 489 23.27 -47.94 -9.82
CA LEU F 489 24.42 -47.29 -10.43
C LEU F 489 25.65 -47.33 -9.55
N GLU F 490 25.60 -48.06 -8.43
CA GLU F 490 26.74 -48.10 -7.53
C GLU F 490 27.98 -48.63 -8.24
N ARG F 491 27.82 -49.61 -9.12
CA ARG F 491 28.98 -50.17 -9.80
C ARG F 491 29.64 -49.10 -10.67
N GLU F 492 28.83 -48.35 -11.42
CA GLU F 492 29.38 -47.30 -12.27
C GLU F 492 30.09 -46.24 -11.45
N LEU F 493 29.50 -45.84 -10.32
CA LEU F 493 30.13 -44.85 -9.46
C LEU F 493 31.48 -45.35 -8.95
N ALA F 494 31.54 -46.60 -8.49
CA ALA F 494 32.80 -47.15 -8.00
C ALA F 494 33.84 -47.20 -9.12
N GLU F 495 33.43 -47.63 -10.31
CA GLU F 495 34.36 -47.71 -11.42
C GLU F 495 34.90 -46.32 -11.76
N ALA F 496 34.03 -45.32 -11.82
CA ALA F 496 34.46 -43.98 -12.16
C ALA F 496 35.43 -43.44 -11.13
N LEU F 497 35.11 -43.60 -9.84
CA LEU F 497 36.00 -43.10 -8.81
C LEU F 497 37.35 -43.79 -8.86
N ASP F 498 37.36 -45.12 -9.06
CA ASP F 498 38.62 -45.83 -9.13
C ASP F 498 39.45 -45.37 -10.33
N ALA F 499 38.81 -45.19 -11.48
CA ALA F 499 39.53 -44.76 -12.67
C ALA F 499 40.10 -43.36 -12.49
N ALA F 500 39.33 -42.46 -11.87
CA ALA F 500 39.81 -41.09 -11.71
C ALA F 500 41.07 -41.03 -10.87
N GLU F 501 41.13 -41.79 -9.79
CA GLU F 501 42.28 -41.80 -8.89
C GLU F 501 42.53 -40.41 -8.30
MG MG G . -5.13 -28.58 4.55
PG ATP H . -2.61 -28.77 1.92
O1G ATP H . -1.47 -27.82 1.82
O2G ATP H . -3.83 -28.19 2.62
O3G ATP H . -3.05 -29.35 0.58
PB ATP H . -2.56 -30.69 4.17
O1B ATP H . -1.46 -30.56 5.13
O2B ATP H . -3.91 -30.13 4.59
O3B ATP H . -2.21 -30.03 2.79
PA ATP H . -3.99 -33.24 3.83
O1A ATP H . -5.29 -32.56 3.71
O2A ATP H . -3.78 -34.06 5.08
O3A ATP H . -2.80 -32.20 3.76
O5' ATP H . -3.73 -34.15 2.58
C5' ATP H . -2.56 -34.99 2.48
C4' ATP H . -3.01 -36.40 2.22
O4' ATP H . -1.91 -37.25 2.55
C3' ATP H . -4.09 -36.81 3.20
O3' ATP H . -5.32 -36.66 2.50
C2' ATP H . -3.88 -38.31 3.30
O2' ATP H . -4.26 -38.82 2.03
C1' ATP H . -2.35 -38.39 3.28
N9 ATP H . -1.79 -38.27 4.61
C8 ATP H . -1.89 -37.21 5.47
N7 ATP H . -1.26 -37.37 6.61
C5 ATP H . -0.71 -38.64 6.50
C6 ATP H . 0.08 -39.41 7.37
N6 ATP H . 0.47 -39.00 8.58
N1 ATP H . 0.47 -40.63 6.95
C2 ATP H . 0.09 -41.04 5.73
N3 ATP H . -0.64 -40.41 4.83
C4 ATP H . -1.02 -39.20 5.27
PB ADP I . -17.28 -14.19 32.97
O1B ADP I . -17.98 -12.97 32.42
O2B ADP I . -17.25 -15.37 32.04
O3B ADP I . -15.96 -13.91 33.65
PA ADP I . -19.81 -14.82 33.87
O1A ADP I . -20.57 -13.68 34.48
O2A ADP I . -19.93 -15.09 32.39
O3A ADP I . -18.24 -14.66 34.17
O5' ADP I . -20.20 -16.16 34.64
C5' ADP I . -21.07 -17.10 34.02
C4' ADP I . -21.89 -17.87 35.05
O4' ADP I . -21.10 -18.17 36.18
C3' ADP I . -23.07 -17.06 35.54
O3' ADP I . -24.29 -17.55 34.95
C2' ADP I . -23.10 -17.24 37.05
O2' ADP I . -24.28 -17.93 37.46
C1' ADP I . -21.88 -18.08 37.38
N9 ADP I . -21.08 -17.43 38.43
C8 ADP I . -20.38 -16.30 38.28
N7 ADP I . -19.75 -15.97 39.43
C5 ADP I . -20.05 -16.91 40.33
C6 ADP I . -19.72 -17.16 41.75
N6 ADP I . -18.91 -16.30 42.42
N1 ADP I . -20.24 -18.25 42.33
C2 ADP I . -21.04 -19.10 41.67
N3 ADP I . -21.38 -18.94 40.38
C4 ADP I . -20.93 -17.88 39.68
MG MG J . -18.02 -11.51 31.12
MG MG K . 7.52 28.25 -2.91
PG ATP L . 5.85 28.36 0.38
O1G ATP L . 5.91 27.28 1.41
O2G ATP L . 6.03 27.87 -1.05
O3G ATP L . 4.60 29.22 0.47
PB ATP L . 8.36 29.86 -0.13
O1B ATP L . 9.56 29.37 0.55
O2B ATP L . 8.21 29.47 -1.60
O3B ATP L . 7.05 29.39 0.59
PA ATP L . 8.00 32.62 -1.07
O1A ATP L . 7.14 32.20 -2.19
O2A ATP L . 9.37 33.15 -1.46
O3A ATP L . 8.23 31.44 -0.05
O5' ATP L . 7.28 33.71 -0.19
C5' ATP L . 7.91 34.24 1.00
C4' ATP L . 7.28 35.56 1.32
O4' ATP L . 8.29 36.33 2.01
C3' ATP L . 7.05 36.37 0.05
O3' ATP L . 6.36 37.54 0.46
C2' ATP L . 8.46 36.84 -0.26
O2' ATP L . 8.32 38.09 -0.93
C1' ATP L . 8.94 37.22 1.13
N9 ATP L . 10.37 37.00 1.30
C8 ATP L . 11.09 35.94 0.86
N7 ATP L . 12.37 35.99 1.17
C5 ATP L . 12.49 37.18 1.87
C6 ATP L . 13.57 37.83 2.48
N6 ATP L . 14.82 37.34 2.47
N1 ATP L . 13.35 39.00 3.10
C2 ATP L . 12.11 39.49 3.11
N3 ATP L . 11.00 38.98 2.56
C4 ATP L . 11.26 37.81 1.97
MG MG M . 25.28 10.56 -25.94
PB ADP N . 27.74 12.81 -25.57
O1B ADP N . 26.78 11.82 -26.19
O2B ADP N . 27.07 14.07 -25.07
O3B ADP N . 28.74 12.22 -24.62
PA ADP N . 27.85 13.77 -28.15
O1A ADP N . 28.01 12.71 -29.21
O2A ADP N . 26.49 14.23 -27.72
O3A ADP N . 28.62 13.32 -26.81
O5' ADP N . 28.69 15.07 -28.62
C5' ADP N . 27.99 16.20 -29.11
C4' ADP N . 28.80 16.95 -30.14
O4' ADP N . 30.18 16.99 -29.76
C3' ADP N . 28.75 16.29 -31.51
O3' ADP N . 27.90 17.04 -32.39
C2' ADP N . 30.17 16.26 -32.02
O2' ADP N . 30.30 17.04 -33.21
C1' ADP N . 31.01 16.86 -30.91
N9 ADP N . 32.15 15.97 -30.59
C8 ADP N . 32.03 14.77 -30.02
N7 ADP N . 33.25 14.21 -29.85
C5 ADP N . 34.16 15.06 -30.32
C6 ADP N . 35.63 15.07 -30.45
N6 ADP N . 36.36 14.03 -30.01
N1 ADP N . 36.20 16.17 -31.00
C2 ADP N . 35.47 17.21 -31.43
N3 ADP N . 34.13 17.25 -31.36
C4 ADP N . 33.42 16.23 -30.81
#